data_7F29
# 
_entry.id   7F29 
# 
_audit_conform.dict_name       mmcif_pdbx.dic 
_audit_conform.dict_version    5.392 
_audit_conform.dict_location   http://mmcif.pdb.org/dictionaries/ascii/mmcif_pdbx.dic 
# 
loop_
_database_2.database_id 
_database_2.database_code 
_database_2.pdbx_database_accession 
_database_2.pdbx_DOI 
PDB   7F29         pdb_00007f29 10.2210/pdb7f29/pdb 
WWPDB D_1300022621 ?            ?                   
EMDB  EMD-31428    ?            ?                   
# 
loop_
_pdbx_audit_revision_history.ordinal 
_pdbx_audit_revision_history.data_content_type 
_pdbx_audit_revision_history.major_revision 
_pdbx_audit_revision_history.minor_revision 
_pdbx_audit_revision_history.revision_date 
1 'Structure model' 1 0 2022-07-13 
2 'Structure model' 1 1 2024-06-12 
# 
_pdbx_audit_revision_details.ordinal             1 
_pdbx_audit_revision_details.revision_ordinal    1 
_pdbx_audit_revision_details.data_content_type   'Structure model' 
_pdbx_audit_revision_details.provider            repository 
_pdbx_audit_revision_details.type                'Initial release' 
_pdbx_audit_revision_details.description         ? 
_pdbx_audit_revision_details.details             ? 
# 
_pdbx_audit_revision_group.ordinal             1 
_pdbx_audit_revision_group.revision_ordinal    2 
_pdbx_audit_revision_group.data_content_type   'Structure model' 
_pdbx_audit_revision_group.group               'Data collection' 
# 
loop_
_pdbx_audit_revision_category.ordinal 
_pdbx_audit_revision_category.revision_ordinal 
_pdbx_audit_revision_category.data_content_type 
_pdbx_audit_revision_category.category 
1 2 'Structure model' chem_comp_atom 
2 2 'Structure model' chem_comp_bond 
# 
_pdbx_database_status.status_code                     REL 
_pdbx_database_status.status_code_sf                  ? 
_pdbx_database_status.status_code_mr                  ? 
_pdbx_database_status.entry_id                        7F29 
_pdbx_database_status.recvd_initial_deposition_date   2021-06-10 
_pdbx_database_status.SG_entry                        N 
_pdbx_database_status.deposit_site                    PDBJ 
_pdbx_database_status.process_site                    PDBJ 
_pdbx_database_status.status_code_cs                  ? 
_pdbx_database_status.status_code_nmr_data            ? 
_pdbx_database_status.methods_development_category    ? 
_pdbx_database_status.pdb_format_compatible           Y 
# 
_pdbx_database_related.db_name        EMDB 
_pdbx_database_related.details        . 
_pdbx_database_related.db_id          EMD-31428 
_pdbx_database_related.content_type   'associated EM volume' 
# 
_pdbx_contact_author.id                 2 
_pdbx_contact_author.email              xiawc@sioc.ac.cn 
_pdbx_contact_author.name_first         Cong 
_pdbx_contact_author.name_last          Liu 
_pdbx_contact_author.name_mi            ? 
_pdbx_contact_author.role               'principal investigator/group leader' 
_pdbx_contact_author.identifier_ORCID   0000-0003-3425-6672 
# 
loop_
_audit_author.name 
_audit_author.pdbx_ordinal 
_audit_author.identifier_ORCID 
'Xia, W.C.' 1 ? 
'Sun, Y.P.' 2 ? 
'Liu, C.'   3 ? 
# 
_citation.abstract                  ? 
_citation.abstract_id_CAS           ? 
_citation.book_id_ISBN              ? 
_citation.book_publisher            ? 
_citation.book_publisher_city       ? 
_citation.book_title                ? 
_citation.coordinate_linkage        ? 
_citation.country                   US 
_citation.database_id_Medline       ? 
_citation.details                   ? 
_citation.id                        primary 
_citation.journal_abbrev            J.Am.Chem.Soc. 
_citation.journal_id_ASTM           JACSAT 
_citation.journal_id_CSD            ? 
_citation.journal_id_ISSN           1520-5126 
_citation.journal_full              ? 
_citation.journal_issue             ? 
_citation.journal_volume            143 
_citation.language                  ? 
_citation.page_first                20216 
_citation.page_last                 20223 
_citation.title                     'O-Glycosylation Induces Amyloid-beta To Form New Fibril Polymorphs Vulnerable for Degradation' 
_citation.year                      2021 
_citation.database_id_CSD           ? 
_citation.pdbx_database_id_DOI      10.1021/jacs.1c08607 
_citation.pdbx_database_id_PubMed   ? 
_citation.pdbx_database_id_patent   ? 
_citation.unpublished_flag          ? 
# 
loop_
_citation_author.citation_id 
_citation_author.name 
_citation_author.ordinal 
_citation_author.identifier_ORCID 
primary 'Liu, D.'   1  ? 
primary 'Wei, Q.'   2  ? 
primary 'Xia, W.'   3  ? 
primary 'He, C.'    4  ? 
primary 'Zhang, Q.' 5  ? 
primary 'Huang, L.' 6  ? 
primary 'Wang, X.'  7  ? 
primary 'Sun, Y.'   8  ? 
primary 'Ma, Y.'    9  ? 
primary 'Zhang, X.' 10 ? 
primary 'Wang, Y.'  11 ? 
primary 'Shi, X.'   12 ? 
primary 'Liu, C.'   13 ? 
primary 'Dong, S.'  14 ? 
# 
loop_
_entity.id 
_entity.type 
_entity.src_method 
_entity.pdbx_description 
_entity.formula_weight 
_entity.pdbx_number_of_molecules 
_entity.pdbx_ec 
_entity.pdbx_mutation 
_entity.pdbx_fragment 
_entity.details 
1 polymer     syn 'Amyloid-beta A4 protein'                                              3900.440 6 ? ? ? ? 
2 branched    syn 'beta-D-galactopyranose-(1-3)-2-amino-2-deoxy-alpha-D-galactopyranose' 341.312  6 ? ? ? ? 
3 non-polymer syn 'ACETIC ACID'                                                          60.052   6 ? ? ? ? 
# 
_entity_poly.entity_id                      1 
_entity_poly.type                           'polypeptide(L)' 
_entity_poly.nstd_linkage                   no 
_entity_poly.nstd_monomer                   no 
_entity_poly.pdbx_seq_one_letter_code       HDSGYEVHHQKLVFFAEDVGSNKGAIIGLMVGGVVIA 
_entity_poly.pdbx_seq_one_letter_code_can   HDSGYEVHHQKLVFFAEDVGSNKGAIIGLMVGGVVIA 
_entity_poly.pdbx_strand_id                 E,C,D,F,A,B 
_entity_poly.pdbx_target_identifier         ? 
# 
_pdbx_entity_nonpoly.entity_id   3 
_pdbx_entity_nonpoly.name        'ACETIC ACID' 
_pdbx_entity_nonpoly.comp_id     ACY 
# 
loop_
_entity_poly_seq.entity_id 
_entity_poly_seq.num 
_entity_poly_seq.mon_id 
_entity_poly_seq.hetero 
1 1  HIS n 
1 2  ASP n 
1 3  SER n 
1 4  GLY n 
1 5  TYR n 
1 6  GLU n 
1 7  VAL n 
1 8  HIS n 
1 9  HIS n 
1 10 GLN n 
1 11 LYS n 
1 12 LEU n 
1 13 VAL n 
1 14 PHE n 
1 15 PHE n 
1 16 ALA n 
1 17 GLU n 
1 18 ASP n 
1 19 VAL n 
1 20 GLY n 
1 21 SER n 
1 22 ASN n 
1 23 LYS n 
1 24 GLY n 
1 25 ALA n 
1 26 ILE n 
1 27 ILE n 
1 28 GLY n 
1 29 LEU n 
1 30 MET n 
1 31 VAL n 
1 32 GLY n 
1 33 GLY n 
1 34 VAL n 
1 35 VAL n 
1 36 ILE n 
1 37 ALA n 
# 
_pdbx_entity_src_syn.entity_id              1 
_pdbx_entity_src_syn.pdbx_src_id            1 
_pdbx_entity_src_syn.pdbx_alt_source_flag   sample 
_pdbx_entity_src_syn.pdbx_beg_seq_num       1 
_pdbx_entity_src_syn.pdbx_end_seq_num       37 
_pdbx_entity_src_syn.organism_scientific    'Homo sapiens' 
_pdbx_entity_src_syn.organism_common_name   human 
_pdbx_entity_src_syn.ncbi_taxonomy_id       9606 
_pdbx_entity_src_syn.details                ? 
# 
_pdbx_entity_branch.entity_id   2 
_pdbx_entity_branch.type        oligosaccharide 
# 
loop_
_pdbx_entity_branch_descriptor.ordinal 
_pdbx_entity_branch_descriptor.entity_id 
_pdbx_entity_branch_descriptor.descriptor 
_pdbx_entity_branch_descriptor.type 
_pdbx_entity_branch_descriptor.program 
_pdbx_entity_branch_descriptor.program_version 
1 2 DGalpb1-3DGalpNa1-ROH                                          'Glycam Condensed Sequence' GMML       1.0   
2 2 'WURCS=2.0/2,2,1/[a2112h-1a_1-5_2*N][a2112h-1b_1-5]/1-2/a3-b1' WURCS                       PDB2Glycan 1.1.0 
3 2 '[][a-D-GalpN]{[(3+1)][b-D-Galp]{}}'                           LINUCS                      PDB-CARE   ?     
# 
_pdbx_entity_branch_link.link_id                    1 
_pdbx_entity_branch_link.entity_id                  2 
_pdbx_entity_branch_link.entity_branch_list_num_1   2 
_pdbx_entity_branch_link.comp_id_1                  GAL 
_pdbx_entity_branch_link.atom_id_1                  C1 
_pdbx_entity_branch_link.leaving_atom_id_1          O1 
_pdbx_entity_branch_link.entity_branch_list_num_2   1 
_pdbx_entity_branch_link.comp_id_2                  X6X 
_pdbx_entity_branch_link.atom_id_2                  O3 
_pdbx_entity_branch_link.leaving_atom_id_2          HO3 
_pdbx_entity_branch_link.value_order                sing 
_pdbx_entity_branch_link.details                    ? 
# 
loop_
_chem_comp.id 
_chem_comp.type 
_chem_comp.mon_nstd_flag 
_chem_comp.name 
_chem_comp.pdbx_synonyms 
_chem_comp.formula 
_chem_comp.formula_weight 
ACY non-polymer                   . 'ACETIC ACID'                           ? 'C2 H4 O2'       60.052  
ALA 'L-peptide linking'           y ALANINE                                 ? 'C3 H7 N O2'     89.093  
ASN 'L-peptide linking'           y ASPARAGINE                              ? 'C4 H8 N2 O3'    132.118 
ASP 'L-peptide linking'           y 'ASPARTIC ACID'                         ? 'C4 H7 N O4'     133.103 
GAL 'D-saccharide, beta linking'  . beta-D-galactopyranose                  'beta-D-galactose; D-galactose; galactose' 'C6 H12 O6' 
180.156 
GLN 'L-peptide linking'           y GLUTAMINE                               ? 'C5 H10 N2 O3'   146.144 
GLU 'L-peptide linking'           y 'GLUTAMIC ACID'                         ? 'C5 H9 N O4'     147.129 
GLY 'peptide linking'             y GLYCINE                                 ? 'C2 H5 N O2'     75.067  
HIS 'L-peptide linking'           y HISTIDINE                               ? 'C6 H10 N3 O2 1' 156.162 
ILE 'L-peptide linking'           y ISOLEUCINE                              ? 'C6 H13 N O2'    131.173 
LEU 'L-peptide linking'           y LEUCINE                                 ? 'C6 H13 N O2'    131.173 
LYS 'L-peptide linking'           y LYSINE                                  ? 'C6 H15 N2 O2 1' 147.195 
MET 'L-peptide linking'           y METHIONINE                              ? 'C5 H11 N O2 S'  149.211 
PHE 'L-peptide linking'           y PHENYLALANINE                           ? 'C9 H11 N O2'    165.189 
SER 'L-peptide linking'           y SERINE                                  ? 'C3 H7 N O3'     105.093 
TYR 'L-peptide linking'           y TYROSINE                                ? 'C9 H11 N O3'    181.189 
VAL 'L-peptide linking'           y VALINE                                  ? 'C5 H11 N O2'    117.146 
X6X 'D-saccharide, alpha linking' . 2-amino-2-deoxy-alpha-D-galactopyranose 
'alpha-D-galactosamine; 2-amino-2-deoxy-alpha-D-galactose; 2-amino-2-deoxy-D-galactose; 2-amino-2-deoxy-galactose' 'C6 H13 N O5' 
179.171 
# 
loop_
_pdbx_chem_comp_identifier.comp_id 
_pdbx_chem_comp_identifier.type 
_pdbx_chem_comp_identifier.program 
_pdbx_chem_comp_identifier.program_version 
_pdbx_chem_comp_identifier.identifier 
GAL 'CONDENSED IUPAC CARBOHYDRATE SYMBOL' GMML     1.0 DGalpb                  
GAL 'COMMON NAME'                         GMML     1.0 b-D-galactopyranose     
GAL 'IUPAC CARBOHYDRATE SYMBOL'           PDB-CARE 1.0 b-D-Galp                
GAL 'SNFG CARBOHYDRATE SYMBOL'            GMML     1.0 Gal                     
X6X 'CONDENSED IUPAC CARBOHYDRATE SYMBOL' GMML     1.0 DGalpNa                 
X6X 'COMMON NAME'                         GMML     1.0 a-D-galactopyranosamine 
X6X 'IUPAC CARBOHYDRATE SYMBOL'           PDB-CARE 1.0 a-D-GalpN               
X6X 'SNFG CARBOHYDRATE SYMBOL'            GMML     1.0 GalN                    
# 
loop_
_pdbx_poly_seq_scheme.asym_id 
_pdbx_poly_seq_scheme.entity_id 
_pdbx_poly_seq_scheme.seq_id 
_pdbx_poly_seq_scheme.mon_id 
_pdbx_poly_seq_scheme.ndb_seq_num 
_pdbx_poly_seq_scheme.pdb_seq_num 
_pdbx_poly_seq_scheme.auth_seq_num 
_pdbx_poly_seq_scheme.pdb_mon_id 
_pdbx_poly_seq_scheme.auth_mon_id 
_pdbx_poly_seq_scheme.pdb_strand_id 
_pdbx_poly_seq_scheme.pdb_ins_code 
_pdbx_poly_seq_scheme.hetero 
A 1 1  HIS 1  6  6  HIS HIS E . n 
A 1 2  ASP 2  7  7  ASP ASP E . n 
A 1 3  SER 3  8  8  SER SER E . n 
A 1 4  GLY 4  9  9  GLY GLY E . n 
A 1 5  TYR 5  10 10 TYR TYR E . n 
A 1 6  GLU 6  11 11 GLU GLU E . n 
A 1 7  VAL 7  12 12 VAL VAL E . n 
A 1 8  HIS 8  13 13 HIS HIS E . n 
A 1 9  HIS 9  14 14 HIS HIS E . n 
A 1 10 GLN 10 15 15 GLN GLN E . n 
A 1 11 LYS 11 16 16 LYS LYS E . n 
A 1 12 LEU 12 17 17 LEU LEU E . n 
A 1 13 VAL 13 18 18 VAL VAL E . n 
A 1 14 PHE 14 19 19 PHE PHE E . n 
A 1 15 PHE 15 20 20 PHE PHE E . n 
A 1 16 ALA 16 21 21 ALA ALA E . n 
A 1 17 GLU 17 22 22 GLU GLU E . n 
A 1 18 ASP 18 23 23 ASP ASP E . n 
A 1 19 VAL 19 24 24 VAL VAL E . n 
A 1 20 GLY 20 25 25 GLY GLY E . n 
A 1 21 SER 21 26 26 SER SER E . n 
A 1 22 ASN 22 27 27 ASN ASN E . n 
A 1 23 LYS 23 28 28 LYS LYS E . n 
A 1 24 GLY 24 29 29 GLY GLY E . n 
A 1 25 ALA 25 30 30 ALA ALA E . n 
A 1 26 ILE 26 31 31 ILE ILE E . n 
A 1 27 ILE 27 32 32 ILE ILE E . n 
A 1 28 GLY 28 33 33 GLY GLY E . n 
A 1 29 LEU 29 34 34 LEU LEU E . n 
A 1 30 MET 30 35 35 MET MET E . n 
A 1 31 VAL 31 36 36 VAL VAL E . n 
A 1 32 GLY 32 37 37 GLY GLY E . n 
A 1 33 GLY 33 38 38 GLY GLY E . n 
A 1 34 VAL 34 39 39 VAL VAL E . n 
A 1 35 VAL 35 40 40 VAL VAL E . n 
A 1 36 ILE 36 41 41 ILE ILE E . n 
A 1 37 ALA 37 42 42 ALA ALA E . n 
B 1 1  HIS 1  6  6  HIS HIS C . n 
B 1 2  ASP 2  7  7  ASP ASP C . n 
B 1 3  SER 3  8  8  SER SER C . n 
B 1 4  GLY 4  9  9  GLY GLY C . n 
B 1 5  TYR 5  10 10 TYR TYR C . n 
B 1 6  GLU 6  11 11 GLU GLU C . n 
B 1 7  VAL 7  12 12 VAL VAL C . n 
B 1 8  HIS 8  13 13 HIS HIS C . n 
B 1 9  HIS 9  14 14 HIS HIS C . n 
B 1 10 GLN 10 15 15 GLN GLN C . n 
B 1 11 LYS 11 16 16 LYS LYS C . n 
B 1 12 LEU 12 17 17 LEU LEU C . n 
B 1 13 VAL 13 18 18 VAL VAL C . n 
B 1 14 PHE 14 19 19 PHE PHE C . n 
B 1 15 PHE 15 20 20 PHE PHE C . n 
B 1 16 ALA 16 21 21 ALA ALA C . n 
B 1 17 GLU 17 22 22 GLU GLU C . n 
B 1 18 ASP 18 23 23 ASP ASP C . n 
B 1 19 VAL 19 24 24 VAL VAL C . n 
B 1 20 GLY 20 25 25 GLY GLY C . n 
B 1 21 SER 21 26 26 SER SER C . n 
B 1 22 ASN 22 27 27 ASN ASN C . n 
B 1 23 LYS 23 28 28 LYS LYS C . n 
B 1 24 GLY 24 29 29 GLY GLY C . n 
B 1 25 ALA 25 30 30 ALA ALA C . n 
B 1 26 ILE 26 31 31 ILE ILE C . n 
B 1 27 ILE 27 32 32 ILE ILE C . n 
B 1 28 GLY 28 33 33 GLY GLY C . n 
B 1 29 LEU 29 34 34 LEU LEU C . n 
B 1 30 MET 30 35 35 MET MET C . n 
B 1 31 VAL 31 36 36 VAL VAL C . n 
B 1 32 GLY 32 37 37 GLY GLY C . n 
B 1 33 GLY 33 38 38 GLY GLY C . n 
B 1 34 VAL 34 39 39 VAL VAL C . n 
B 1 35 VAL 35 40 40 VAL VAL C . n 
B 1 36 ILE 36 41 41 ILE ILE C . n 
B 1 37 ALA 37 42 42 ALA ALA C . n 
C 1 1  HIS 1  6  6  HIS HIS D . n 
C 1 2  ASP 2  7  7  ASP ASP D . n 
C 1 3  SER 3  8  8  SER SER D . n 
C 1 4  GLY 4  9  9  GLY GLY D . n 
C 1 5  TYR 5  10 10 TYR TYR D . n 
C 1 6  GLU 6  11 11 GLU GLU D . n 
C 1 7  VAL 7  12 12 VAL VAL D . n 
C 1 8  HIS 8  13 13 HIS HIS D . n 
C 1 9  HIS 9  14 14 HIS HIS D . n 
C 1 10 GLN 10 15 15 GLN GLN D . n 
C 1 11 LYS 11 16 16 LYS LYS D . n 
C 1 12 LEU 12 17 17 LEU LEU D . n 
C 1 13 VAL 13 18 18 VAL VAL D . n 
C 1 14 PHE 14 19 19 PHE PHE D . n 
C 1 15 PHE 15 20 20 PHE PHE D . n 
C 1 16 ALA 16 21 21 ALA ALA D . n 
C 1 17 GLU 17 22 22 GLU GLU D . n 
C 1 18 ASP 18 23 23 ASP ASP D . n 
C 1 19 VAL 19 24 24 VAL VAL D . n 
C 1 20 GLY 20 25 25 GLY GLY D . n 
C 1 21 SER 21 26 26 SER SER D . n 
C 1 22 ASN 22 27 27 ASN ASN D . n 
C 1 23 LYS 23 28 28 LYS LYS D . n 
C 1 24 GLY 24 29 29 GLY GLY D . n 
C 1 25 ALA 25 30 30 ALA ALA D . n 
C 1 26 ILE 26 31 31 ILE ILE D . n 
C 1 27 ILE 27 32 32 ILE ILE D . n 
C 1 28 GLY 28 33 33 GLY GLY D . n 
C 1 29 LEU 29 34 34 LEU LEU D . n 
C 1 30 MET 30 35 35 MET MET D . n 
C 1 31 VAL 31 36 36 VAL VAL D . n 
C 1 32 GLY 32 37 37 GLY GLY D . n 
C 1 33 GLY 33 38 38 GLY GLY D . n 
C 1 34 VAL 34 39 39 VAL VAL D . n 
C 1 35 VAL 35 40 40 VAL VAL D . n 
C 1 36 ILE 36 41 41 ILE ILE D . n 
C 1 37 ALA 37 42 42 ALA ALA D . n 
D 1 1  HIS 1  6  6  HIS HIS F . n 
D 1 2  ASP 2  7  7  ASP ASP F . n 
D 1 3  SER 3  8  8  SER SER F . n 
D 1 4  GLY 4  9  9  GLY GLY F . n 
D 1 5  TYR 5  10 10 TYR TYR F . n 
D 1 6  GLU 6  11 11 GLU GLU F . n 
D 1 7  VAL 7  12 12 VAL VAL F . n 
D 1 8  HIS 8  13 13 HIS HIS F . n 
D 1 9  HIS 9  14 14 HIS HIS F . n 
D 1 10 GLN 10 15 15 GLN GLN F . n 
D 1 11 LYS 11 16 16 LYS LYS F . n 
D 1 12 LEU 12 17 17 LEU LEU F . n 
D 1 13 VAL 13 18 18 VAL VAL F . n 
D 1 14 PHE 14 19 19 PHE PHE F . n 
D 1 15 PHE 15 20 20 PHE PHE F . n 
D 1 16 ALA 16 21 21 ALA ALA F . n 
D 1 17 GLU 17 22 22 GLU GLU F . n 
D 1 18 ASP 18 23 23 ASP ASP F . n 
D 1 19 VAL 19 24 24 VAL VAL F . n 
D 1 20 GLY 20 25 25 GLY GLY F . n 
D 1 21 SER 21 26 26 SER SER F . n 
D 1 22 ASN 22 27 27 ASN ASN F . n 
D 1 23 LYS 23 28 28 LYS LYS F . n 
D 1 24 GLY 24 29 29 GLY GLY F . n 
D 1 25 ALA 25 30 30 ALA ALA F . n 
D 1 26 ILE 26 31 31 ILE ILE F . n 
D 1 27 ILE 27 32 32 ILE ILE F . n 
D 1 28 GLY 28 33 33 GLY GLY F . n 
D 1 29 LEU 29 34 34 LEU LEU F . n 
D 1 30 MET 30 35 35 MET MET F . n 
D 1 31 VAL 31 36 36 VAL VAL F . n 
D 1 32 GLY 32 37 37 GLY GLY F . n 
D 1 33 GLY 33 38 38 GLY GLY F . n 
D 1 34 VAL 34 39 39 VAL VAL F . n 
D 1 35 VAL 35 40 40 VAL VAL F . n 
D 1 36 ILE 36 41 41 ILE ILE F . n 
D 1 37 ALA 37 42 42 ALA ALA F . n 
E 1 1  HIS 1  6  6  HIS HIS A . n 
E 1 2  ASP 2  7  7  ASP ASP A . n 
E 1 3  SER 3  8  8  SER SER A . n 
E 1 4  GLY 4  9  9  GLY GLY A . n 
E 1 5  TYR 5  10 10 TYR TYR A . n 
E 1 6  GLU 6  11 11 GLU GLU A . n 
E 1 7  VAL 7  12 12 VAL VAL A . n 
E 1 8  HIS 8  13 13 HIS HIS A . n 
E 1 9  HIS 9  14 14 HIS HIS A . n 
E 1 10 GLN 10 15 15 GLN GLN A . n 
E 1 11 LYS 11 16 16 LYS LYS A . n 
E 1 12 LEU 12 17 17 LEU LEU A . n 
E 1 13 VAL 13 18 18 VAL VAL A . n 
E 1 14 PHE 14 19 19 PHE PHE A . n 
E 1 15 PHE 15 20 20 PHE PHE A . n 
E 1 16 ALA 16 21 21 ALA ALA A . n 
E 1 17 GLU 17 22 22 GLU GLU A . n 
E 1 18 ASP 18 23 23 ASP ASP A . n 
E 1 19 VAL 19 24 24 VAL VAL A . n 
E 1 20 GLY 20 25 25 GLY GLY A . n 
E 1 21 SER 21 26 26 SER SER A . n 
E 1 22 ASN 22 27 27 ASN ASN A . n 
E 1 23 LYS 23 28 28 LYS LYS A . n 
E 1 24 GLY 24 29 29 GLY GLY A . n 
E 1 25 ALA 25 30 30 ALA ALA A . n 
E 1 26 ILE 26 31 31 ILE ILE A . n 
E 1 27 ILE 27 32 32 ILE ILE A . n 
E 1 28 GLY 28 33 33 GLY GLY A . n 
E 1 29 LEU 29 34 34 LEU LEU A . n 
E 1 30 MET 30 35 35 MET MET A . n 
E 1 31 VAL 31 36 36 VAL VAL A . n 
E 1 32 GLY 32 37 37 GLY GLY A . n 
E 1 33 GLY 33 38 38 GLY GLY A . n 
E 1 34 VAL 34 39 39 VAL VAL A . n 
E 1 35 VAL 35 40 40 VAL VAL A . n 
E 1 36 ILE 36 41 41 ILE ILE A . n 
E 1 37 ALA 37 42 42 ALA ALA A . n 
F 1 1  HIS 1  6  6  HIS HIS B . n 
F 1 2  ASP 2  7  7  ASP ASP B . n 
F 1 3  SER 3  8  8  SER SER B . n 
F 1 4  GLY 4  9  9  GLY GLY B . n 
F 1 5  TYR 5  10 10 TYR TYR B . n 
F 1 6  GLU 6  11 11 GLU GLU B . n 
F 1 7  VAL 7  12 12 VAL VAL B . n 
F 1 8  HIS 8  13 13 HIS HIS B . n 
F 1 9  HIS 9  14 14 HIS HIS B . n 
F 1 10 GLN 10 15 15 GLN GLN B . n 
F 1 11 LYS 11 16 16 LYS LYS B . n 
F 1 12 LEU 12 17 17 LEU LEU B . n 
F 1 13 VAL 13 18 18 VAL VAL B . n 
F 1 14 PHE 14 19 19 PHE PHE B . n 
F 1 15 PHE 15 20 20 PHE PHE B . n 
F 1 16 ALA 16 21 21 ALA ALA B . n 
F 1 17 GLU 17 22 22 GLU GLU B . n 
F 1 18 ASP 18 23 23 ASP ASP B . n 
F 1 19 VAL 19 24 24 VAL VAL B . n 
F 1 20 GLY 20 25 25 GLY GLY B . n 
F 1 21 SER 21 26 26 SER SER B . n 
F 1 22 ASN 22 27 27 ASN ASN B . n 
F 1 23 LYS 23 28 28 LYS LYS B . n 
F 1 24 GLY 24 29 29 GLY GLY B . n 
F 1 25 ALA 25 30 30 ALA ALA B . n 
F 1 26 ILE 26 31 31 ILE ILE B . n 
F 1 27 ILE 27 32 32 ILE ILE B . n 
F 1 28 GLY 28 33 33 GLY GLY B . n 
F 1 29 LEU 29 34 34 LEU LEU B . n 
F 1 30 MET 30 35 35 MET MET B . n 
F 1 31 VAL 31 36 36 VAL VAL B . n 
F 1 32 GLY 32 37 37 GLY GLY B . n 
F 1 33 GLY 33 38 38 GLY GLY B . n 
F 1 34 VAL 34 39 39 VAL VAL B . n 
F 1 35 VAL 35 40 40 VAL VAL B . n 
F 1 36 ILE 36 41 41 ILE ILE B . n 
F 1 37 ALA 37 42 42 ALA ALA B . n 
# 
loop_
_pdbx_branch_scheme.asym_id 
_pdbx_branch_scheme.entity_id 
_pdbx_branch_scheme.mon_id 
_pdbx_branch_scheme.num 
_pdbx_branch_scheme.pdb_asym_id 
_pdbx_branch_scheme.pdb_mon_id 
_pdbx_branch_scheme.pdb_seq_num 
_pdbx_branch_scheme.auth_asym_id 
_pdbx_branch_scheme.auth_mon_id 
_pdbx_branch_scheme.auth_seq_num 
_pdbx_branch_scheme.hetero 
G 2 X6X 1 G X6X 1 E GBG 1 n 
G 2 GAL 2 G GAL 2 E GBG 1 n 
H 2 X6X 1 H X6X 1 C GBG 1 n 
H 2 GAL 2 H GAL 2 C GBG 1 n 
I 2 X6X 1 I X6X 1 D GBG 1 n 
I 2 GAL 2 I GAL 2 D GBG 1 n 
J 2 X6X 1 J X6X 1 F GBG 1 n 
J 2 GAL 2 J GAL 2 F GBG 1 n 
K 2 X6X 1 K X6X 1 A GBG 1 n 
K 2 GAL 2 K GAL 2 A GBG 1 n 
L 2 X6X 1 L X6X 1 B GBG 1 n 
L 2 GAL 2 L GAL 2 B GBG 1 n 
# 
loop_
_pdbx_nonpoly_scheme.asym_id 
_pdbx_nonpoly_scheme.entity_id 
_pdbx_nonpoly_scheme.mon_id 
_pdbx_nonpoly_scheme.ndb_seq_num 
_pdbx_nonpoly_scheme.pdb_seq_num 
_pdbx_nonpoly_scheme.auth_seq_num 
_pdbx_nonpoly_scheme.pdb_mon_id 
_pdbx_nonpoly_scheme.auth_mon_id 
_pdbx_nonpoly_scheme.pdb_strand_id 
_pdbx_nonpoly_scheme.pdb_ins_code 
M 3 ACY 1 101 1 ACY GBG E . 
N 3 ACY 1 101 1 ACY GBG C . 
O 3 ACY 1 101 1 ACY GBG D . 
P 3 ACY 1 101 1 ACY GBG F . 
Q 3 ACY 1 101 1 ACY GBG A . 
R 3 ACY 1 101 1 ACY GBG B . 
# 
loop_
_pdbx_unobs_or_zero_occ_atoms.id 
_pdbx_unobs_or_zero_occ_atoms.PDB_model_num 
_pdbx_unobs_or_zero_occ_atoms.polymer_flag 
_pdbx_unobs_or_zero_occ_atoms.occupancy_flag 
_pdbx_unobs_or_zero_occ_atoms.auth_asym_id 
_pdbx_unobs_or_zero_occ_atoms.auth_comp_id 
_pdbx_unobs_or_zero_occ_atoms.auth_seq_id 
_pdbx_unobs_or_zero_occ_atoms.PDB_ins_code 
_pdbx_unobs_or_zero_occ_atoms.auth_atom_id 
_pdbx_unobs_or_zero_occ_atoms.label_alt_id 
_pdbx_unobs_or_zero_occ_atoms.label_asym_id 
_pdbx_unobs_or_zero_occ_atoms.label_comp_id 
_pdbx_unobs_or_zero_occ_atoms.label_seq_id 
_pdbx_unobs_or_zero_occ_atoms.label_atom_id 
1 1 Y 1 E TYR 10 ? OH ? A TYR 5 OH 
2 1 Y 1 C TYR 10 ? OH ? B TYR 5 OH 
3 1 Y 1 D TYR 10 ? OH ? C TYR 5 OH 
4 1 Y 1 F TYR 10 ? OH ? D TYR 5 OH 
5 1 Y 1 A TYR 10 ? OH ? E TYR 5 OH 
6 1 Y 1 B TYR 10 ? OH ? F TYR 5 OH 
# 
loop_
_software.citation_id 
_software.classification 
_software.compiler_name 
_software.compiler_version 
_software.contact_author 
_software.contact_author_email 
_software.date 
_software.description 
_software.dependencies 
_software.hardware 
_software.language 
_software.location 
_software.mods 
_software.name 
_software.os 
_software.os_version 
_software.type 
_software.version 
_software.pdbx_ordinal 
? refinement ? ? 'Paul D. Adams' pdadams@lbl.gov ? ? ? ? Python/C++ https://www.phenix-online.org/ ? phenix.real_space_refine ? ? 
program 1.15.2_3472 1 
? refinement ? ? 'Paul D. Adams' pdadams@lbl.gov ? ? ? ? Python/C++ https://www.phenix-online.org/ ? PHENIX                   ? ? 
program 1.15.2_3472 2 
# 
_cell.angle_alpha                  90.00 
_cell.angle_alpha_esd              ? 
_cell.angle_beta                   90.00 
_cell.angle_beta_esd               ? 
_cell.angle_gamma                  90.00 
_cell.angle_gamma_esd              ? 
_cell.entry_id                     7F29 
_cell.details                      ? 
_cell.formula_units_Z              ? 
_cell.length_a                     1.00 
_cell.length_a_esd                 ? 
_cell.length_b                     1.00 
_cell.length_b_esd                 ? 
_cell.length_c                     1.00 
_cell.length_c_esd                 ? 
_cell.volume                       ? 
_cell.volume_esd                   ? 
_cell.Z_PDB                        ? 
_cell.reciprocal_angle_alpha       ? 
_cell.reciprocal_angle_beta        ? 
_cell.reciprocal_angle_gamma       ? 
_cell.reciprocal_angle_alpha_esd   ? 
_cell.reciprocal_angle_beta_esd    ? 
_cell.reciprocal_angle_gamma_esd   ? 
_cell.reciprocal_length_a          ? 
_cell.reciprocal_length_b          ? 
_cell.reciprocal_length_c          ? 
_cell.reciprocal_length_a_esd      ? 
_cell.reciprocal_length_b_esd      ? 
_cell.reciprocal_length_c_esd      ? 
_cell.pdbx_unique_axis             ? 
_cell.pdbx_esd_method              ? 
# 
_symmetry.entry_id                         7F29 
_symmetry.cell_setting                     ? 
_symmetry.Int_Tables_number                1 
_symmetry.space_group_name_Hall            ? 
_symmetry.space_group_name_H-M             'P 1' 
_symmetry.pdbx_full_space_group_name_H-M   ? 
# 
_exptl.absorpt_coefficient_mu     ? 
_exptl.absorpt_correction_T_max   ? 
_exptl.absorpt_correction_T_min   ? 
_exptl.absorpt_correction_type    ? 
_exptl.absorpt_process_details    ? 
_exptl.entry_id                   7F29 
_exptl.crystals_number            ? 
_exptl.details                    ? 
_exptl.method                     'ELECTRON MICROSCOPY' 
_exptl.method_details             ? 
# 
_refine.aniso_B[1][1]                            ? 
_refine.aniso_B[1][2]                            ? 
_refine.aniso_B[1][3]                            ? 
_refine.aniso_B[2][2]                            ? 
_refine.aniso_B[2][3]                            ? 
_refine.aniso_B[3][3]                            ? 
_refine.B_iso_max                                ? 
_refine.B_iso_mean                               ? 
_refine.B_iso_min                                ? 
_refine.correlation_coeff_Fo_to_Fc               ? 
_refine.correlation_coeff_Fo_to_Fc_free          ? 
_refine.details                                  ? 
_refine.diff_density_max                         ? 
_refine.diff_density_max_esd                     ? 
_refine.diff_density_min                         ? 
_refine.diff_density_min_esd                     ? 
_refine.diff_density_rms                         ? 
_refine.diff_density_rms_esd                     ? 
_refine.entry_id                                 7F29 
_refine.pdbx_refine_id                           'ELECTRON MICROSCOPY' 
_refine.ls_abs_structure_details                 ? 
_refine.ls_abs_structure_Flack                   ? 
_refine.ls_abs_structure_Flack_esd               ? 
_refine.ls_abs_structure_Rogers                  ? 
_refine.ls_abs_structure_Rogers_esd              ? 
_refine.ls_d_res_high                            . 
_refine.ls_d_res_low                             ? 
_refine.ls_extinction_coef                       ? 
_refine.ls_extinction_coef_esd                   ? 
_refine.ls_extinction_expression                 ? 
_refine.ls_extinction_method                     ? 
_refine.ls_goodness_of_fit_all                   ? 
_refine.ls_goodness_of_fit_all_esd               ? 
_refine.ls_goodness_of_fit_obs                   ? 
_refine.ls_goodness_of_fit_obs_esd               ? 
_refine.ls_hydrogen_treatment                    ? 
_refine.ls_matrix_type                           ? 
_refine.ls_number_constraints                    ? 
_refine.ls_number_parameters                     ? 
_refine.ls_number_reflns_all                     ? 
_refine.ls_number_reflns_obs                     ? 
_refine.ls_number_reflns_R_free                  ? 
_refine.ls_number_reflns_R_work                  ? 
_refine.ls_number_restraints                     ? 
_refine.ls_percent_reflns_obs                    ? 
_refine.ls_percent_reflns_R_free                 ? 
_refine.ls_R_factor_all                          ? 
_refine.ls_R_factor_obs                          ? 
_refine.ls_R_factor_R_free                       ? 
_refine.ls_R_factor_R_free_error                 ? 
_refine.ls_R_factor_R_free_error_details         ? 
_refine.ls_R_factor_R_work                       ? 
_refine.ls_R_Fsqd_factor_obs                     ? 
_refine.ls_R_I_factor_obs                        ? 
_refine.ls_redundancy_reflns_all                 ? 
_refine.ls_redundancy_reflns_obs                 ? 
_refine.ls_restrained_S_all                      ? 
_refine.ls_restrained_S_obs                      ? 
_refine.ls_shift_over_esd_max                    ? 
_refine.ls_shift_over_esd_mean                   ? 
_refine.ls_structure_factor_coef                 ? 
_refine.ls_weighting_details                     ? 
_refine.ls_weighting_scheme                      ? 
_refine.ls_wR_factor_all                         ? 
_refine.ls_wR_factor_obs                         ? 
_refine.ls_wR_factor_R_free                      ? 
_refine.ls_wR_factor_R_work                      ? 
_refine.occupancy_max                            ? 
_refine.occupancy_min                            ? 
_refine.solvent_model_details                    ? 
_refine.solvent_model_param_bsol                 ? 
_refine.solvent_model_param_ksol                 ? 
_refine.pdbx_R_complete                          ? 
_refine.ls_R_factor_gt                           ? 
_refine.ls_goodness_of_fit_gt                    ? 
_refine.ls_goodness_of_fit_ref                   ? 
_refine.ls_shift_over_su_max                     ? 
_refine.ls_shift_over_su_max_lt                  ? 
_refine.ls_shift_over_su_mean                    ? 
_refine.ls_shift_over_su_mean_lt                 ? 
_refine.pdbx_ls_sigma_I                          ? 
_refine.pdbx_ls_sigma_F                          ? 
_refine.pdbx_ls_sigma_Fsqd                       ? 
_refine.pdbx_data_cutoff_high_absF               ? 
_refine.pdbx_data_cutoff_high_rms_absF           ? 
_refine.pdbx_data_cutoff_low_absF                ? 
_refine.pdbx_isotropic_thermal_model             ? 
_refine.pdbx_ls_cross_valid_method               ? 
_refine.pdbx_method_to_determine_struct          ? 
_refine.pdbx_starting_model                      ? 
_refine.pdbx_stereochemistry_target_values       'GeoStd + Monomer Library + CDL v1.2' 
_refine.pdbx_R_Free_selection_details            ? 
_refine.pdbx_stereochem_target_val_spec_case     ? 
_refine.pdbx_overall_ESU_R                       ? 
_refine.pdbx_overall_ESU_R_Free                  ? 
_refine.pdbx_solvent_vdw_probe_radii             ? 
_refine.pdbx_solvent_ion_probe_radii             ? 
_refine.pdbx_solvent_shrinkage_radii             ? 
_refine.pdbx_real_space_R                        ? 
_refine.pdbx_density_correlation                 ? 
_refine.pdbx_pd_number_of_powder_patterns        ? 
_refine.pdbx_pd_number_of_points                 ? 
_refine.pdbx_pd_meas_number_of_points            ? 
_refine.pdbx_pd_proc_ls_prof_R_factor            ? 
_refine.pdbx_pd_proc_ls_prof_wR_factor           ? 
_refine.pdbx_pd_Marquardt_correlation_coeff      ? 
_refine.pdbx_pd_Fsqrd_R_factor                   ? 
_refine.pdbx_pd_ls_matrix_band_width             ? 
_refine.pdbx_overall_phase_error                 ? 
_refine.pdbx_overall_SU_R_free_Cruickshank_DPI   ? 
_refine.pdbx_overall_SU_R_free_Blow_DPI          ? 
_refine.pdbx_overall_SU_R_Blow_DPI               ? 
_refine.pdbx_TLS_residual_ADP_flag               ? 
_refine.pdbx_diffrn_id                           ? 
_refine.overall_SU_B                             ? 
_refine.overall_SU_ML                            ? 
_refine.overall_SU_R_Cruickshank_DPI             ? 
_refine.overall_SU_R_free                        ? 
_refine.overall_FOM_free_R_set                   ? 
_refine.overall_FOM_work_R_set                   ? 
_refine.pdbx_average_fsc_overall                 ? 
_refine.pdbx_average_fsc_work                    ? 
_refine.pdbx_average_fsc_free                    ? 
# 
loop_
_refine_ls_restr.pdbx_refine_id 
_refine_ls_restr.criterion 
_refine_ls_restr.dev_ideal 
_refine_ls_restr.dev_ideal_target 
_refine_ls_restr.number 
_refine_ls_restr.rejects 
_refine_ls_restr.type 
_refine_ls_restr.weight 
_refine_ls_restr.pdbx_restraint_function 
'ELECTRON MICROSCOPY' ? 0.0133  ? 1830 ? f_bond_d           ? ? 
'ELECTRON MICROSCOPY' ? 1.5598  ? 2472 ? f_angle_d          ? ? 
'ELECTRON MICROSCOPY' ? 0.0584  ? 306  ? f_chiral_restr     ? ? 
'ELECTRON MICROSCOPY' ? 0.0086  ? 294  ? f_plane_restr      ? ? 
'ELECTRON MICROSCOPY' ? 17.5294 ? 936  ? f_dihedral_angle_d ? ? 
# 
_struct.entry_id                     7F29 
_struct.title                        'Cryo-EM structure of the fibril formed by disaccharide-modified amyloid-beta(1-42)' 
_struct.pdbx_model_details           ? 
_struct.pdbx_formula_weight          ? 
_struct.pdbx_formula_weight_method   ? 
_struct.pdbx_model_type_details      ? 
_struct.pdbx_CASP_flag               N 
# 
_struct_keywords.entry_id        7F29 
_struct_keywords.text            'amyloid fibril, PROTEIN FIBRIL' 
_struct_keywords.pdbx_keywords   'PROTEIN FIBRIL' 
# 
loop_
_struct_asym.id 
_struct_asym.pdbx_blank_PDB_chainid_flag 
_struct_asym.pdbx_modified 
_struct_asym.entity_id 
_struct_asym.details 
A N N 1 ? 
B N N 1 ? 
C N N 1 ? 
D N N 1 ? 
E N N 1 ? 
F N N 1 ? 
G N N 2 ? 
H N N 2 ? 
I N N 2 ? 
J N N 2 ? 
K N N 2 ? 
L N N 2 ? 
M N N 3 ? 
N N N 3 ? 
O N N 3 ? 
P N N 3 ? 
Q N N 3 ? 
R N N 3 ? 
# 
_struct_ref.id                         1 
_struct_ref.db_name                    UNP 
_struct_ref.db_code                    B4DM00_HUMAN 
_struct_ref.pdbx_db_accession          B4DM00 
_struct_ref.pdbx_db_isoform            ? 
_struct_ref.entity_id                  1 
_struct_ref.pdbx_seq_one_letter_code   HDSGYEVHHQKLVFFAEDVGSNKGAIIGLMVGGVVIA 
_struct_ref.pdbx_align_begin           435 
# 
loop_
_struct_ref_seq.align_id 
_struct_ref_seq.ref_id 
_struct_ref_seq.pdbx_PDB_id_code 
_struct_ref_seq.pdbx_strand_id 
_struct_ref_seq.seq_align_beg 
_struct_ref_seq.pdbx_seq_align_beg_ins_code 
_struct_ref_seq.seq_align_end 
_struct_ref_seq.pdbx_seq_align_end_ins_code 
_struct_ref_seq.pdbx_db_accession 
_struct_ref_seq.db_align_beg 
_struct_ref_seq.pdbx_db_align_beg_ins_code 
_struct_ref_seq.db_align_end 
_struct_ref_seq.pdbx_db_align_end_ins_code 
_struct_ref_seq.pdbx_auth_seq_align_beg 
_struct_ref_seq.pdbx_auth_seq_align_end 
1 1 7F29 E 1 ? 37 ? B4DM00 435 ? 471 ? 6 42 
2 1 7F29 C 1 ? 37 ? B4DM00 435 ? 471 ? 6 42 
3 1 7F29 D 1 ? 37 ? B4DM00 435 ? 471 ? 6 42 
4 1 7F29 F 1 ? 37 ? B4DM00 435 ? 471 ? 6 42 
5 1 7F29 A 1 ? 37 ? B4DM00 435 ? 471 ? 6 42 
6 1 7F29 B 1 ? 37 ? B4DM00 435 ? 471 ? 6 42 
# 
_pdbx_struct_assembly.id                   1 
_pdbx_struct_assembly.details              author_defined_assembly 
_pdbx_struct_assembly.method_details       ? 
_pdbx_struct_assembly.oligomeric_details   hexameric 
_pdbx_struct_assembly.oligomeric_count     6 
# 
_pdbx_struct_assembly_gen.assembly_id       1 
_pdbx_struct_assembly_gen.oper_expression   1 
_pdbx_struct_assembly_gen.asym_id_list      A,B,C,D,E,F,G,H,I,J,K,L,M,N,O,P,Q,R 
# 
_pdbx_struct_assembly_auth_evidence.id                     1 
_pdbx_struct_assembly_auth_evidence.assembly_id            1 
_pdbx_struct_assembly_auth_evidence.experimental_support   none 
_pdbx_struct_assembly_auth_evidence.details                ? 
# 
_pdbx_struct_oper_list.id                   1 
_pdbx_struct_oper_list.type                 'identity operation' 
_pdbx_struct_oper_list.name                 1_555 
_pdbx_struct_oper_list.symmetry_operation   ? 
_pdbx_struct_oper_list.matrix[1][1]         1.0000000000 
_pdbx_struct_oper_list.matrix[1][2]         0.0000000000 
_pdbx_struct_oper_list.matrix[1][3]         0.0000000000 
_pdbx_struct_oper_list.vector[1]            0.0000000000 
_pdbx_struct_oper_list.matrix[2][1]         0.0000000000 
_pdbx_struct_oper_list.matrix[2][2]         1.0000000000 
_pdbx_struct_oper_list.matrix[2][3]         0.0000000000 
_pdbx_struct_oper_list.vector[2]            0.0000000000 
_pdbx_struct_oper_list.matrix[3][1]         0.0000000000 
_pdbx_struct_oper_list.matrix[3][2]         0.0000000000 
_pdbx_struct_oper_list.matrix[3][3]         1.0000000000 
_pdbx_struct_oper_list.vector[3]            0.0000000000 
# 
loop_
_struct_conn.id 
_struct_conn.conn_type_id 
_struct_conn.pdbx_leaving_atom_flag 
_struct_conn.pdbx_PDB_id 
_struct_conn.ptnr1_label_asym_id 
_struct_conn.ptnr1_label_comp_id 
_struct_conn.ptnr1_label_seq_id 
_struct_conn.ptnr1_label_atom_id 
_struct_conn.pdbx_ptnr1_label_alt_id 
_struct_conn.pdbx_ptnr1_PDB_ins_code 
_struct_conn.pdbx_ptnr1_standard_comp_id 
_struct_conn.ptnr1_symmetry 
_struct_conn.ptnr2_label_asym_id 
_struct_conn.ptnr2_label_comp_id 
_struct_conn.ptnr2_label_seq_id 
_struct_conn.ptnr2_label_atom_id 
_struct_conn.pdbx_ptnr2_label_alt_id 
_struct_conn.pdbx_ptnr2_PDB_ins_code 
_struct_conn.ptnr1_auth_asym_id 
_struct_conn.ptnr1_auth_comp_id 
_struct_conn.ptnr1_auth_seq_id 
_struct_conn.ptnr2_auth_asym_id 
_struct_conn.ptnr2_auth_comp_id 
_struct_conn.ptnr2_auth_seq_id 
_struct_conn.ptnr2_symmetry 
_struct_conn.pdbx_ptnr3_label_atom_id 
_struct_conn.pdbx_ptnr3_label_seq_id 
_struct_conn.pdbx_ptnr3_label_comp_id 
_struct_conn.pdbx_ptnr3_label_asym_id 
_struct_conn.pdbx_ptnr3_label_alt_id 
_struct_conn.pdbx_ptnr3_PDB_ins_code 
_struct_conn.details 
_struct_conn.pdbx_dist_value 
_struct_conn.pdbx_value_order 
_struct_conn.pdbx_role 
covale1  covale one  ? M ACY . C  ? ? ? 1_555 G X6X . N2 ? ? E ACY 101 G X6X 1 1_555 ? ? ? ? ? ? ? 1.456 ? ? 
covale2  covale one  ? N ACY . C  ? ? ? 1_555 H X6X . N2 ? ? C ACY 101 H X6X 1 1_555 ? ? ? ? ? ? ? 1.456 ? ? 
covale3  covale one  ? O ACY . C  ? ? ? 1_555 I X6X . N2 ? ? D ACY 101 I X6X 1 1_555 ? ? ? ? ? ? ? 1.456 ? ? 
covale4  covale one  ? P ACY . C  ? ? ? 1_555 J X6X . N2 ? ? F ACY 101 J X6X 1 1_555 ? ? ? ? ? ? ? 1.455 ? ? 
covale5  covale one  ? Q ACY . C  ? ? ? 1_555 K X6X . N2 ? ? A ACY 101 K X6X 1 1_555 ? ? ? ? ? ? ? 1.456 ? ? 
covale6  covale one  ? R ACY . C  ? ? ? 1_555 L X6X . N2 ? ? B ACY 101 L X6X 1 1_555 ? ? ? ? ? ? ? 1.455 ? ? 
covale7  covale both ? G X6X . O3 ? ? ? 1_555 G GAL . C1 ? ? G X6X 1   G GAL 2 1_555 ? ? ? ? ? ? ? 1.402 ? ? 
covale8  covale both ? H X6X . O3 ? ? ? 1_555 H GAL . C1 ? ? H X6X 1   H GAL 2 1_555 ? ? ? ? ? ? ? 1.402 ? ? 
covale9  covale both ? I X6X . O3 ? ? ? 1_555 I GAL . C1 ? ? I X6X 1   I GAL 2 1_555 ? ? ? ? ? ? ? 1.402 ? ? 
covale10 covale both ? J X6X . O3 ? ? ? 1_555 J GAL . C1 ? ? J X6X 1   J GAL 2 1_555 ? ? ? ? ? ? ? 1.402 ? ? 
covale11 covale both ? K X6X . O3 ? ? ? 1_555 K GAL . C1 ? ? K X6X 1   K GAL 2 1_555 ? ? ? ? ? ? ? 1.403 ? ? 
covale12 covale both ? L X6X . O3 ? ? ? 1_555 L GAL . C1 ? ? L X6X 1   L GAL 2 1_555 ? ? ? ? ? ? ? 1.403 ? ? 
# 
_struct_conn_type.id          covale 
_struct_conn_type.criteria    ? 
_struct_conn_type.reference   ? 
# 
loop_
_struct_sheet.id 
_struct_sheet.type 
_struct_sheet.number_strands 
_struct_sheet.details 
AA1 ? 3 ? 
AA2 ? 3 ? 
AA3 ? 3 ? 
AA4 ? 3 ? 
AA5 ? 3 ? 
AA6 ? 3 ? 
AA7 ? 3 ? 
AA8 ? 3 ? 
# 
loop_
_struct_sheet_order.sheet_id 
_struct_sheet_order.range_id_1 
_struct_sheet_order.range_id_2 
_struct_sheet_order.offset 
_struct_sheet_order.sense 
AA1 1 2 ? parallel 
AA1 2 3 ? parallel 
AA2 1 2 ? parallel 
AA2 2 3 ? parallel 
AA3 1 2 ? parallel 
AA3 2 3 ? parallel 
AA4 1 2 ? parallel 
AA4 2 3 ? parallel 
AA5 1 2 ? parallel 
AA5 2 3 ? parallel 
AA6 1 2 ? parallel 
AA6 2 3 ? parallel 
AA7 1 2 ? parallel 
AA7 2 3 ? parallel 
AA8 1 2 ? parallel 
AA8 2 3 ? parallel 
# 
loop_
_struct_sheet_range.sheet_id 
_struct_sheet_range.id 
_struct_sheet_range.beg_label_comp_id 
_struct_sheet_range.beg_label_asym_id 
_struct_sheet_range.beg_label_seq_id 
_struct_sheet_range.pdbx_beg_PDB_ins_code 
_struct_sheet_range.end_label_comp_id 
_struct_sheet_range.end_label_asym_id 
_struct_sheet_range.end_label_seq_id 
_struct_sheet_range.pdbx_end_PDB_ins_code 
_struct_sheet_range.beg_auth_comp_id 
_struct_sheet_range.beg_auth_asym_id 
_struct_sheet_range.beg_auth_seq_id 
_struct_sheet_range.end_auth_comp_id 
_struct_sheet_range.end_auth_asym_id 
_struct_sheet_range.end_auth_seq_id 
AA1 1 GLU B 6  ? VAL B 7  ? GLU C 11 VAL C 12 
AA1 2 GLU A 6  ? VAL A 7  ? GLU E 11 VAL E 12 
AA1 3 GLU C 6  ? VAL C 7  ? GLU D 11 VAL D 12 
AA2 1 GLN B 10 ? ASN B 22 ? GLN C 15 ASN C 27 
AA2 2 GLN A 10 ? ASN A 22 ? GLN E 15 ASN E 27 
AA2 3 GLN C 10 ? ASN C 22 ? GLN D 15 ASN D 27 
AA3 1 ALA B 25 ? MET B 30 ? ALA C 30 MET C 35 
AA3 2 ALA A 25 ? MET A 30 ? ALA E 30 MET E 35 
AA3 3 ALA C 25 ? MET C 30 ? ALA D 30 MET D 35 
AA4 1 VAL B 34 ? ILE B 36 ? VAL C 39 ILE C 41 
AA4 2 VAL A 34 ? ILE A 36 ? VAL E 39 ILE E 41 
AA4 3 VAL C 34 ? ILE C 36 ? VAL D 39 ILE D 41 
AA5 1 GLU E 6  ? VAL E 7  ? GLU A 11 VAL A 12 
AA5 2 GLU D 6  ? VAL D 7  ? GLU F 11 VAL F 12 
AA5 3 GLU F 6  ? VAL F 7  ? GLU B 11 VAL B 12 
AA6 1 GLN E 10 ? ASN E 22 ? GLN A 15 ASN A 27 
AA6 2 GLN D 10 ? ASN D 22 ? GLN F 15 ASN F 27 
AA6 3 GLN F 10 ? ASN F 22 ? GLN B 15 ASN B 27 
AA7 1 ALA E 25 ? MET E 30 ? ALA A 30 MET A 35 
AA7 2 ALA D 25 ? MET D 30 ? ALA F 30 MET F 35 
AA7 3 ALA F 25 ? MET F 30 ? ALA B 30 MET B 35 
AA8 1 VAL E 34 ? ILE E 36 ? VAL A 39 ILE A 41 
AA8 2 VAL D 34 ? ILE D 36 ? VAL F 39 ILE F 41 
AA8 3 VAL F 34 ? ILE F 36 ? VAL B 39 ILE B 41 
# 
loop_
_pdbx_struct_sheet_hbond.sheet_id 
_pdbx_struct_sheet_hbond.range_id_1 
_pdbx_struct_sheet_hbond.range_id_2 
_pdbx_struct_sheet_hbond.range_1_label_atom_id 
_pdbx_struct_sheet_hbond.range_1_label_comp_id 
_pdbx_struct_sheet_hbond.range_1_label_asym_id 
_pdbx_struct_sheet_hbond.range_1_label_seq_id 
_pdbx_struct_sheet_hbond.range_1_PDB_ins_code 
_pdbx_struct_sheet_hbond.range_1_auth_atom_id 
_pdbx_struct_sheet_hbond.range_1_auth_comp_id 
_pdbx_struct_sheet_hbond.range_1_auth_asym_id 
_pdbx_struct_sheet_hbond.range_1_auth_seq_id 
_pdbx_struct_sheet_hbond.range_2_label_atom_id 
_pdbx_struct_sheet_hbond.range_2_label_comp_id 
_pdbx_struct_sheet_hbond.range_2_label_asym_id 
_pdbx_struct_sheet_hbond.range_2_label_seq_id 
_pdbx_struct_sheet_hbond.range_2_PDB_ins_code 
_pdbx_struct_sheet_hbond.range_2_auth_atom_id 
_pdbx_struct_sheet_hbond.range_2_auth_comp_id 
_pdbx_struct_sheet_hbond.range_2_auth_asym_id 
_pdbx_struct_sheet_hbond.range_2_auth_seq_id 
AA1 1 2 O VAL B 7  ? O VAL C 12 N GLU A 6  ? N GLU E 11 
AA1 2 3 N VAL A 7  ? N VAL E 12 O GLU C 6  ? O GLU D 11 
AA2 1 2 O GLU B 17 ? O GLU C 22 N ASP A 18 ? N ASP E 23 
AA2 2 3 N GLU A 17 ? N GLU E 22 O ASP C 18 ? O ASP D 23 
AA3 1 2 O LEU B 29 ? O LEU C 34 N MET A 30 ? N MET E 35 
AA3 2 3 N LEU A 29 ? N LEU E 34 O MET C 30 ? O MET D 35 
AA4 1 2 O ILE B 36 ? O ILE C 41 N VAL A 35 ? N VAL E 40 
AA4 2 3 N ILE A 36 ? N ILE E 41 O VAL C 35 ? O VAL D 40 
AA5 1 2 O VAL E 7  ? O VAL A 12 N GLU D 6  ? N GLU F 11 
AA5 2 3 N VAL D 7  ? N VAL F 12 O GLU F 6  ? O GLU B 11 
AA6 1 2 O GLU E 17 ? O GLU A 22 N ASP D 18 ? N ASP F 23 
AA6 2 3 N GLU D 17 ? N GLU F 22 O ASP F 18 ? O ASP B 23 
AA7 1 2 O LEU E 29 ? O LEU A 34 N MET D 30 ? N MET F 35 
AA7 2 3 N LEU D 29 ? N LEU F 34 O MET F 30 ? O MET B 35 
AA8 1 2 O ILE E 36 ? O ILE A 41 N VAL D 35 ? N VAL F 40 
AA8 2 3 N ILE D 36 ? N ILE F 41 O VAL F 35 ? O VAL B 40 
# 
loop_
_pdbx_validate_close_contact.id 
_pdbx_validate_close_contact.PDB_model_num 
_pdbx_validate_close_contact.auth_atom_id_1 
_pdbx_validate_close_contact.auth_asym_id_1 
_pdbx_validate_close_contact.auth_comp_id_1 
_pdbx_validate_close_contact.auth_seq_id_1 
_pdbx_validate_close_contact.PDB_ins_code_1 
_pdbx_validate_close_contact.label_alt_id_1 
_pdbx_validate_close_contact.auth_atom_id_2 
_pdbx_validate_close_contact.auth_asym_id_2 
_pdbx_validate_close_contact.auth_comp_id_2 
_pdbx_validate_close_contact.auth_seq_id_2 
_pdbx_validate_close_contact.PDB_ins_code_2 
_pdbx_validate_close_contact.label_alt_id_2 
_pdbx_validate_close_contact.dist 
1 1 CZ F TYR 10 ? ? O1 J X6X 1 ? ? 1.37 
2 1 CZ A TYR 10 ? ? O1 K X6X 1 ? ? 1.37 
3 1 CZ E TYR 10 ? ? O1 G X6X 1 ? ? 1.37 
4 1 CZ D TYR 10 ? ? O1 I X6X 1 ? ? 1.37 
5 1 CZ B TYR 10 ? ? O1 L X6X 1 ? ? 1.37 
6 1 CZ C TYR 10 ? ? O1 H X6X 1 ? ? 1.37 
# 
loop_
_pdbx_validate_torsion.id 
_pdbx_validate_torsion.PDB_model_num 
_pdbx_validate_torsion.auth_comp_id 
_pdbx_validate_torsion.auth_asym_id 
_pdbx_validate_torsion.auth_seq_id 
_pdbx_validate_torsion.PDB_ins_code 
_pdbx_validate_torsion.label_alt_id 
_pdbx_validate_torsion.phi 
_pdbx_validate_torsion.psi 
1 1 GLU E 22 ? ? -93.87 -61.78 
2 1 GLU C 22 ? ? -93.91 -61.74 
3 1 GLU D 22 ? ? -93.87 -61.74 
4 1 GLU F 22 ? ? -93.90 -61.76 
5 1 GLU A 22 ? ? -93.88 -61.80 
6 1 GLU B 22 ? ? -93.88 -61.81 
# 
_pdbx_entry_details.entry_id                 7F29 
_pdbx_entry_details.nonpolymer_details       ? 
_pdbx_entry_details.sequence_details         ? 
_pdbx_entry_details.compound_details         ? 
_pdbx_entry_details.source_details           ? 
_pdbx_entry_details.has_ligand_of_interest   N 
# 
_em_3d_fitting.entry_id          7F29 
_em_3d_fitting.id                1 
_em_3d_fitting.details           ? 
_em_3d_fitting.overall_b_value   ? 
_em_3d_fitting.ref_protocol      ? 
_em_3d_fitting.ref_space         ? 
_em_3d_fitting.target_criteria   ? 
_em_3d_fitting.method            ? 
# 
_em_3d_reconstruction.entry_id                    7F29 
_em_3d_reconstruction.id                          1 
_em_3d_reconstruction.algorithm                   ? 
_em_3d_reconstruction.details                     ? 
_em_3d_reconstruction.refinement_type             ? 
_em_3d_reconstruction.image_processing_id         1 
_em_3d_reconstruction.num_class_averages          ? 
_em_3d_reconstruction.num_particles               92523 
_em_3d_reconstruction.resolution                  3.1 
_em_3d_reconstruction.resolution_method           'FSC 0.143 CUT-OFF' 
_em_3d_reconstruction.symmetry_type               HELICAL 
_em_3d_reconstruction.method                      ? 
_em_3d_reconstruction.nominal_pixel_size          ? 
_em_3d_reconstruction.actual_pixel_size           ? 
_em_3d_reconstruction.magnification_calibration   ? 
# 
_em_buffer.id            1 
_em_buffer.details       ? 
_em_buffer.pH            4.0 
_em_buffer.specimen_id   1 
_em_buffer.name          ? 
# 
_em_entity_assembly.id                   1 
_em_entity_assembly.parent_id            0 
_em_entity_assembly.details              ? 
_em_entity_assembly.name                 'Cryo-EM structure of the fibril formed by disaccharide-modified amyloid-beta(1-42)' 
_em_entity_assembly.source               SYNTHETIC 
_em_entity_assembly.type                 'ORGANELLE OR CELLULAR COMPONENT' 
_em_entity_assembly.entity_id_list       1 
_em_entity_assembly.synonym              ? 
_em_entity_assembly.oligomeric_details   ? 
# 
_em_imaging.id                              1 
_em_imaging.entry_id                        7F29 
_em_imaging.accelerating_voltage            300 
_em_imaging.alignment_procedure             ? 
_em_imaging.c2_aperture_diameter            ? 
_em_imaging.calibrated_defocus_max          ? 
_em_imaging.calibrated_defocus_min          ? 
_em_imaging.calibrated_magnification        ? 
_em_imaging.cryogen                         ? 
_em_imaging.details                         ? 
_em_imaging.electron_source                 'FIELD EMISSION GUN' 
_em_imaging.illumination_mode               'FLOOD BEAM' 
_em_imaging.microscope_model                'FEI TITAN KRIOS' 
_em_imaging.mode                            'BRIGHT FIELD' 
_em_imaging.nominal_cs                      ? 
_em_imaging.nominal_defocus_max             2000 
_em_imaging.nominal_defocus_min             1000 
_em_imaging.nominal_magnification           ? 
_em_imaging.recording_temperature_maximum   ? 
_em_imaging.recording_temperature_minimum   ? 
_em_imaging.residual_tilt                   ? 
_em_imaging.specimen_holder_model           ? 
_em_imaging.specimen_id                     1 
_em_imaging.citation_id                     ? 
_em_imaging.date                            ? 
_em_imaging.temperature                     ? 
_em_imaging.tilt_angle_min                  ? 
_em_imaging.tilt_angle_max                  ? 
_em_imaging.astigmatism                     ? 
_em_imaging.detector_distance               ? 
_em_imaging.electron_beam_tilt_params       ? 
_em_imaging.specimen_holder_type            ? 
# 
_em_vitrification.id                    1 
_em_vitrification.specimen_id           1 
_em_vitrification.chamber_temperature   ? 
_em_vitrification.cryogen_name          ETHANE 
_em_vitrification.details               ? 
_em_vitrification.humidity              ? 
_em_vitrification.instrument            ? 
_em_vitrification.entry_id              7F29 
_em_vitrification.citation_id           ? 
_em_vitrification.method                ? 
_em_vitrification.temp                  ? 
_em_vitrification.time_resolved_state   ? 
# 
_em_experiment.entry_id                7F29 
_em_experiment.id                      1 
_em_experiment.aggregation_state       FILAMENT 
_em_experiment.reconstruction_method   HELICAL 
_em_experiment.entity_assembly_id      1 
# 
loop_
_chem_comp_atom.comp_id 
_chem_comp_atom.atom_id 
_chem_comp_atom.type_symbol 
_chem_comp_atom.pdbx_aromatic_flag 
_chem_comp_atom.pdbx_stereo_config 
_chem_comp_atom.pdbx_ordinal 
ACY C    C N N 1   
ACY O    O N N 2   
ACY OXT  O N N 3   
ACY CH3  C N N 4   
ACY HXT  H N N 5   
ACY H1   H N N 6   
ACY H2   H N N 7   
ACY H3   H N N 8   
ALA N    N N N 9   
ALA CA   C N S 10  
ALA C    C N N 11  
ALA O    O N N 12  
ALA CB   C N N 13  
ALA OXT  O N N 14  
ALA H    H N N 15  
ALA H2   H N N 16  
ALA HA   H N N 17  
ALA HB1  H N N 18  
ALA HB2  H N N 19  
ALA HB3  H N N 20  
ALA HXT  H N N 21  
ASN N    N N N 22  
ASN CA   C N S 23  
ASN C    C N N 24  
ASN O    O N N 25  
ASN CB   C N N 26  
ASN CG   C N N 27  
ASN OD1  O N N 28  
ASN ND2  N N N 29  
ASN OXT  O N N 30  
ASN H    H N N 31  
ASN H2   H N N 32  
ASN HA   H N N 33  
ASN HB2  H N N 34  
ASN HB3  H N N 35  
ASN HD21 H N N 36  
ASN HD22 H N N 37  
ASN HXT  H N N 38  
ASP N    N N N 39  
ASP CA   C N S 40  
ASP C    C N N 41  
ASP O    O N N 42  
ASP CB   C N N 43  
ASP CG   C N N 44  
ASP OD1  O N N 45  
ASP OD2  O N N 46  
ASP OXT  O N N 47  
ASP H    H N N 48  
ASP H2   H N N 49  
ASP HA   H N N 50  
ASP HB2  H N N 51  
ASP HB3  H N N 52  
ASP HD2  H N N 53  
ASP HXT  H N N 54  
GAL C1   C N R 55  
GAL C2   C N R 56  
GAL C3   C N S 57  
GAL C4   C N R 58  
GAL C5   C N R 59  
GAL C6   C N N 60  
GAL O1   O N N 61  
GAL O2   O N N 62  
GAL O3   O N N 63  
GAL O4   O N N 64  
GAL O5   O N N 65  
GAL O6   O N N 66  
GAL H1   H N N 67  
GAL H2   H N N 68  
GAL H3   H N N 69  
GAL H4   H N N 70  
GAL H5   H N N 71  
GAL H61  H N N 72  
GAL H62  H N N 73  
GAL HO1  H N N 74  
GAL HO2  H N N 75  
GAL HO3  H N N 76  
GAL HO4  H N N 77  
GAL HO6  H N N 78  
GLN N    N N N 79  
GLN CA   C N S 80  
GLN C    C N N 81  
GLN O    O N N 82  
GLN CB   C N N 83  
GLN CG   C N N 84  
GLN CD   C N N 85  
GLN OE1  O N N 86  
GLN NE2  N N N 87  
GLN OXT  O N N 88  
GLN H    H N N 89  
GLN H2   H N N 90  
GLN HA   H N N 91  
GLN HB2  H N N 92  
GLN HB3  H N N 93  
GLN HG2  H N N 94  
GLN HG3  H N N 95  
GLN HE21 H N N 96  
GLN HE22 H N N 97  
GLN HXT  H N N 98  
GLU N    N N N 99  
GLU CA   C N S 100 
GLU C    C N N 101 
GLU O    O N N 102 
GLU CB   C N N 103 
GLU CG   C N N 104 
GLU CD   C N N 105 
GLU OE1  O N N 106 
GLU OE2  O N N 107 
GLU OXT  O N N 108 
GLU H    H N N 109 
GLU H2   H N N 110 
GLU HA   H N N 111 
GLU HB2  H N N 112 
GLU HB3  H N N 113 
GLU HG2  H N N 114 
GLU HG3  H N N 115 
GLU HE2  H N N 116 
GLU HXT  H N N 117 
GLY N    N N N 118 
GLY CA   C N N 119 
GLY C    C N N 120 
GLY O    O N N 121 
GLY OXT  O N N 122 
GLY H    H N N 123 
GLY H2   H N N 124 
GLY HA2  H N N 125 
GLY HA3  H N N 126 
GLY HXT  H N N 127 
HIS N    N N N 128 
HIS CA   C N S 129 
HIS C    C N N 130 
HIS O    O N N 131 
HIS CB   C N N 132 
HIS CG   C Y N 133 
HIS ND1  N Y N 134 
HIS CD2  C Y N 135 
HIS CE1  C Y N 136 
HIS NE2  N Y N 137 
HIS OXT  O N N 138 
HIS H    H N N 139 
HIS H2   H N N 140 
HIS HA   H N N 141 
HIS HB2  H N N 142 
HIS HB3  H N N 143 
HIS HD1  H N N 144 
HIS HD2  H N N 145 
HIS HE1  H N N 146 
HIS HE2  H N N 147 
HIS HXT  H N N 148 
ILE N    N N N 149 
ILE CA   C N S 150 
ILE C    C N N 151 
ILE O    O N N 152 
ILE CB   C N S 153 
ILE CG1  C N N 154 
ILE CG2  C N N 155 
ILE CD1  C N N 156 
ILE OXT  O N N 157 
ILE H    H N N 158 
ILE H2   H N N 159 
ILE HA   H N N 160 
ILE HB   H N N 161 
ILE HG12 H N N 162 
ILE HG13 H N N 163 
ILE HG21 H N N 164 
ILE HG22 H N N 165 
ILE HG23 H N N 166 
ILE HD11 H N N 167 
ILE HD12 H N N 168 
ILE HD13 H N N 169 
ILE HXT  H N N 170 
LEU N    N N N 171 
LEU CA   C N S 172 
LEU C    C N N 173 
LEU O    O N N 174 
LEU CB   C N N 175 
LEU CG   C N N 176 
LEU CD1  C N N 177 
LEU CD2  C N N 178 
LEU OXT  O N N 179 
LEU H    H N N 180 
LEU H2   H N N 181 
LEU HA   H N N 182 
LEU HB2  H N N 183 
LEU HB3  H N N 184 
LEU HG   H N N 185 
LEU HD11 H N N 186 
LEU HD12 H N N 187 
LEU HD13 H N N 188 
LEU HD21 H N N 189 
LEU HD22 H N N 190 
LEU HD23 H N N 191 
LEU HXT  H N N 192 
LYS N    N N N 193 
LYS CA   C N S 194 
LYS C    C N N 195 
LYS O    O N N 196 
LYS CB   C N N 197 
LYS CG   C N N 198 
LYS CD   C N N 199 
LYS CE   C N N 200 
LYS NZ   N N N 201 
LYS OXT  O N N 202 
LYS H    H N N 203 
LYS H2   H N N 204 
LYS HA   H N N 205 
LYS HB2  H N N 206 
LYS HB3  H N N 207 
LYS HG2  H N N 208 
LYS HG3  H N N 209 
LYS HD2  H N N 210 
LYS HD3  H N N 211 
LYS HE2  H N N 212 
LYS HE3  H N N 213 
LYS HZ1  H N N 214 
LYS HZ2  H N N 215 
LYS HZ3  H N N 216 
LYS HXT  H N N 217 
MET N    N N N 218 
MET CA   C N S 219 
MET C    C N N 220 
MET O    O N N 221 
MET CB   C N N 222 
MET CG   C N N 223 
MET SD   S N N 224 
MET CE   C N N 225 
MET OXT  O N N 226 
MET H    H N N 227 
MET H2   H N N 228 
MET HA   H N N 229 
MET HB2  H N N 230 
MET HB3  H N N 231 
MET HG2  H N N 232 
MET HG3  H N N 233 
MET HE1  H N N 234 
MET HE2  H N N 235 
MET HE3  H N N 236 
MET HXT  H N N 237 
PHE N    N N N 238 
PHE CA   C N S 239 
PHE C    C N N 240 
PHE O    O N N 241 
PHE CB   C N N 242 
PHE CG   C Y N 243 
PHE CD1  C Y N 244 
PHE CD2  C Y N 245 
PHE CE1  C Y N 246 
PHE CE2  C Y N 247 
PHE CZ   C Y N 248 
PHE OXT  O N N 249 
PHE H    H N N 250 
PHE H2   H N N 251 
PHE HA   H N N 252 
PHE HB2  H N N 253 
PHE HB3  H N N 254 
PHE HD1  H N N 255 
PHE HD2  H N N 256 
PHE HE1  H N N 257 
PHE HE2  H N N 258 
PHE HZ   H N N 259 
PHE HXT  H N N 260 
SER N    N N N 261 
SER CA   C N S 262 
SER C    C N N 263 
SER O    O N N 264 
SER CB   C N N 265 
SER OG   O N N 266 
SER OXT  O N N 267 
SER H    H N N 268 
SER H2   H N N 269 
SER HA   H N N 270 
SER HB2  H N N 271 
SER HB3  H N N 272 
SER HG   H N N 273 
SER HXT  H N N 274 
TYR N    N N N 275 
TYR CA   C N S 276 
TYR C    C N N 277 
TYR O    O N N 278 
TYR CB   C N N 279 
TYR CG   C Y N 280 
TYR CD1  C Y N 281 
TYR CD2  C Y N 282 
TYR CE1  C Y N 283 
TYR CE2  C Y N 284 
TYR CZ   C Y N 285 
TYR OH   O N N 286 
TYR OXT  O N N 287 
TYR H    H N N 288 
TYR H2   H N N 289 
TYR HA   H N N 290 
TYR HB2  H N N 291 
TYR HB3  H N N 292 
TYR HD1  H N N 293 
TYR HD2  H N N 294 
TYR HE1  H N N 295 
TYR HE2  H N N 296 
TYR HH   H N N 297 
TYR HXT  H N N 298 
VAL N    N N N 299 
VAL CA   C N S 300 
VAL C    C N N 301 
VAL O    O N N 302 
VAL CB   C N N 303 
VAL CG1  C N N 304 
VAL CG2  C N N 305 
VAL OXT  O N N 306 
VAL H    H N N 307 
VAL H2   H N N 308 
VAL HA   H N N 309 
VAL HB   H N N 310 
VAL HG11 H N N 311 
VAL HG12 H N N 312 
VAL HG13 H N N 313 
VAL HG21 H N N 314 
VAL HG22 H N N 315 
VAL HG23 H N N 316 
VAL HXT  H N N 317 
X6X O4   O N N 318 
X6X C4   C N R 319 
X6X C3   C N R 320 
X6X O3   O N N 321 
X6X C2   C N R 322 
X6X N2   N N N 323 
X6X C1   C N S 324 
X6X O1   O N N 325 
X6X O5   O N N 326 
X6X C5   C N R 327 
X6X C6   C N N 328 
X6X O6   O N N 329 
X6X HO4  H N N 330 
X6X H4   H N N 331 
X6X H3   H N N 332 
X6X HO3  H N N 333 
X6X H2   H N N 334 
X6X HN21 H N N 335 
X6X HN22 H N N 336 
X6X H1   H N N 337 
X6X HO1  H N N 338 
X6X H5   H N N 339 
X6X H61  H N N 340 
X6X H62  H N N 341 
X6X HO6  H N N 342 
# 
loop_
_chem_comp_bond.comp_id 
_chem_comp_bond.atom_id_1 
_chem_comp_bond.atom_id_2 
_chem_comp_bond.value_order 
_chem_comp_bond.pdbx_aromatic_flag 
_chem_comp_bond.pdbx_stereo_config 
_chem_comp_bond.pdbx_ordinal 
ACY C   O    doub N N 1   
ACY C   OXT  sing N N 2   
ACY C   CH3  sing N N 3   
ACY OXT HXT  sing N N 4   
ACY CH3 H1   sing N N 5   
ACY CH3 H2   sing N N 6   
ACY CH3 H3   sing N N 7   
ALA N   CA   sing N N 8   
ALA N   H    sing N N 9   
ALA N   H2   sing N N 10  
ALA CA  C    sing N N 11  
ALA CA  CB   sing N N 12  
ALA CA  HA   sing N N 13  
ALA C   O    doub N N 14  
ALA C   OXT  sing N N 15  
ALA CB  HB1  sing N N 16  
ALA CB  HB2  sing N N 17  
ALA CB  HB3  sing N N 18  
ALA OXT HXT  sing N N 19  
ASN N   CA   sing N N 20  
ASN N   H    sing N N 21  
ASN N   H2   sing N N 22  
ASN CA  C    sing N N 23  
ASN CA  CB   sing N N 24  
ASN CA  HA   sing N N 25  
ASN C   O    doub N N 26  
ASN C   OXT  sing N N 27  
ASN CB  CG   sing N N 28  
ASN CB  HB2  sing N N 29  
ASN CB  HB3  sing N N 30  
ASN CG  OD1  doub N N 31  
ASN CG  ND2  sing N N 32  
ASN ND2 HD21 sing N N 33  
ASN ND2 HD22 sing N N 34  
ASN OXT HXT  sing N N 35  
ASP N   CA   sing N N 36  
ASP N   H    sing N N 37  
ASP N   H2   sing N N 38  
ASP CA  C    sing N N 39  
ASP CA  CB   sing N N 40  
ASP CA  HA   sing N N 41  
ASP C   O    doub N N 42  
ASP C   OXT  sing N N 43  
ASP CB  CG   sing N N 44  
ASP CB  HB2  sing N N 45  
ASP CB  HB3  sing N N 46  
ASP CG  OD1  doub N N 47  
ASP CG  OD2  sing N N 48  
ASP OD2 HD2  sing N N 49  
ASP OXT HXT  sing N N 50  
GAL C1  C2   sing N N 51  
GAL C1  O1   sing N N 52  
GAL C1  O5   sing N N 53  
GAL C1  H1   sing N N 54  
GAL C2  C3   sing N N 55  
GAL C2  O2   sing N N 56  
GAL C2  H2   sing N N 57  
GAL C3  C4   sing N N 58  
GAL C3  O3   sing N N 59  
GAL C3  H3   sing N N 60  
GAL C4  C5   sing N N 61  
GAL C4  O4   sing N N 62  
GAL C4  H4   sing N N 63  
GAL C5  C6   sing N N 64  
GAL C5  O5   sing N N 65  
GAL C5  H5   sing N N 66  
GAL C6  O6   sing N N 67  
GAL C6  H61  sing N N 68  
GAL C6  H62  sing N N 69  
GAL O1  HO1  sing N N 70  
GAL O2  HO2  sing N N 71  
GAL O3  HO3  sing N N 72  
GAL O4  HO4  sing N N 73  
GAL O6  HO6  sing N N 74  
GLN N   CA   sing N N 75  
GLN N   H    sing N N 76  
GLN N   H2   sing N N 77  
GLN CA  C    sing N N 78  
GLN CA  CB   sing N N 79  
GLN CA  HA   sing N N 80  
GLN C   O    doub N N 81  
GLN C   OXT  sing N N 82  
GLN CB  CG   sing N N 83  
GLN CB  HB2  sing N N 84  
GLN CB  HB3  sing N N 85  
GLN CG  CD   sing N N 86  
GLN CG  HG2  sing N N 87  
GLN CG  HG3  sing N N 88  
GLN CD  OE1  doub N N 89  
GLN CD  NE2  sing N N 90  
GLN NE2 HE21 sing N N 91  
GLN NE2 HE22 sing N N 92  
GLN OXT HXT  sing N N 93  
GLU N   CA   sing N N 94  
GLU N   H    sing N N 95  
GLU N   H2   sing N N 96  
GLU CA  C    sing N N 97  
GLU CA  CB   sing N N 98  
GLU CA  HA   sing N N 99  
GLU C   O    doub N N 100 
GLU C   OXT  sing N N 101 
GLU CB  CG   sing N N 102 
GLU CB  HB2  sing N N 103 
GLU CB  HB3  sing N N 104 
GLU CG  CD   sing N N 105 
GLU CG  HG2  sing N N 106 
GLU CG  HG3  sing N N 107 
GLU CD  OE1  doub N N 108 
GLU CD  OE2  sing N N 109 
GLU OE2 HE2  sing N N 110 
GLU OXT HXT  sing N N 111 
GLY N   CA   sing N N 112 
GLY N   H    sing N N 113 
GLY N   H2   sing N N 114 
GLY CA  C    sing N N 115 
GLY CA  HA2  sing N N 116 
GLY CA  HA3  sing N N 117 
GLY C   O    doub N N 118 
GLY C   OXT  sing N N 119 
GLY OXT HXT  sing N N 120 
HIS N   CA   sing N N 121 
HIS N   H    sing N N 122 
HIS N   H2   sing N N 123 
HIS CA  C    sing N N 124 
HIS CA  CB   sing N N 125 
HIS CA  HA   sing N N 126 
HIS C   O    doub N N 127 
HIS C   OXT  sing N N 128 
HIS CB  CG   sing N N 129 
HIS CB  HB2  sing N N 130 
HIS CB  HB3  sing N N 131 
HIS CG  ND1  sing Y N 132 
HIS CG  CD2  doub Y N 133 
HIS ND1 CE1  doub Y N 134 
HIS ND1 HD1  sing N N 135 
HIS CD2 NE2  sing Y N 136 
HIS CD2 HD2  sing N N 137 
HIS CE1 NE2  sing Y N 138 
HIS CE1 HE1  sing N N 139 
HIS NE2 HE2  sing N N 140 
HIS OXT HXT  sing N N 141 
ILE N   CA   sing N N 142 
ILE N   H    sing N N 143 
ILE N   H2   sing N N 144 
ILE CA  C    sing N N 145 
ILE CA  CB   sing N N 146 
ILE CA  HA   sing N N 147 
ILE C   O    doub N N 148 
ILE C   OXT  sing N N 149 
ILE CB  CG1  sing N N 150 
ILE CB  CG2  sing N N 151 
ILE CB  HB   sing N N 152 
ILE CG1 CD1  sing N N 153 
ILE CG1 HG12 sing N N 154 
ILE CG1 HG13 sing N N 155 
ILE CG2 HG21 sing N N 156 
ILE CG2 HG22 sing N N 157 
ILE CG2 HG23 sing N N 158 
ILE CD1 HD11 sing N N 159 
ILE CD1 HD12 sing N N 160 
ILE CD1 HD13 sing N N 161 
ILE OXT HXT  sing N N 162 
LEU N   CA   sing N N 163 
LEU N   H    sing N N 164 
LEU N   H2   sing N N 165 
LEU CA  C    sing N N 166 
LEU CA  CB   sing N N 167 
LEU CA  HA   sing N N 168 
LEU C   O    doub N N 169 
LEU C   OXT  sing N N 170 
LEU CB  CG   sing N N 171 
LEU CB  HB2  sing N N 172 
LEU CB  HB3  sing N N 173 
LEU CG  CD1  sing N N 174 
LEU CG  CD2  sing N N 175 
LEU CG  HG   sing N N 176 
LEU CD1 HD11 sing N N 177 
LEU CD1 HD12 sing N N 178 
LEU CD1 HD13 sing N N 179 
LEU CD2 HD21 sing N N 180 
LEU CD2 HD22 sing N N 181 
LEU CD2 HD23 sing N N 182 
LEU OXT HXT  sing N N 183 
LYS N   CA   sing N N 184 
LYS N   H    sing N N 185 
LYS N   H2   sing N N 186 
LYS CA  C    sing N N 187 
LYS CA  CB   sing N N 188 
LYS CA  HA   sing N N 189 
LYS C   O    doub N N 190 
LYS C   OXT  sing N N 191 
LYS CB  CG   sing N N 192 
LYS CB  HB2  sing N N 193 
LYS CB  HB3  sing N N 194 
LYS CG  CD   sing N N 195 
LYS CG  HG2  sing N N 196 
LYS CG  HG3  sing N N 197 
LYS CD  CE   sing N N 198 
LYS CD  HD2  sing N N 199 
LYS CD  HD3  sing N N 200 
LYS CE  NZ   sing N N 201 
LYS CE  HE2  sing N N 202 
LYS CE  HE3  sing N N 203 
LYS NZ  HZ1  sing N N 204 
LYS NZ  HZ2  sing N N 205 
LYS NZ  HZ3  sing N N 206 
LYS OXT HXT  sing N N 207 
MET N   CA   sing N N 208 
MET N   H    sing N N 209 
MET N   H2   sing N N 210 
MET CA  C    sing N N 211 
MET CA  CB   sing N N 212 
MET CA  HA   sing N N 213 
MET C   O    doub N N 214 
MET C   OXT  sing N N 215 
MET CB  CG   sing N N 216 
MET CB  HB2  sing N N 217 
MET CB  HB3  sing N N 218 
MET CG  SD   sing N N 219 
MET CG  HG2  sing N N 220 
MET CG  HG3  sing N N 221 
MET SD  CE   sing N N 222 
MET CE  HE1  sing N N 223 
MET CE  HE2  sing N N 224 
MET CE  HE3  sing N N 225 
MET OXT HXT  sing N N 226 
PHE N   CA   sing N N 227 
PHE N   H    sing N N 228 
PHE N   H2   sing N N 229 
PHE CA  C    sing N N 230 
PHE CA  CB   sing N N 231 
PHE CA  HA   sing N N 232 
PHE C   O    doub N N 233 
PHE C   OXT  sing N N 234 
PHE CB  CG   sing N N 235 
PHE CB  HB2  sing N N 236 
PHE CB  HB3  sing N N 237 
PHE CG  CD1  doub Y N 238 
PHE CG  CD2  sing Y N 239 
PHE CD1 CE1  sing Y N 240 
PHE CD1 HD1  sing N N 241 
PHE CD2 CE2  doub Y N 242 
PHE CD2 HD2  sing N N 243 
PHE CE1 CZ   doub Y N 244 
PHE CE1 HE1  sing N N 245 
PHE CE2 CZ   sing Y N 246 
PHE CE2 HE2  sing N N 247 
PHE CZ  HZ   sing N N 248 
PHE OXT HXT  sing N N 249 
SER N   CA   sing N N 250 
SER N   H    sing N N 251 
SER N   H2   sing N N 252 
SER CA  C    sing N N 253 
SER CA  CB   sing N N 254 
SER CA  HA   sing N N 255 
SER C   O    doub N N 256 
SER C   OXT  sing N N 257 
SER CB  OG   sing N N 258 
SER CB  HB2  sing N N 259 
SER CB  HB3  sing N N 260 
SER OG  HG   sing N N 261 
SER OXT HXT  sing N N 262 
TYR N   CA   sing N N 263 
TYR N   H    sing N N 264 
TYR N   H2   sing N N 265 
TYR CA  C    sing N N 266 
TYR CA  CB   sing N N 267 
TYR CA  HA   sing N N 268 
TYR C   O    doub N N 269 
TYR C   OXT  sing N N 270 
TYR CB  CG   sing N N 271 
TYR CB  HB2  sing N N 272 
TYR CB  HB3  sing N N 273 
TYR CG  CD1  doub Y N 274 
TYR CG  CD2  sing Y N 275 
TYR CD1 CE1  sing Y N 276 
TYR CD1 HD1  sing N N 277 
TYR CD2 CE2  doub Y N 278 
TYR CD2 HD2  sing N N 279 
TYR CE1 CZ   doub Y N 280 
TYR CE1 HE1  sing N N 281 
TYR CE2 CZ   sing Y N 282 
TYR CE2 HE2  sing N N 283 
TYR CZ  OH   sing N N 284 
TYR OH  HH   sing N N 285 
TYR OXT HXT  sing N N 286 
VAL N   CA   sing N N 287 
VAL N   H    sing N N 288 
VAL N   H2   sing N N 289 
VAL CA  C    sing N N 290 
VAL CA  CB   sing N N 291 
VAL CA  HA   sing N N 292 
VAL C   O    doub N N 293 
VAL C   OXT  sing N N 294 
VAL CB  CG1  sing N N 295 
VAL CB  CG2  sing N N 296 
VAL CB  HB   sing N N 297 
VAL CG1 HG11 sing N N 298 
VAL CG1 HG12 sing N N 299 
VAL CG1 HG13 sing N N 300 
VAL CG2 HG21 sing N N 301 
VAL CG2 HG22 sing N N 302 
VAL CG2 HG23 sing N N 303 
VAL OXT HXT  sing N N 304 
X6X O3  C3   sing N N 305 
X6X C3  C4   sing N N 306 
X6X C3  C2   sing N N 307 
X6X C4  O4   sing N N 308 
X6X C4  C5   sing N N 309 
X6X N2  C2   sing N N 310 
X6X O6  C6   sing N N 311 
X6X C5  C6   sing N N 312 
X6X C5  O5   sing N N 313 
X6X C2  C1   sing N N 314 
X6X O1  C1   sing N N 315 
X6X C1  O5   sing N N 316 
X6X O4  HO4  sing N N 317 
X6X C4  H4   sing N N 318 
X6X C3  H3   sing N N 319 
X6X O3  HO3  sing N N 320 
X6X C2  H2   sing N N 321 
X6X N2  HN21 sing N N 322 
X6X N2  HN22 sing N N 323 
X6X C1  H1   sing N N 324 
X6X O1  HO1  sing N N 325 
X6X C5  H5   sing N N 326 
X6X C6  H61  sing N N 327 
X6X C6  H62  sing N N 328 
X6X O6  HO6  sing N N 329 
# 
_em_ctf_correction.id                       1 
_em_ctf_correction.em_image_processing_id   1 
_em_ctf_correction.type                     NONE 
_em_ctf_correction.details                  ? 
# 
_em_entity_assembly_naturalsource.id                   1 
_em_entity_assembly_naturalsource.entity_assembly_id   1 
_em_entity_assembly_naturalsource.cell                 ? 
_em_entity_assembly_naturalsource.cellular_location    ? 
_em_entity_assembly_naturalsource.ncbi_tax_id          9606 
_em_entity_assembly_naturalsource.organ                ? 
_em_entity_assembly_naturalsource.organelle            ? 
_em_entity_assembly_naturalsource.organism             'Homo sapiens' 
_em_entity_assembly_naturalsource.strain               ? 
_em_entity_assembly_naturalsource.tissue               ? 
# 
_em_entity_assembly_synthetic.cell                 ? 
_em_entity_assembly_synthetic.cellular_location    ? 
_em_entity_assembly_synthetic.entity_assembly_id   1 
_em_entity_assembly_synthetic.id                   1 
_em_entity_assembly_synthetic.ncbi_tax_id          9606 
_em_entity_assembly_synthetic.organ                ? 
_em_entity_assembly_synthetic.organelle            ? 
_em_entity_assembly_synthetic.organism             'Homo sapiens' 
_em_entity_assembly_synthetic.strain               ? 
_em_entity_assembly_synthetic.tissue               ? 
# 
_em_helical_entity.id                             1 
_em_helical_entity.image_processing_id            1 
_em_helical_entity.angular_rotation_per_subunit   179.324 
_em_helical_entity.axial_rise_per_subunit         2.40 
_em_helical_entity.axial_symmetry                 C1 
_em_helical_entity.details                        ? 
# 
_em_image_processing.id                   1 
_em_image_processing.image_recording_id   1 
_em_image_processing.details              ? 
# 
_em_image_recording.id                                  1 
_em_image_recording.imaging_id                          1 
_em_image_recording.avg_electron_dose_per_image         55 
_em_image_recording.average_exposure_time               ? 
_em_image_recording.details                             ? 
_em_image_recording.detector_mode                       ? 
_em_image_recording.film_or_detector_model              'GATAN K3 (6k x 4k)' 
_em_image_recording.num_diffraction_images              ? 
_em_image_recording.num_grids_imaged                    ? 
_em_image_recording.num_real_images                     ? 
_em_image_recording.avg_electron_dose_per_subtomogram   ? 
# 
loop_
_em_software.id 
_em_software.category 
_em_software.details 
_em_software.name 
_em_software.version 
_em_software.image_processing_id 
_em_software.fitting_id 
_em_software.imaging_id 
1  'PARTICLE SELECTION'       ? ? ? 1 ? ? 
2  'IMAGE ACQUISITION'        ? ? ? ? ? 1 
3  MASKING                    ? ? ? ? ? ? 
4  'CTF CORRECTION'           ? ? ? 1 ? ? 
5  'LAYERLINE INDEXING'       ? ? ? ? ? ? 
6  'DIFFRACTION INDEXING'     ? ? ? ? ? ? 
7  'MODEL FITTING'            ? ? ? ? ? ? 
8  'MODEL REFINEMENT'         ? ? ? ? ? ? 
9  OTHER                      ? ? ? ? ? ? 
10 'INITIAL EULER ASSIGNMENT' ? ? ? 1 ? ? 
11 'FINAL EULER ASSIGNMENT'   ? ? ? 1 ? ? 
12 CLASSIFICATION             ? ? ? 1 ? ? 
13 RECONSTRUCTION             ? ? ? 1 ? ? 
# 
_em_specimen.id                      1 
_em_specimen.experiment_id           1 
_em_specimen.concentration           ? 
_em_specimen.details                 ? 
_em_specimen.embedding_applied       NO 
_em_specimen.shadowing_applied       NO 
_em_specimen.staining_applied        NO 
_em_specimen.vitrification_applied   YES 
# 
_pdbx_audit_support.funding_organization   'Not funded' 
_pdbx_audit_support.country                ? 
_pdbx_audit_support.grant_number           ? 
_pdbx_audit_support.ordinal                1 
# 
loop_
_pdbx_entity_branch_list.entity_id 
_pdbx_entity_branch_list.comp_id 
_pdbx_entity_branch_list.num 
_pdbx_entity_branch_list.hetero 
2 X6X 1 n 
2 GAL 2 n 
# 
_atom_sites.entry_id                    7F29 
_atom_sites.Cartn_transf_matrix[1][1]   ? 
_atom_sites.Cartn_transf_matrix[1][2]   ? 
_atom_sites.Cartn_transf_matrix[1][3]   ? 
_atom_sites.Cartn_transf_matrix[2][1]   ? 
_atom_sites.Cartn_transf_matrix[2][2]   ? 
_atom_sites.Cartn_transf_matrix[2][3]   ? 
_atom_sites.Cartn_transf_matrix[3][1]   ? 
_atom_sites.Cartn_transf_matrix[3][2]   ? 
_atom_sites.Cartn_transf_matrix[3][3]   ? 
_atom_sites.Cartn_transf_vector[1]      ? 
_atom_sites.Cartn_transf_vector[2]      ? 
_atom_sites.Cartn_transf_vector[3]      ? 
_atom_sites.fract_transf_matrix[1][1]   1.000000 
_atom_sites.fract_transf_matrix[1][2]   0.000000 
_atom_sites.fract_transf_matrix[1][3]   0.000000 
_atom_sites.fract_transf_matrix[2][1]   0.000000 
_atom_sites.fract_transf_matrix[2][2]   1.000000 
_atom_sites.fract_transf_matrix[2][3]   0.000000 
_atom_sites.fract_transf_matrix[3][1]   0.000000 
_atom_sites.fract_transf_matrix[3][2]   0.000000 
_atom_sites.fract_transf_matrix[3][3]   1.000000 
_atom_sites.fract_transf_vector[1]      0.00000 
_atom_sites.fract_transf_vector[2]      0.00000 
_atom_sites.fract_transf_vector[3]      0.00000 
_atom_sites.solution_primary            ? 
_atom_sites.solution_secondary          ? 
_atom_sites.solution_hydrogens          ? 
_atom_sites.special_details             ? 
# 
loop_
_atom_type.symbol 
C 
N 
O 
S 
# 
loop_
_atom_site.group_PDB 
_atom_site.id 
_atom_site.type_symbol 
_atom_site.label_atom_id 
_atom_site.label_alt_id 
_atom_site.label_comp_id 
_atom_site.label_asym_id 
_atom_site.label_entity_id 
_atom_site.label_seq_id 
_atom_site.pdbx_PDB_ins_code 
_atom_site.Cartn_x 
_atom_site.Cartn_y 
_atom_site.Cartn_z 
_atom_site.occupancy 
_atom_site.B_iso_or_equiv 
_atom_site.pdbx_formal_charge 
_atom_site.auth_seq_id 
_atom_site.auth_comp_id 
_atom_site.auth_asym_id 
_atom_site.auth_atom_id 
_atom_site.pdbx_PDB_model_num 
ATOM   1    N N   . HIS A 1 1  ? 21.769  -20.876 -17.228 1.00 84.85  ? 6   HIS E N   1 
ATOM   2    C CA  . HIS A 1 1  ? 21.249  -21.910 -16.340 1.00 84.85  ? 6   HIS E CA  1 
ATOM   3    C C   . HIS A 1 1  ? 21.859  -23.266 -16.646 1.00 84.85  ? 6   HIS E C   1 
ATOM   4    O O   . HIS A 1 1  ? 23.070  -23.412 -16.800 1.00 84.85  ? 6   HIS E O   1 
ATOM   5    C CB  . HIS A 1 1  ? 19.727  -22.004 -16.456 1.00 84.85  ? 6   HIS E CB  1 
ATOM   6    C CG  . HIS A 1 1  ? 19.000  -20.869 -15.812 1.00 84.85  ? 6   HIS E CG  1 
ATOM   7    N ND1 . HIS A 1 1  ? 17.641  -20.687 -15.943 1.00 84.85  ? 6   HIS E ND1 1 
ATOM   8    C CD2 . HIS A 1 1  ? 19.441  -19.857 -15.030 1.00 84.85  ? 6   HIS E CD2 1 
ATOM   9    C CE1 . HIS A 1 1  ? 17.276  -19.613 -15.269 1.00 84.85  ? 6   HIS E CE1 1 
ATOM   10   N NE2 . HIS A 1 1  ? 18.350  -19.091 -14.706 1.00 84.85  ? 6   HIS E NE2 1 
ATOM   11   N N   . ASP A 1 2  ? 20.983  -24.262 -16.733 1.00 90.24  ? 7   ASP E N   1 
ATOM   12   C CA  . ASP A 1 2  ? 21.375  -25.627 -17.060 1.00 90.24  ? 7   ASP E CA  1 
ATOM   13   C C   . ASP A 1 2  ? 21.684  -25.698 -18.552 1.00 90.24  ? 7   ASP E C   1 
ATOM   14   O O   . ASP A 1 2  ? 20.890  -26.179 -19.364 1.00 90.24  ? 7   ASP E O   1 
ATOM   15   C CB  . ASP A 1 2  ? 20.274  -26.596 -16.656 1.00 90.24  ? 7   ASP E CB  1 
ATOM   16   C CG  . ASP A 1 2  ? 18.895  -26.058 -16.944 1.00 90.24  ? 7   ASP E CG  1 
ATOM   17   O OD1 . ASP A 1 2  ? 18.801  -24.932 -17.463 1.00 90.24  ? 7   ASP E OD1 1 
ATOM   18   O OD2 . ASP A 1 2  ? 17.905  -26.751 -16.645 1.00 90.24  ? 7   ASP E OD2 1 
ATOM   19   N N   . SER A 1 3  ? 22.877  -25.220 -18.912 1.00 96.65  ? 8   SER E N   1 
ATOM   20   C CA  . SER A 1 3  ? 23.242  -25.035 -20.314 1.00 96.65  ? 8   SER E CA  1 
ATOM   21   C C   . SER A 1 3  ? 23.118  -26.320 -21.118 1.00 96.65  ? 8   SER E C   1 
ATOM   22   O O   . SER A 1 3  ? 22.253  -26.429 -21.992 1.00 96.65  ? 8   SER E O   1 
ATOM   23   C CB  . SER A 1 3  ? 24.667  -24.488 -20.427 1.00 96.65  ? 8   SER E CB  1 
ATOM   24   O OG  . SER A 1 3  ? 24.695  -23.081 -20.257 1.00 96.65  ? 8   SER E OG  1 
ATOM   25   N N   . GLY A 1 4  ? 23.961  -27.299 -20.810 1.00 104.36 ? 9   GLY E N   1 
ATOM   26   C CA  . GLY A 1 4  ? 23.874  -28.591 -21.460 1.00 104.36 ? 9   GLY E CA  1 
ATOM   27   C C   . GLY A 1 4  ? 23.897  -28.497 -22.965 1.00 104.36 ? 9   GLY E C   1 
ATOM   28   O O   . GLY A 1 4  ? 24.574  -27.649 -23.548 1.00 104.36 ? 9   GLY E O   1 
ATOM   29   N N   . TYR A 1 5  ? 23.169  -29.402 -23.607 1.00 113.85 ? 10  TYR E N   1 
ATOM   30   C CA  . TYR A 1 5  ? 22.936  -29.379 -25.044 1.00 113.85 ? 10  TYR E CA  1 
ATOM   31   C C   . TYR A 1 5  ? 21.472  -29.197 -25.390 1.00 113.85 ? 10  TYR E C   1 
ATOM   32   O O   . TYR A 1 5  ? 21.147  -28.449 -26.314 1.00 113.85 ? 10  TYR E O   1 
ATOM   33   C CB  . TYR A 1 5  ? 23.424  -30.675 -25.711 1.00 113.85 ? 10  TYR E CB  1 
ATOM   34   C CG  . TYR A 1 5  ? 24.888  -31.010 -25.555 1.00 113.85 ? 10  TYR E CG  1 
ATOM   35   C CD1 . TYR A 1 5  ? 25.790  -30.100 -25.030 1.00 113.85 ? 10  TYR E CD1 1 
ATOM   36   C CD2 . TYR A 1 5  ? 25.367  -32.244 -25.959 1.00 113.85 ? 10  TYR E CD2 1 
ATOM   37   C CE1 . TYR A 1 5  ? 27.125  -30.418 -24.893 1.00 113.85 ? 10  TYR E CE1 1 
ATOM   38   C CE2 . TYR A 1 5  ? 26.693  -32.568 -25.835 1.00 113.85 ? 10  TYR E CE2 1 
ATOM   39   C CZ  . TYR A 1 5  ? 27.574  -31.657 -25.296 1.00 113.85 ? 10  TYR E CZ  1 
ATOM   40   N N   . GLU A 1 6  ? 20.578  -29.871 -24.674 1.00 95.12  ? 11  GLU E N   1 
ATOM   41   C CA  . GLU A 1 6  ? 19.159  -29.858 -24.980 1.00 95.12  ? 11  GLU E CA  1 
ATOM   42   C C   . GLU A 1 6  ? 18.368  -29.571 -23.717 1.00 95.12  ? 11  GLU E C   1 
ATOM   43   O O   . GLU A 1 6  ? 18.721  -30.044 -22.634 1.00 95.12  ? 11  GLU E O   1 
ATOM   44   C CB  . GLU A 1 6  ? 18.716  -31.193 -25.580 1.00 95.12  ? 11  GLU E CB  1 
ATOM   45   C CG  . GLU A 1 6  ? 17.274  -31.222 -26.041 1.00 95.12  ? 11  GLU E CG  1 
ATOM   46   C CD  . GLU A 1 6  ? 16.973  -32.415 -26.923 1.00 95.12  ? 11  GLU E CD  1 
ATOM   47   O OE1 . GLU A 1 6  ? 15.917  -33.052 -26.726 1.00 95.12  ? 11  GLU E OE1 1 
ATOM   48   O OE2 . GLU A 1 6  ? 17.794  -32.717 -27.813 1.00 95.12  ? 11  GLU E OE2 1 
ATOM   49   N N   . VAL A 1 7  ? 17.303  -28.786 -23.861 1.00 83.02  ? 12  VAL E N   1 
ATOM   50   C CA  . VAL A 1 7  ? 16.379  -28.502 -22.769 1.00 83.02  ? 12  VAL E CA  1 
ATOM   51   C C   . VAL A 1 7  ? 14.964  -28.599 -23.320 1.00 83.02  ? 12  VAL E C   1 
ATOM   52   O O   . VAL A 1 7  ? 14.596  -27.850 -24.230 1.00 83.02  ? 12  VAL E O   1 
ATOM   53   C CB  . VAL A 1 7  ? 16.617  -27.119 -22.139 1.00 83.02  ? 12  VAL E CB  1 
ATOM   54   C CG1 . VAL A 1 7  ? 15.475  -26.761 -21.220 1.00 83.02  ? 12  VAL E CG1 1 
ATOM   55   C CG2 . VAL A 1 7  ? 17.925  -27.107 -21.379 1.00 83.02  ? 12  VAL E CG2 1 
ATOM   56   N N   . HIS A 1 8  ? 14.181  -29.520 -22.782 1.00 80.69  ? 13  HIS E N   1 
ATOM   57   C CA  . HIS A 1 8  ? 12.805  -29.728 -23.198 1.00 80.69  ? 13  HIS E CA  1 
ATOM   58   C C   . HIS A 1 8  ? 11.898  -28.760 -22.450 1.00 80.69  ? 13  HIS E C   1 
ATOM   59   O O   . HIS A 1 8  ? 12.347  -27.745 -21.915 1.00 80.69  ? 13  HIS E O   1 
ATOM   60   C CB  . HIS A 1 8  ? 12.393  -31.177 -22.977 1.00 80.69  ? 13  HIS E CB  1 
ATOM   61   C CG  . HIS A 1 8  ? 12.920  -32.111 -24.017 1.00 80.69  ? 13  HIS E CG  1 
ATOM   62   N ND1 . HIS A 1 8  ? 12.112  -32.704 -24.960 1.00 80.69  ? 13  HIS E ND1 1 
ATOM   63   C CD2 . HIS A 1 8  ? 14.176  -32.548 -24.265 1.00 80.69  ? 13  HIS E CD2 1 
ATOM   64   C CE1 . HIS A 1 8  ? 12.848  -33.470 -25.745 1.00 80.69  ? 13  HIS E CE1 1 
ATOM   65   N NE2 . HIS A 1 8  ? 14.104  -33.394 -25.344 1.00 80.69  ? 13  HIS E NE2 1 
ATOM   66   N N   . HIS A 1 9  ? 10.602  -29.058 -22.448 1.00 77.47  ? 14  HIS E N   1 
ATOM   67   C CA  . HIS A 1 9  ? 9.583   -28.190 -21.871 1.00 77.47  ? 14  HIS E CA  1 
ATOM   68   C C   . HIS A 1 9  ? 10.003  -27.653 -20.511 1.00 77.47  ? 14  HIS E C   1 
ATOM   69   O O   . HIS A 1 9  ? 10.164  -28.411 -19.553 1.00 77.47  ? 14  HIS E O   1 
ATOM   70   C CB  . HIS A 1 9  ? 8.267   -28.960 -21.742 1.00 77.47  ? 14  HIS E CB  1 
ATOM   71   C CG  . HIS A 1 9  ? 7.876   -29.708 -22.978 1.00 77.47  ? 14  HIS E CG  1 
ATOM   72   N ND1 . HIS A 1 9  ? 8.644   -30.717 -23.517 1.00 77.47  ? 14  HIS E ND1 1 
ATOM   73   C CD2 . HIS A 1 9  ? 6.787   -29.600 -23.774 1.00 77.47  ? 14  HIS E CD2 1 
ATOM   74   C CE1 . HIS A 1 9  ? 8.051   -31.193 -24.597 1.00 77.47  ? 14  HIS E CE1 1 
ATOM   75   N NE2 . HIS A 1 9  ? 6.921   -30.533 -24.773 1.00 77.47  ? 14  HIS E NE2 1 
ATOM   76   N N   . GLN A 1 10 ? 10.182  -26.338 -20.436 1.00 59.18  ? 15  GLN E N   1 
ATOM   77   C CA  . GLN A 1 10 ? 10.501  -25.647 -19.198 1.00 59.18  ? 15  GLN E CA  1 
ATOM   78   C C   . GLN A 1 10 ? 9.484   -24.541 -18.988 1.00 59.18  ? 15  GLN E C   1 
ATOM   79   O O   . GLN A 1 10 ? 9.123   -23.837 -19.932 1.00 59.18  ? 15  GLN E O   1 
ATOM   80   C CB  . GLN A 1 10 ? 11.909  -25.060 -19.229 1.00 59.18  ? 15  GLN E CB  1 
ATOM   81   C CG  . GLN A 1 10 ? 12.194  -24.105 -18.093 1.00 59.18  ? 15  GLN E CG  1 
ATOM   82   C CD  . GLN A 1 10 ? 13.562  -23.482 -18.190 1.00 59.18  ? 15  GLN E CD  1 
ATOM   83   O OE1 . GLN A 1 10 ? 14.387  -23.896 -18.996 1.00 59.18  ? 15  GLN E OE1 1 
ATOM   84   N NE2 . GLN A 1 10 ? 13.811  -22.477 -17.365 1.00 59.18  ? 15  GLN E NE2 1 
ATOM   85   N N   . LYS A 1 11 ? 9.020   -24.392 -17.752 1.00 49.61  ? 16  LYS E N   1 
ATOM   86   C CA  . LYS A 1 11 ? 7.966   -23.437 -17.438 1.00 49.61  ? 16  LYS E CA  1 
ATOM   87   C C   . LYS A 1 11 ? 8.301   -22.740 -16.131 1.00 49.61  ? 16  LYS E C   1 
ATOM   88   O O   . LYS A 1 11 ? 8.403   -23.392 -15.089 1.00 49.61  ? 16  LYS E O   1 
ATOM   89   C CB  . LYS A 1 11 ? 6.611   -24.140 -17.343 1.00 49.61  ? 16  LYS E CB  1 
ATOM   90   C CG  . LYS A 1 11 ? 5.432   -23.214 -17.182 1.00 49.61  ? 16  LYS E CG  1 
ATOM   91   C CD  . LYS A 1 11 ? 4.149   -24.007 -17.074 1.00 49.61  ? 16  LYS E CD  1 
ATOM   92   C CE  . LYS A 1 11 ? 2.943   -23.099 -16.957 1.00 49.61  ? 16  LYS E CE  1 
ATOM   93   N NZ  . LYS A 1 11 ? 1.702   -23.877 -16.703 1.00 49.61  ? 16  LYS E NZ  1 
ATOM   94   N N   . LEU A 1 12 ? 8.477   -21.425 -16.184 1.00 41.50  ? 17  LEU E N   1 
ATOM   95   C CA  . LEU A 1 12 ? 8.712   -20.615 -14.999 1.00 41.50  ? 17  LEU E CA  1 
ATOM   96   C C   . LEU A 1 12 ? 7.521   -19.700 -14.769 1.00 41.50  ? 17  LEU E C   1 
ATOM   97   O O   . LEU A 1 12 ? 6.918   -19.206 -15.725 1.00 41.50  ? 17  LEU E O   1 
ATOM   98   C CB  . LEU A 1 12 ? 9.981   -19.775 -15.140 1.00 41.50  ? 17  LEU E CB  1 
ATOM   99   C CG  . LEU A 1 12 ? 11.265  -20.435 -15.634 1.00 41.50  ? 17  LEU E CG  1 
ATOM   100  C CD1 . LEU A 1 12 ? 12.443  -19.535 -15.344 1.00 41.50  ? 17  LEU E CD1 1 
ATOM   101  C CD2 . LEU A 1 12 ? 11.471  -21.782 -14.995 1.00 41.50  ? 17  LEU E CD2 1 
ATOM   102  N N   . VAL A 1 13 ? 7.179   -19.478 -13.502 1.00 36.29  ? 18  VAL E N   1 
ATOM   103  C CA  . VAL A 1 13 ? 6.095   -18.573 -13.130 1.00 36.29  ? 18  VAL E CA  1 
ATOM   104  C C   . VAL A 1 13 ? 6.553   -17.749 -11.936 1.00 36.29  ? 18  VAL E C   1 
ATOM   105  O O   . VAL A 1 13 ? 6.821   -18.304 -10.866 1.00 36.29  ? 18  VAL E O   1 
ATOM   106  C CB  . VAL A 1 13 ? 4.795   -19.318 -12.790 1.00 36.29  ? 18  VAL E CB  1 
ATOM   107  C CG1 . VAL A 1 13 ? 3.764   -18.348 -12.263 1.00 36.29  ? 18  VAL E CG1 1 
ATOM   108  C CG2 . VAL A 1 13 ? 4.258   -20.040 -14.005 1.00 36.29  ? 18  VAL E CG2 1 
ATOM   109  N N   . PHE A 1 14 ? 6.646   -16.437 -12.113 1.00 38.64  ? 19  PHE E N   1 
ATOM   110  C CA  . PHE A 1 14 ? 6.993   -15.513 -11.043 1.00 38.64  ? 19  PHE E CA  1 
ATOM   111  C C   . PHE A 1 14 ? 5.950   -14.411 -11.014 1.00 38.64  ? 19  PHE E C   1 
ATOM   112  O O   . PHE A 1 14 ? 5.593   -13.882 -12.067 1.00 38.64  ? 19  PHE E O   1 
ATOM   113  C CB  . PHE A 1 14 ? 8.376   -14.893 -11.253 1.00 38.64  ? 19  PHE E CB  1 
ATOM   114  C CG  . PHE A 1 14 ? 9.503   -15.879 -11.250 1.00 38.64  ? 19  PHE E CG  1 
ATOM   115  C CD1 . PHE A 1 14 ? 9.724   -16.705 -12.331 1.00 38.64  ? 19  PHE E CD1 1 
ATOM   116  C CD2 . PHE A 1 14 ? 10.365  -15.953 -10.178 1.00 38.64  ? 19  PHE E CD2 1 
ATOM   117  C CE1 . PHE A 1 14 ? 10.766  -17.599 -12.333 1.00 38.64  ? 19  PHE E CE1 1 
ATOM   118  C CE2 . PHE A 1 14 ? 11.408  -16.847 -10.176 1.00 38.64  ? 19  PHE E CE2 1 
ATOM   119  C CZ  . PHE A 1 14 ? 11.608  -17.670 -11.255 1.00 38.64  ? 19  PHE E CZ  1 
ATOM   120  N N   . PHE A 1 15 ? 5.465   -14.060 -9.825  1.00 37.97  ? 20  PHE E N   1 
ATOM   121  C CA  . PHE A 1 15 ? 4.562   -12.921 -9.728  1.00 37.97  ? 20  PHE E CA  1 
ATOM   122  C C   . PHE A 1 15 ? 4.455   -12.443 -8.288  1.00 37.97  ? 20  PHE E C   1 
ATOM   123  O O   . PHE A 1 15 ? 4.901   -13.103 -7.354  1.00 37.97  ? 20  PHE E O   1 
ATOM   124  C CB  . PHE A 1 15 ? 3.178   -13.243 -10.299 1.00 37.97  ? 20  PHE E CB  1 
ATOM   125  C CG  . PHE A 1 15 ? 2.458   -14.346 -9.597  1.00 37.97  ? 20  PHE E CG  1 
ATOM   126  C CD1 . PHE A 1 15 ? 2.684   -15.662 -9.939  1.00 37.97  ? 20  PHE E CD1 1 
ATOM   127  C CD2 . PHE A 1 15 ? 1.519   -14.065 -8.629  1.00 37.97  ? 20  PHE E CD2 1 
ATOM   128  C CE1 . PHE A 1 15 ? 2.009   -16.675 -9.308  1.00 37.97  ? 20  PHE E CE1 1 
ATOM   129  C CE2 . PHE A 1 15 ? 0.841   -15.073 -7.996  1.00 37.97  ? 20  PHE E CE2 1 
ATOM   130  C CZ  . PHE A 1 15 ? 1.084   -16.380 -8.335  1.00 37.97  ? 20  PHE E CZ  1 
ATOM   131  N N   . ALA A 1 16 ? 3.868   -11.258 -8.134  1.00 44.57  ? 21  ALA E N   1 
ATOM   132  C CA  . ALA A 1 16 ? 3.563   -10.669 -6.835  1.00 44.57  ? 21  ALA E CA  1 
ATOM   133  C C   . ALA A 1 16 ? 2.201   -10.009 -6.946  1.00 44.57  ? 21  ALA E C   1 
ATOM   134  O O   . ALA A 1 16 ? 2.017   -9.119  -7.778  1.00 44.57  ? 21  ALA E O   1 
ATOM   135  C CB  . ALA A 1 16 ? 4.624   -9.647  -6.424  1.00 44.57  ? 21  ALA E CB  1 
ATOM   136  N N   . GLU A 1 17 ? 1.246   -10.430 -6.116  1.00 53.01  ? 22  GLU E N   1 
ATOM   137  C CA  . GLU A 1 17 ? -0.144  -10.075 -6.386  1.00 53.01  ? 22  GLU E CA  1 
ATOM   138  C C   . GLU A 1 17 ? -0.615  -8.814  -5.667  1.00 53.01  ? 22  GLU E C   1 
ATOM   139  O O   . GLU A 1 17 ? -0.982  -7.833  -6.317  1.00 53.01  ? 22  GLU E O   1 
ATOM   140  C CB  . GLU A 1 17 ? -1.055  -11.248 -6.030  1.00 53.01  ? 22  GLU E CB  1 
ATOM   141  C CG  . GLU A 1 17 ? -1.928  -11.686 -7.183  1.00 53.01  ? 22  GLU E CG  1 
ATOM   142  C CD  . GLU A 1 17 ? -2.867  -12.806 -6.809  1.00 53.01  ? 22  GLU E CD  1 
ATOM   143  O OE1 . GLU A 1 17 ? -3.958  -12.520 -6.272  1.00 53.01  ? 22  GLU E OE1 1 
ATOM   144  O OE2 . GLU A 1 17 ? -2.515  -13.978 -7.054  1.00 53.01  ? 22  GLU E OE2 1 
ATOM   145  N N   . ASP A 1 18 ? -0.607  -8.814  -4.339  1.00 54.66  ? 23  ASP E N   1 
ATOM   146  C CA  . ASP A 1 18 ? -1.239  -7.743  -3.565  1.00 54.66  ? 23  ASP E CA  1 
ATOM   147  C C   . ASP A 1 18 ? -0.192  -7.059  -2.698  1.00 54.66  ? 23  ASP E C   1 
ATOM   148  O O   . ASP A 1 18 ? 0.025   -7.451  -1.550  1.00 54.66  ? 23  ASP E O   1 
ATOM   149  C CB  . ASP A 1 18 ? -2.371  -8.285  -2.710  1.00 54.66  ? 23  ASP E CB  1 
ATOM   150  C CG  . ASP A 1 18 ? -3.702  -8.260  -3.417  1.00 54.66  ? 23  ASP E CG  1 
ATOM   151  O OD1 . ASP A 1 18 ? -4.468  -9.235  -3.274  1.00 54.66  ? 23  ASP E OD1 1 
ATOM   152  O OD2 . ASP A 1 18 ? -3.994  -7.264  -4.104  1.00 54.66  ? 23  ASP E OD2 1 
ATOM   153  N N   . VAL A 1 19 ? 0.439   -6.024  -3.234  1.00 48.93  ? 24  VAL E N   1 
ATOM   154  C CA  . VAL A 1 19 ? 1.447   -5.261  -2.512  1.00 48.93  ? 24  VAL E CA  1 
ATOM   155  C C   . VAL A 1 19 ? 0.869   -3.886  -2.223  1.00 48.93  ? 24  VAL E C   1 
ATOM   156  O O   . VAL A 1 19 ? 0.517   -3.146  -3.147  1.00 48.93  ? 24  VAL E O   1 
ATOM   157  C CB  . VAL A 1 19 ? 2.756   -5.158  -3.306  1.00 48.93  ? 24  VAL E CB  1 
ATOM   158  C CG1 . VAL A 1 19 ? 3.797   -4.399  -2.511  1.00 48.93  ? 24  VAL E CG1 1 
ATOM   159  C CG2 . VAL A 1 19 ? 3.257   -6.541  -3.661  1.00 48.93  ? 24  VAL E CG2 1 
ATOM   160  N N   . GLY A 1 20 ? 0.757   -3.549  -0.944  1.00 42.81  ? 25  GLY E N   1 
ATOM   161  C CA  . GLY A 1 20 ? 0.241   -2.250  -0.573  1.00 42.81  ? 25  GLY E CA  1 
ATOM   162  C C   . GLY A 1 20 ? 1.203   -1.140  -0.927  1.00 42.81  ? 25  GLY E C   1 
ATOM   163  O O   . GLY A 1 20 ? 0.928   -0.329  -1.812  1.00 42.81  ? 25  GLY E O   1 
ATOM   164  N N   . SER A 1 21 ? 2.339   -1.101  -0.248  1.00 44.56  ? 26  SER E N   1 
ATOM   165  C CA  . SER A 1 21 ? 3.386   -0.136  -0.532  1.00 44.56  ? 26  SER E CA  1 
ATOM   166  C C   . SER A 1 21 ? 4.696   -0.872  -0.747  1.00 44.56  ? 26  SER E C   1 
ATOM   167  O O   . SER A 1 21 ? 4.918   -1.951  -0.195  1.00 44.56  ? 26  SER E O   1 
ATOM   168  C CB  . SER A 1 21 ? 3.543   0.874   0.602   1.00 44.56  ? 26  SER E CB  1 
ATOM   169  O OG  . SER A 1 21 ? 4.802   1.515   0.536   1.00 44.56  ? 26  SER E OG  1 
ATOM   170  N N   . ASN A 1 22 ? 5.565   -0.281  -1.559  1.00 44.78  ? 27  ASN E N   1 
ATOM   171  C CA  . ASN A 1 22 ? 6.867   -0.865  -1.840  1.00 44.78  ? 27  ASN E CA  1 
ATOM   172  C C   . ASN A 1 22 ? 7.892   0.249   -1.926  1.00 44.78  ? 27  ASN E C   1 
ATOM   173  O O   . ASN A 1 22 ? 7.775   1.135   -2.775  1.00 44.78  ? 27  ASN E O   1 
ATOM   174  C CB  . ASN A 1 22 ? 6.847   -1.670  -3.139  1.00 44.78  ? 27  ASN E CB  1 
ATOM   175  C CG  . ASN A 1 22 ? 8.206   -2.222  -3.494  1.00 44.78  ? 27  ASN E CG  1 
ATOM   176  O OD1 . ASN A 1 22 ? 8.929   -2.715  -2.634  1.00 44.78  ? 27  ASN E OD1 1 
ATOM   177  N ND2 . ASN A 1 22 ? 8.567   -2.131  -4.763  1.00 44.78  ? 27  ASN E ND2 1 
ATOM   178  N N   . LYS A 1 23 ? 8.888   0.207   -1.048  1.00 47.18  ? 28  LYS E N   1 
ATOM   179  C CA  . LYS A 1 23 ? 9.998   1.140   -1.097  1.00 47.18  ? 28  LYS E CA  1 
ATOM   180  C C   . LYS A 1 23 ? 11.330  0.449   -1.330  1.00 47.18  ? 28  LYS E C   1 
ATOM   181  O O   . LYS A 1 23 ? 12.363  1.125   -1.372  1.00 47.18  ? 28  LYS E O   1 
ATOM   182  C CB  . LYS A 1 23 ? 10.065  1.960   0.196   1.00 47.18  ? 28  LYS E CB  1 
ATOM   183  C CG  . LYS A 1 23 ? 8.753   2.604   0.576   1.00 47.18  ? 28  LYS E CG  1 
ATOM   184  C CD  . LYS A 1 23 ? 8.982   3.864   1.378   1.00 47.18  ? 28  LYS E CD  1 
ATOM   185  C CE  . LYS A 1 23 ? 7.678   4.433   1.890   1.00 47.18  ? 28  LYS E CE  1 
ATOM   186  N NZ  . LYS A 1 23 ? 7.099   3.594   2.969   1.00 47.18  ? 28  LYS E NZ  1 
ATOM   187  N N   . GLY A 1 24 ? 11.338  -0.871  -1.482  1.00 48.06  ? 29  GLY E N   1 
ATOM   188  C CA  . GLY A 1 24 ? 12.560  -1.600  -1.742  1.00 48.06  ? 29  GLY E CA  1 
ATOM   189  C C   . GLY A 1 24 ? 12.567  -2.243  -3.110  1.00 48.06  ? 29  GLY E C   1 
ATOM   190  O O   . GLY A 1 24 ? 12.160  -1.622  -4.093  1.00 48.06  ? 29  GLY E O   1 
ATOM   191  N N   . ALA A 1 25 ? 13.019  -3.489  -3.189  1.00 43.27  ? 30  ALA E N   1 
ATOM   192  C CA  . ALA A 1 25 ? 13.140  -4.198  -4.452  1.00 43.27  ? 30  ALA E CA  1 
ATOM   193  C C   . ALA A 1 25 ? 12.295  -5.461  -4.428  1.00 43.27  ? 30  ALA E C   1 
ATOM   194  O O   . ALA A 1 25 ? 12.269  -6.183  -3.430  1.00 43.27  ? 30  ALA E O   1 
ATOM   195  C CB  . ALA A 1 25 ? 14.597  -4.554  -4.742  1.00 43.27  ? 30  ALA E CB  1 
ATOM   196  N N   . ILE A 1 26 ? 11.602  -5.720  -5.533  1.00 39.34  ? 31  ILE E N   1 
ATOM   197  C CA  . ILE A 1 26 ? 10.836  -6.950  -5.721  1.00 39.34  ? 31  ILE E CA  1 
ATOM   198  C C   . ILE A 1 26 ? 11.317  -7.546  -7.039  1.00 39.34  ? 31  ILE E C   1 
ATOM   199  O O   . ILE A 1 26 ? 10.811  -7.210  -8.112  1.00 39.34  ? 31  ILE E O   1 
ATOM   200  C CB  . ILE A 1 26 ? 9.324   -6.711  -5.738  1.00 39.34  ? 31  ILE E CB  1 
ATOM   201  C CG1 . ILE A 1 26 ? 8.889   -5.992  -4.465  1.00 39.34  ? 31  ILE E CG1 1 
ATOM   202  C CG2 . ILE A 1 26 ? 8.586   -8.019  -5.874  1.00 39.34  ? 31  ILE E CG2 1 
ATOM   203  C CD1 . ILE A 1 26 ? 7.401   -5.850  -4.330  1.00 39.34  ? 31  ILE E CD1 1 
ATOM   204  N N   . ILE A 1 27 ? 12.301  -8.435  -6.967  1.00 38.80  ? 32  ILE E N   1 
ATOM   205  C CA  . ILE A 1 27 ? 12.956  -8.995  -8.142  1.00 38.80  ? 32  ILE E CA  1 
ATOM   206  C C   . ILE A 1 27 ? 12.546  -10.452 -8.277  1.00 38.80  ? 32  ILE E C   1 
ATOM   207  O O   . ILE A 1 27 ? 12.536  -11.192 -7.289  1.00 38.80  ? 32  ILE E O   1 
ATOM   208  C CB  . ILE A 1 27 ? 14.482  -8.856  -8.047  1.00 38.80  ? 32  ILE E CB  1 
ATOM   209  C CG1 . ILE A 1 27 ? 14.851  -7.399  -7.789  1.00 38.80  ? 32  ILE E CG1 1 
ATOM   210  C CG2 . ILE A 1 27 ? 15.139  -9.352  -9.311  1.00 38.80  ? 32  ILE E CG2 1 
ATOM   211  C CD1 . ILE A 1 27 ? 16.287  -7.196  -7.432  1.00 38.80  ? 32  ILE E CD1 1 
ATOM   212  N N   . GLY A 1 28 ? 12.212  -10.861 -9.494  1.00 39.25  ? 33  GLY E N   1 
ATOM   213  C CA  . GLY A 1 28 ? 11.776  -12.221 -9.734  1.00 39.25  ? 33  GLY E CA  1 
ATOM   214  C C   . GLY A 1 28 ? 12.913  -13.204 -9.903  1.00 39.25  ? 33  GLY E C   1 
ATOM   215  O O   . GLY A 1 28 ? 12.983  -14.207 -9.192  1.00 39.25  ? 33  GLY E O   1 
ATOM   216  N N   . LEU A 1 29 ? 13.812  -12.929 -10.844 1.00 45.75  ? 34  LEU E N   1 
ATOM   217  C CA  . LEU A 1 29 ? 14.937  -13.810 -11.131 1.00 45.75  ? 34  LEU E CA  1 
ATOM   218  C C   . LEU A 1 29 ? 16.155  -12.941 -11.384 1.00 45.75  ? 34  LEU E C   1 
ATOM   219  O O   . LEU A 1 29 ? 16.144  -12.108 -12.293 1.00 45.75  ? 34  LEU E O   1 
ATOM   220  C CB  . LEU A 1 29 ? 14.637  -14.696 -12.339 1.00 45.75  ? 34  LEU E CB  1 
ATOM   221  C CG  . LEU A 1 29 ? 15.473  -15.950 -12.573 1.00 45.75  ? 34  LEU E CG  1 
ATOM   222  C CD1 . LEU A 1 29 ? 14.608  -17.013 -13.199 1.00 45.75  ? 34  LEU E CD1 1 
ATOM   223  C CD2 . LEU A 1 29 ? 16.646  -15.655 -13.466 1.00 45.75  ? 34  LEU E CD2 1 
ATOM   224  N N   . MET A 1 30 ? 17.202  -13.128 -10.587 1.00 53.94  ? 35  MET E N   1 
ATOM   225  C CA  . MET A 1 30 ? 18.375  -12.263 -10.610 1.00 53.94  ? 35  MET E CA  1 
ATOM   226  C C   . MET A 1 30 ? 19.603  -13.078 -10.990 1.00 53.94  ? 35  MET E C   1 
ATOM   227  O O   . MET A 1 30 ? 19.947  -14.044 -10.304 1.00 53.94  ? 35  MET E O   1 
ATOM   228  C CB  . MET A 1 30 ? 18.578  -11.593 -9.252  1.00 53.94  ? 35  MET E CB  1 
ATOM   229  C CG  . MET A 1 30 ? 19.725  -10.610 -9.209  1.00 53.94  ? 35  MET E CG  1 
ATOM   230  S SD  . MET A 1 30 ? 19.205  -8.930  -9.567  1.00 53.94  ? 35  MET E SD  1 
ATOM   231  C CE  . MET A 1 30 ? 20.678  -8.033  -9.120  1.00 53.94  ? 35  MET E CE  1 
ATOM   232  N N   . VAL A 1 31 ? 20.266  -12.681 -12.076 1.00 55.82  ? 36  VAL E N   1 
ATOM   233  C CA  . VAL A 1 31 ? 21.474  -13.349 -12.523 1.00 55.82  ? 36  VAL E CA  1 
ATOM   234  C C   . VAL A 1 31 ? 22.699  -12.446 -12.447 1.00 55.82  ? 36  VAL E C   1 
ATOM   235  O O   . VAL A 1 31 ? 23.816  -12.951 -12.284 1.00 55.82  ? 36  VAL E O   1 
ATOM   236  C CB  . VAL A 1 31 ? 21.297  -13.898 -13.953 1.00 55.82  ? 36  VAL E CB  1 
ATOM   237  C CG1 . VAL A 1 31 ? 22.414  -14.861 -14.294 1.00 55.82  ? 36  VAL E CG1 1 
ATOM   238  C CG2 . VAL A 1 31 ? 19.961  -14.578 -14.093 1.00 55.82  ? 36  VAL E CG2 1 
ATOM   239  N N   . GLY A 1 32 ? 22.532  -11.136 -12.556 1.00 60.22  ? 37  GLY E N   1 
ATOM   240  C CA  . GLY A 1 32 ? 23.664  -10.241 -12.475 1.00 60.22  ? 37  GLY E CA  1 
ATOM   241  C C   . GLY A 1 32 ? 23.209  -8.812  -12.298 1.00 60.22  ? 37  GLY E C   1 
ATOM   242  O O   . GLY A 1 32 ? 22.037  -8.541  -12.043 1.00 60.22  ? 37  GLY E O   1 
ATOM   243  N N   . GLY A 1 33 ? 24.159  -7.896  -12.438 1.00 59.80  ? 38  GLY E N   1 
ATOM   244  C CA  . GLY A 1 33 ? 23.860  -6.484  -12.335 1.00 59.80  ? 38  GLY E CA  1 
ATOM   245  C C   . GLY A 1 33 ? 23.777  -6.007  -10.900 1.00 59.80  ? 38  GLY E C   1 
ATOM   246  O O   . GLY A 1 33 ? 24.006  -6.742  -9.942  1.00 59.80  ? 38  GLY E O   1 
ATOM   247  N N   . VAL A 1 34 ? 23.437  -4.730  -10.757 1.00 55.88  ? 39  VAL E N   1 
ATOM   248  C CA  . VAL A 1 34 ? 23.314  -4.082  -9.458  1.00 55.88  ? 39  VAL E CA  1 
ATOM   249  C C   . VAL A 1 34 ? 21.932  -3.459  -9.359  1.00 55.88  ? 39  VAL E C   1 
ATOM   250  O O   . VAL A 1 34 ? 21.475  -2.803  -10.301 1.00 55.88  ? 39  VAL E O   1 
ATOM   251  C CB  . VAL A 1 34 ? 24.401  -3.013  -9.248  1.00 55.88  ? 39  VAL E CB  1 
ATOM   252  C CG1 . VAL A 1 34 ? 24.346  -2.475  -7.835  1.00 55.88  ? 39  VAL E CG1 1 
ATOM   253  C CG2 . VAL A 1 34 ? 25.770  -3.585  -9.543  1.00 55.88  ? 39  VAL E CG2 1 
ATOM   254  N N   . VAL A 1 35 ? 21.269  -3.663  -8.225  1.00 56.14  ? 40  VAL E N   1 
ATOM   255  C CA  . VAL A 1 35 ? 19.971  -3.060  -7.941  1.00 56.14  ? 40  VAL E CA  1 
ATOM   256  C C   . VAL A 1 35 ? 20.061  -2.378  -6.588  1.00 56.14  ? 40  VAL E C   1 
ATOM   257  O O   . VAL A 1 35 ? 20.278  -3.042  -5.568  1.00 56.14  ? 40  VAL E O   1 
ATOM   258  C CB  . VAL A 1 35 ? 18.833  -4.094  -7.946  1.00 56.14  ? 40  VAL E CB  1 
ATOM   259  C CG1 . VAL A 1 35 ? 17.534  -3.436  -7.553  1.00 56.14  ? 40  VAL E CG1 1 
ATOM   260  C CG2 . VAL A 1 35 ? 18.706  -4.728  -9.311  1.00 56.14  ? 40  VAL E CG2 1 
ATOM   261  N N   . ILE A 1 36 ? 19.890  -1.061  -6.573  1.00 57.67  ? 41  ILE E N   1 
ATOM   262  C CA  . ILE A 1 36 ? 19.986  -0.269  -5.356  1.00 57.67  ? 41  ILE E CA  1 
ATOM   263  C C   . ILE A 1 36 ? 18.589  0.205   -4.990  1.00 57.67  ? 41  ILE E C   1 
ATOM   264  O O   . ILE A 1 36 ? 17.933  0.891   -5.782  1.00 57.67  ? 41  ILE E O   1 
ATOM   265  C CB  . ILE A 1 36 ? 20.946  0.915   -5.525  1.00 57.67  ? 41  ILE E CB  1 
ATOM   266  C CG1 . ILE A 1 36 ? 22.347  0.403   -5.849  1.00 57.67  ? 41  ILE E CG1 1 
ATOM   267  C CG2 . ILE A 1 36 ? 20.966  1.758   -4.269  1.00 57.67  ? 41  ILE E CG2 1 
ATOM   268  C CD1 . ILE A 1 36 ? 23.307  1.484   -6.243  1.00 57.67  ? 41  ILE E CD1 1 
ATOM   269  N N   . ALA A 1 37 ? 18.144  -0.160  -3.791  1.00 58.89  ? 42  ALA E N   1 
ATOM   270  C CA  . ALA A 1 37 ? 16.815  0.182   -3.287  1.00 58.89  ? 42  ALA E CA  1 
ATOM   271  C C   . ALA A 1 37 ? 15.724  -0.265  -4.247  1.00 58.89  ? 42  ALA E C   1 
ATOM   272  O O   . ALA A 1 37 ? 15.182  0.543   -4.995  1.00 58.89  ? 42  ALA E O   1 
ATOM   273  C CB  . ALA A 1 37 ? 16.710  1.677   -3.022  1.00 58.89  ? 42  ALA E CB  1 
ATOM   274  N N   . HIS B 1 1  ? 22.249  -23.939 -13.510 1.00 85.48  ? 6   HIS C N   1 
ATOM   275  C CA  . HIS B 1 1  ? 21.723  -24.960 -12.612 1.00 85.48  ? 6   HIS C CA  1 
ATOM   276  C C   . HIS B 1 1  ? 22.303  -26.328 -12.919 1.00 85.48  ? 6   HIS C C   1 
ATOM   277  O O   . HIS B 1 1  ? 23.510  -26.497 -13.089 1.00 85.48  ? 6   HIS C O   1 
ATOM   278  C CB  . HIS B 1 1  ? 20.198  -25.026 -12.707 1.00 85.48  ? 6   HIS C CB  1 
ATOM   279  C CG  . HIS B 1 1  ? 19.500  -23.875 -12.058 1.00 85.48  ? 6   HIS C CG  1 
ATOM   280  N ND1 . HIS B 1 1  ? 18.143  -23.670 -12.172 1.00 85.48  ? 6   HIS C ND1 1 
ATOM   281  C CD2 . HIS B 1 1  ? 19.971  -22.868 -11.286 1.00 85.48  ? 6   HIS C CD2 1 
ATOM   282  C CE1 . HIS B 1 1  ? 17.807  -22.586 -11.498 1.00 85.48  ? 6   HIS C CE1 1 
ATOM   283  N NE2 . HIS B 1 1  ? 18.897  -22.081 -10.952 1.00 85.48  ? 6   HIS C NE2 1 
ATOM   284  N N   . ASP B 1 2  ? 21.409  -27.308 -12.991 1.00 91.79  ? 7   ASP C N   1 
ATOM   285  C CA  . ASP B 1 2  ? 21.771  -28.682 -13.316 1.00 91.79  ? 7   ASP C CA  1 
ATOM   286  C C   . ASP B 1 2  ? 22.059  -28.764 -14.812 1.00 91.79  ? 7   ASP C C   1 
ATOM   287  O O   . ASP B 1 2  ? 21.246  -29.234 -15.611 1.00 91.79  ? 7   ASP C O   1 
ATOM   288  C CB  . ASP B 1 2  ? 20.657  -29.629 -12.894 1.00 91.79  ? 7   ASP C CB  1 
ATOM   289  C CG  . ASP B 1 2  ? 19.286  -29.067 -13.165 1.00 91.79  ? 7   ASP C CG  1 
ATOM   290  O OD1 . ASP B 1 2  ? 19.205  -27.941 -13.688 1.00 91.79  ? 7   ASP C OD1 1 
ATOM   291  O OD2 . ASP B 1 2  ? 18.286  -29.741 -12.850 1.00 91.79  ? 7   ASP C OD2 1 
ATOM   292  N N   . SER B 1 3  ? 23.256  -28.310 -15.190 1.00 97.42  ? 8   SER C N   1 
ATOM   293  C CA  . SER B 1 3  ? 23.605  -28.138 -16.596 1.00 97.42  ? 8   SER C CA  1 
ATOM   294  C C   . SER B 1 3  ? 23.447  -29.424 -17.393 1.00 97.42  ? 8   SER C C   1 
ATOM   295  O O   . SER B 1 3  ? 22.570  -29.520 -18.256 1.00 97.42  ? 8   SER C O   1 
ATOM   296  C CB  . SER B 1 3  ? 25.039  -27.617 -16.731 1.00 97.42  ? 8   SER C CB  1 
ATOM   297  O OG  . SER B 1 3  ? 25.095  -26.209 -16.568 1.00 97.42  ? 8   SER C OG  1 
ATOM   298  N N   . GLY B 1 4  ? 24.277  -30.416 -17.092 1.00 105.23 ? 9   GLY C N   1 
ATOM   299  C CA  . GLY B 1 4  ? 24.157  -31.710 -17.736 1.00 105.23 ? 9   GLY C CA  1 
ATOM   300  C C   . GLY B 1 4  ? 24.162  -31.622 -19.242 1.00 105.23 ? 9   GLY C C   1 
ATOM   301  O O   . GLY B 1 4  ? 24.847  -30.788 -19.836 1.00 105.23 ? 9   GLY C O   1 
ATOM   302  N N   . TYR B 1 5  ? 23.409  -32.516 -19.869 1.00 114.36 ? 10  TYR C N   1 
ATOM   303  C CA  . TYR B 1 5  ? 23.158  -32.494 -21.303 1.00 114.36 ? 10  TYR C CA  1 
ATOM   304  C C   . TYR B 1 5  ? 21.692  -32.288 -21.631 1.00 114.36 ? 10  TYR C C   1 
ATOM   305  O O   . TYR B 1 5  ? 21.370  -31.538 -22.554 1.00 114.36 ? 10  TYR C O   1 
ATOM   306  C CB  . TYR B 1 5  ? 23.613  -33.803 -21.970 1.00 114.36 ? 10  TYR C CB  1 
ATOM   307  C CG  . TYR B 1 5  ? 25.073  -34.164 -21.832 1.00 114.36 ? 10  TYR C CG  1 
ATOM   308  C CD1 . TYR B 1 5  ? 25.998  -33.268 -21.323 1.00 114.36 ? 10  TYR C CD1 1 
ATOM   309  C CD2 . TYR B 1 5  ? 25.525  -35.407 -22.238 1.00 114.36 ? 10  TYR C CD2 1 
ATOM   310  C CE1 . TYR B 1 5  ? 27.329  -33.610 -21.202 1.00 114.36 ? 10  TYR C CE1 1 
ATOM   311  C CE2 . TYR B 1 5  ? 26.845  -35.755 -22.130 1.00 114.36 ? 10  TYR C CE2 1 
ATOM   312  C CZ  . TYR B 1 5  ? 27.749  -34.859 -21.605 1.00 114.36 ? 10  TYR C CZ  1 
ATOM   313  N N   . GLU B 1 6  ? 20.796  -32.943 -20.900 1.00 95.52  ? 11  GLU C N   1 
ATOM   314  C CA  . GLU B 1 6  ? 19.373  -32.906 -21.187 1.00 95.52  ? 11  GLU C CA  1 
ATOM   315  C C   . GLU B 1 6  ? 18.605  -32.598 -19.915 1.00 95.52  ? 11  GLU C C   1 
ATOM   316  O O   . GLU B 1 6  ? 18.963  -33.072 -18.835 1.00 95.52  ? 11  GLU C O   1 
ATOM   317  C CB  . GLU B 1 6  ? 18.899  -34.234 -21.776 1.00 95.52  ? 11  GLU C CB  1 
ATOM   318  C CG  . GLU B 1 6  ? 17.450  -34.238 -22.217 1.00 95.52  ? 11  GLU C CG  1 
ATOM   319  C CD  . GLU B 1 6  ? 17.115  -35.429 -23.090 1.00 95.52  ? 11  GLU C CD  1 
ATOM   320  O OE1 . GLU B 1 6  ? 16.052  -36.046 -22.877 1.00 95.52  ? 11  GLU C OE1 1 
ATOM   321  O OE2 . GLU B 1 6  ? 17.920  -35.750 -23.989 1.00 95.52  ? 11  GLU C OE2 1 
ATOM   322  N N   . VAL B 1 7  ? 17.553  -31.794 -20.048 1.00 84.36  ? 12  VAL C N   1 
ATOM   323  C CA  . VAL B 1 7  ? 16.648  -31.488 -18.946 1.00 84.36  ? 12  VAL C CA  1 
ATOM   324  C C   . VAL B 1 7  ? 15.225  -31.561 -19.478 1.00 84.36  ? 12  VAL C C   1 
ATOM   325  O O   . VAL B 1 7  ? 14.858  -30.810 -20.387 1.00 84.36  ? 12  VAL C O   1 
ATOM   326  C CB  . VAL B 1 7  ? 16.921  -30.108 -18.326 1.00 84.36  ? 12  VAL C CB  1 
ATOM   327  C CG1 . VAL B 1 7  ? 15.797  -29.725 -17.393 1.00 84.36  ? 12  VAL C CG1 1 
ATOM   328  C CG2 . VAL B 1 7  ? 18.237  -30.117 -17.583 1.00 84.36  ? 12  VAL C CG2 1 
ATOM   329  N N   . HIS B 1 8  ? 14.432  -32.466 -18.926 1.00 81.28  ? 13  HIS C N   1 
ATOM   330  C CA  . HIS B 1 8  ? 13.048  -32.650 -19.322 1.00 81.28  ? 13  HIS C CA  1 
ATOM   331  C C   . HIS B 1 8  ? 12.168  -31.663 -18.567 1.00 81.28  ? 13  HIS C C   1 
ATOM   332  O O   . HIS B 1 8  ? 12.643  -30.655 -18.042 1.00 81.28  ? 13  HIS C O   1 
ATOM   333  C CB  . HIS B 1 8  ? 12.612  -34.091 -19.091 1.00 81.28  ? 13  HIS C CB  1 
ATOM   334  C CG  . HIS B 1 8  ? 13.108  -35.038 -20.132 1.00 81.28  ? 13  HIS C CG  1 
ATOM   335  N ND1 . HIS B 1 8  ? 12.277  -35.620 -21.062 1.00 81.28  ? 13  HIS C ND1 1 
ATOM   336  C CD2 . HIS B 1 8  ? 14.352  -35.500 -20.395 1.00 81.28  ? 13  HIS C CD2 1 
ATOM   337  C CE1 . HIS B 1 8  ? 12.988  -36.404 -21.854 1.00 81.28  ? 13  HIS C CE1 1 
ATOM   338  N NE2 . HIS B 1 8  ? 14.250  -36.348 -21.469 1.00 81.28  ? 13  HIS C NE2 1 
ATOM   339  N N   . HIS B 1 9  ? 10.867  -31.937 -18.546 1.00 78.47  ? 14  HIS C N   1 
ATOM   340  C CA  . HIS B 1 9  ? 9.872   -31.048 -17.961 1.00 78.47  ? 14  HIS C CA  1 
ATOM   341  C C   . HIS B 1 9  ? 10.320  -30.513 -16.609 1.00 78.47  ? 14  HIS C C   1 
ATOM   342  O O   . HIS B 1 9  ? 10.479  -31.270 -15.649 1.00 78.47  ? 14  HIS C O   1 
ATOM   343  C CB  . HIS B 1 9  ? 8.545   -31.794 -17.811 1.00 78.47  ? 14  HIS C CB  1 
ATOM   344  C CG  . HIS B 1 9  ? 8.122   -32.539 -19.038 1.00 78.47  ? 14  HIS C CG  1 
ATOM   345  N ND1 . HIS B 1 9  ? 8.866   -33.565 -19.583 1.00 78.47  ? 14  HIS C ND1 1 
ATOM   346  C CD2 . HIS B 1 9  ? 7.026   -32.416 -19.820 1.00 78.47  ? 14  HIS C CD2 1 
ATOM   347  C CE1 . HIS B 1 9  ? 8.250   -34.034 -20.652 1.00 78.47  ? 14  HIS C CE1 1 
ATOM   348  N NE2 . HIS B 1 9  ? 7.129   -33.355 -20.817 1.00 78.47  ? 14  HIS C NE2 1 
ATOM   349  N N   . GLN B 1 10 ? 10.524  -29.202 -16.542 1.00 61.38  ? 15  GLN C N   1 
ATOM   350  C CA  . GLN B 1 10 ? 10.872  -28.511 -15.312 1.00 61.38  ? 15  GLN C CA  1 
ATOM   351  C C   . GLN B 1 10 ? 9.877   -27.387 -15.093 1.00 61.38  ? 15  GLN C C   1 
ATOM   352  O O   . GLN B 1 10 ? 9.516   -26.680 -16.035 1.00 61.38  ? 15  GLN C O   1 
ATOM   353  C CB  . GLN B 1 10 ? 12.289  -27.951 -15.363 1.00 61.38  ? 15  GLN C CB  1 
ATOM   354  C CG  . GLN B 1 10 ? 12.607  -26.996 -14.236 1.00 61.38  ? 15  GLN C CG  1 
ATOM   355  C CD  . GLN B 1 10 ? 13.984  -26.398 -14.352 1.00 61.38  ? 15  GLN C CD  1 
ATOM   356  O OE1 . GLN B 1 10 ? 14.791  -26.832 -15.168 1.00 61.38  ? 15  GLN C OE1 1 
ATOM   357  N NE2 . GLN B 1 10 ? 14.263  -25.396 -13.536 1.00 61.38  ? 15  GLN C NE2 1 
ATOM   358  N N   . LYS B 1 11 ? 9.433   -27.224 -13.851 1.00 52.56  ? 16  LYS C N   1 
ATOM   359  C CA  . LYS B 1 11 ? 8.401   -26.249 -13.527 1.00 52.56  ? 16  LYS C CA  1 
ATOM   360  C C   . LYS B 1 11 ? 8.766   -25.552 -12.227 1.00 52.56  ? 16  LYS C C   1 
ATOM   361  O O   . LYS B 1 11 ? 8.870   -26.202 -11.185 1.00 52.56  ? 16  LYS C O   1 
ATOM   362  C CB  . LYS B 1 11 ? 7.034   -26.926 -13.412 1.00 52.56  ? 16  LYS C CB  1 
ATOM   363  C CG  . LYS B 1 11 ? 5.875   -25.978 -13.240 1.00 52.56  ? 16  LYS C CG  1 
ATOM   364  C CD  . LYS B 1 11 ? 4.578   -26.747 -13.111 1.00 52.56  ? 16  LYS C CD  1 
ATOM   365  C CE  . LYS B 1 11 ? 3.392   -25.816 -12.981 1.00 52.56  ? 16  LYS C CE  1 
ATOM   366  N NZ  . LYS B 1 11 ? 2.141   -26.571 -12.708 1.00 52.56  ? 16  LYS C NZ  1 
ATOM   367  N N   . LEU B 1 12 ? 8.966   -24.241 -12.288 1.00 44.47  ? 17  LEU C N   1 
ATOM   368  C CA  . LEU B 1 12 ? 9.231   -23.430 -11.112 1.00 44.47  ? 17  LEU C CA  1 
ATOM   369  C C   . LEU B 1 12 ? 8.060   -22.492 -10.870 1.00 44.47  ? 17  LEU C C   1 
ATOM   370  O O   . LEU B 1 12 ? 7.453   -21.992 -11.820 1.00 44.47  ? 17  LEU C O   1 
ATOM   371  C CB  . LEU B 1 12 ? 10.513  -22.614 -11.272 1.00 44.47  ? 17  LEU C CB  1 
ATOM   372  C CG  . LEU B 1 12 ? 11.778  -23.300 -11.780 1.00 44.47  ? 17  LEU C CG  1 
ATOM   373  C CD1 . LEU B 1 12 ? 12.976  -22.420 -11.511 1.00 44.47  ? 17  LEU C CD1 1 
ATOM   374  C CD2 . LEU B 1 12 ? 11.967  -24.647 -11.138 1.00 44.47  ? 17  LEU C CD2 1 
ATOM   375  N N   . VAL B 1 13 ? 7.738   -22.259 -9.600  1.00 38.76  ? 18  VAL C N   1 
ATOM   376  C CA  . VAL B 1 13 ? 6.676   -21.332 -9.217  1.00 38.76  ? 18  VAL C CA  1 
ATOM   377  C C   . VAL B 1 13 ? 7.165   -20.513 -8.032  1.00 38.76  ? 18  VAL C C   1 
ATOM   378  O O   . VAL B 1 13 ? 7.436   -21.067 -6.964  1.00 38.76  ? 18  VAL C O   1 
ATOM   379  C CB  . VAL B 1 13 ? 5.366   -22.053 -8.857  1.00 38.76  ? 18  VAL C CB  1 
ATOM   380  C CG1 . VAL B 1 13 ? 4.362   -21.061 -8.321  1.00 38.76  ? 18  VAL C CG1 1 
ATOM   381  C CG2 . VAL B 1 13 ? 4.801   -22.768 -10.061 1.00 38.76  ? 18  VAL C CG2 1 
ATOM   382  N N   . PHE B 1 14 ? 7.279   -19.202 -8.217  1.00 39.33  ? 19  PHE C N   1 
ATOM   383  C CA  . PHE B 1 14 ? 7.657   -18.281 -7.156  1.00 39.33  ? 19  PHE C CA  1 
ATOM   384  C C   . PHE B 1 14 ? 6.636   -17.161 -7.118  1.00 39.33  ? 19  PHE C C   1 
ATOM   385  O O   . PHE B 1 14 ? 6.274   -16.629 -8.169  1.00 39.33  ? 19  PHE C O   1 
ATOM   386  C CB  . PHE B 1 14 ? 9.048   -17.687 -7.387  1.00 39.33  ? 19  PHE C CB  1 
ATOM   387  C CG  . PHE B 1 14 ? 10.157  -18.693 -7.394  1.00 39.33  ? 19  PHE C CG  1 
ATOM   388  C CD1 . PHE B 1 14 ? 10.348  -19.529 -8.474  1.00 39.33  ? 19  PHE C CD1 1 
ATOM   389  C CD2 . PHE B 1 14 ? 11.031  -18.779 -6.334  1.00 39.33  ? 19  PHE C CD2 1 
ATOM   390  C CE1 . PHE B 1 14 ? 11.374  -20.441 -8.485  1.00 39.33  ? 19  PHE C CE1 1 
ATOM   391  C CE2 . PHE B 1 14 ? 12.059  -19.691 -6.341  1.00 39.33  ? 19  PHE C CE2 1 
ATOM   392  C CZ  . PHE B 1 14 ? 12.229  -20.522 -7.417  1.00 39.33  ? 19  PHE C CZ  1 
ATOM   393  N N   . PHE B 1 15 ? 6.171   -16.795 -5.925  1.00 39.49  ? 20  PHE C N   1 
ATOM   394  C CA  . PHE B 1 15 ? 5.291   -15.639 -5.820  1.00 39.49  ? 20  PHE C CA  1 
ATOM   395  C C   . PHE B 1 15 ? 5.212   -15.153 -4.382  1.00 39.49  ? 20  PHE C C   1 
ATOM   396  O O   . PHE B 1 15 ? 5.659   -15.818 -3.451  1.00 39.49  ? 20  PHE C O   1 
ATOM   397  C CB  . PHE B 1 15 ? 3.894   -15.938 -6.372  1.00 39.49  ? 20  PHE C CB  1 
ATOM   398  C CG  . PHE B 1 15 ? 3.163   -17.026 -5.655  1.00 39.49  ? 20  PHE C CG  1 
ATOM   399  C CD1 . PHE B 1 15 ? 3.362   -18.346 -5.994  1.00 39.49  ? 20  PHE C CD1 1 
ATOM   400  C CD2 . PHE B 1 15 ? 2.242   -16.722 -4.676  1.00 39.49  ? 20  PHE C CD2 1 
ATOM   401  C CE1 . PHE B 1 15 ? 2.676   -19.344 -5.350  1.00 39.49  ? 20  PHE C CE1 1 
ATOM   402  C CE2 . PHE B 1 15 ? 1.554   -17.716 -4.030  1.00 39.49  ? 20  PHE C CE2 1 
ATOM   403  C CZ  . PHE B 1 15 ? 1.770   -19.027 -4.367  1.00 39.49  ? 20  PHE C CZ  1 
ATOM   404  N N   . ALA B 1 16 ? 4.648   -13.957 -4.225  1.00 46.66  ? 21  ALA C N   1 
ATOM   405  C CA  . ALA B 1 16 ? 4.372   -13.358 -2.925  1.00 46.66  ? 21  ALA C CA  1 
ATOM   406  C C   . ALA B 1 16 ? 3.020   -12.673 -3.020  1.00 46.66  ? 21  ALA C C   1 
ATOM   407  O O   . ALA B 1 16 ? 2.842   -11.783 -3.854  1.00 46.66  ? 21  ALA C O   1 
ATOM   408  C CB  . ALA B 1 16 ? 5.456   -12.354 -2.532  1.00 46.66  ? 21  ALA C CB  1 
ATOM   409  N N   . GLU B 1 17 ? 2.070   -13.072 -2.176  1.00 58.89  ? 22  GLU C N   1 
ATOM   410  C CA  . GLU B 1 17 ? 0.684   -12.694 -2.430  1.00 58.89  ? 22  GLU C CA  1 
ATOM   411  C C   . GLU B 1 17 ? 0.244   -11.422 -1.710  1.00 58.89  ? 22  GLU C C   1 
ATOM   412  O O   . GLU B 1 17 ? -0.114  -10.437 -2.360  1.00 58.89  ? 22  GLU C O   1 
ATOM   413  C CB  . GLU B 1 17 ? -0.245  -13.848 -2.057  1.00 58.89  ? 22  GLU C CB  1 
ATOM   414  C CG  . GLU B 1 17 ? -1.141  -14.275 -3.196  1.00 58.89  ? 22  GLU C CG  1 
ATOM   415  C CD  . GLU B 1 17 ? -2.095  -15.376 -2.804  1.00 58.89  ? 22  GLU C CD  1 
ATOM   416  O OE1 . GLU B 1 17 ? -3.173  -15.067 -2.254  1.00 58.89  ? 22  GLU C OE1 1 
ATOM   417  O OE2 . GLU B 1 17 ? -1.768  -16.555 -3.048  1.00 58.89  ? 22  GLU C OE2 1 
ATOM   418  N N   . ASP B 1 18 ? 0.269   -11.416 -0.382  1.00 60.07  ? 23  ASP C N   1 
ATOM   419  C CA  . ASP B 1 18 ? -0.332  -10.330 0.395   1.00 60.07  ? 23  ASP C CA  1 
ATOM   420  C C   . ASP B 1 18 ? 0.738   -9.662  1.246   1.00 60.07  ? 23  ASP C C   1 
ATOM   421  O O   . ASP B 1 18 ? 0.963   -10.053 2.392   1.00 60.07  ? 23  ASP C O   1 
ATOM   422  C CB  . ASP B 1 18 ? -1.462  -10.847 1.267   1.00 60.07  ? 23  ASP C CB  1 
ATOM   423  C CG  . ASP B 1 18 ? -2.802  -10.801 0.578   1.00 60.07  ? 23  ASP C CG  1 
ATOM   424  O OD1 . ASP B 1 18 ? -3.584  -11.762 0.734   1.00 60.07  ? 23  ASP C OD1 1 
ATOM   425  O OD2 . ASP B 1 18 ? -3.085  -9.803  -0.110  1.00 60.07  ? 23  ASP C OD2 1 
ATOM   426  N N   . VAL B 1 19 ? 1.381   -8.641  0.697   1.00 51.65  ? 24  VAL C N   1 
ATOM   427  C CA  . VAL B 1 19 ? 2.413   -7.893  1.402   1.00 51.65  ? 24  VAL C CA  1 
ATOM   428  C C   . VAL B 1 19 ? 1.864   -6.506  1.692   1.00 51.65  ? 24  VAL C C   1 
ATOM   429  O O   . VAL B 1 19 ? 1.513   -5.764  0.770   1.00 51.65  ? 24  VAL C O   1 
ATOM   430  C CB  . VAL B 1 19 ? 3.713   -7.817  0.589   1.00 51.65  ? 24  VAL C CB  1 
ATOM   431  C CG1 . VAL B 1 19 ? 4.777   -7.075  1.368   1.00 51.65  ? 24  VAL C CG1 1 
ATOM   432  C CG2 . VAL B 1 19 ? 4.184   -9.210  0.234   1.00 51.65  ? 24  VAL C CG2 1 
ATOM   433  N N   . GLY B 1 20 ? 1.774   -6.162  2.970   1.00 45.46  ? 25  GLY C N   1 
ATOM   434  C CA  . GLY B 1 20 ? 1.288   -4.852  3.342   1.00 45.46  ? 25  GLY C CA  1 
ATOM   435  C C   . GLY B 1 20 ? 2.264   -3.762  2.971   1.00 45.46  ? 25  GLY C C   1 
ATOM   436  O O   . GLY B 1 20 ? 1.993   -2.949  2.087   1.00 45.46  ? 25  GLY C O   1 
ATOM   437  N N   . SER B 1 21 ? 3.411   -3.740  3.635   1.00 47.48  ? 26  SER C N   1 
ATOM   438  C CA  . SER B 1 21 ? 4.470   -2.797  3.334   1.00 47.48  ? 26  SER C CA  1 
ATOM   439  C C   . SER B 1 21 ? 5.763   -3.556  3.103   1.00 47.48  ? 26  SER C C   1 
ATOM   440  O O   . SER B 1 21 ? 5.973   -4.637  3.658   1.00 47.48  ? 26  SER C O   1 
ATOM   441  C CB  . SER B 1 21 ? 4.662   -1.784  4.461   1.00 47.48  ? 26  SER C CB  1 
ATOM   442  O OG  . SER B 1 21 ? 5.931   -1.167  4.375   1.00 47.48  ? 26  SER C OG  1 
ATOM   443  N N   . ASN B 1 22 ? 6.632   -2.985  2.279   1.00 47.62  ? 27  ASN C N   1 
ATOM   444  C CA  . ASN B 1 22 ? 7.920   -3.594  1.982   1.00 47.62  ? 27  ASN C CA  1 
ATOM   445  C C   . ASN B 1 22 ? 8.964   -2.499  1.879   1.00 47.62  ? 27  ASN C C   1 
ATOM   446  O O   . ASN B 1 22 ? 8.853   -1.615  1.027   1.00 47.62  ? 27  ASN C O   1 
ATOM   447  C CB  . ASN B 1 22 ? 7.869   -4.403  0.688   1.00 47.62  ? 27  ASN C CB  1 
ATOM   448  C CG  . ASN B 1 22 ? 9.212   -4.982  0.318   1.00 47.62  ? 27  ASN C CG  1 
ATOM   449  O OD1 . ASN B 1 22 ? 9.937   -5.484  1.170   1.00 47.62  ? 27  ASN C OD1 1 
ATOM   450  N ND2 . ASN B 1 22 ? 9.558   -4.903  -0.957  1.00 47.62  ? 27  ASN C ND2 1 
ATOM   451  N N   . LYS B 1 23 ? 9.970   -2.556  2.743   1.00 49.10  ? 28  LYS C N   1 
ATOM   452  C CA  . LYS B 1 23 ? 11.097  -1.644  2.676   1.00 49.10  ? 28  LYS C CA  1 
ATOM   453  C C   . LYS B 1 23 ? 12.413  -2.361  2.428   1.00 49.10  ? 28  LYS C C   1 
ATOM   454  O O   . LYS B 1 23 ? 13.457  -1.703  2.370   1.00 49.10  ? 28  LYS C O   1 
ATOM   455  C CB  . LYS B 1 23 ? 11.196  -0.819  3.963   1.00 49.10  ? 28  LYS C CB  1 
ATOM   456  C CG  . LYS B 1 23 ? 9.901   -0.150  4.359   1.00 49.10  ? 28  LYS C CG  1 
ATOM   457  C CD  . LYS B 1 23 ? 10.163  1.109   5.152   1.00 49.10  ? 28  LYS C CD  1 
ATOM   458  C CE  . LYS B 1 23 ? 8.877   1.704   5.678   1.00 49.10  ? 28  LYS C CE  1 
ATOM   459  N NZ  . LYS B 1 23 ? 8.297   0.879   6.769   1.00 49.10  ? 28  LYS C NZ  1 
ATOM   460  N N   . GLY B 1 24 ? 12.395  -3.680  2.281   1.00 49.53  ? 29  GLY C N   1 
ATOM   461  C CA  . GLY B 1 24 ? 13.599  -4.433  2.010   1.00 49.53  ? 29  GLY C CA  1 
ATOM   462  C C   . GLY B 1 24 ? 13.577  -5.082  0.644   1.00 49.53  ? 29  GLY C C   1 
ATOM   463  O O   . GLY B 1 24 ? 13.168  -4.458  -0.336  1.00 49.53  ? 29  GLY C O   1 
ATOM   464  N N   . ALA B 1 25 ? 14.004  -6.336  0.565   1.00 45.34  ? 30  ALA C N   1 
ATOM   465  C CA  . ALA B 1 25 ? 14.096  -7.051  -0.697  1.00 45.34  ? 30  ALA C CA  1 
ATOM   466  C C   . ALA B 1 25 ? 13.229  -8.299  -0.656  1.00 45.34  ? 30  ALA C C   1 
ATOM   467  O O   . ALA B 1 25 ? 13.203  -9.016  0.346   1.00 45.34  ? 30  ALA C O   1 
ATOM   468  C CB  . ALA B 1 25 ? 15.542  -7.437  -1.003  1.00 45.34  ? 30  ALA C CB  1 
ATOM   469  N N   . ILE B 1 26 ? 12.517  -8.550  -1.750  1.00 40.76  ? 31  ILE C N   1 
ATOM   470  C CA  . ILE B 1 26 ? 11.725  -9.768  -1.922  1.00 40.76  ? 31  ILE C CA  1 
ATOM   471  C C   . ILE B 1 26 ? 12.179  -10.378 -3.244  1.00 40.76  ? 31  ILE C C   1 
ATOM   472  O O   . ILE B 1 26 ? 11.665  -10.037 -4.313  1.00 40.76  ? 31  ILE C O   1 
ATOM   473  C CB  . ILE B 1 26 ? 10.219  -9.500  -1.921  1.00 40.76  ? 31  ILE C CB  1 
ATOM   474  C CG1 . ILE B 1 26 ? 9.814   -8.769  -0.645  1.00 40.76  ? 31  ILE C CG1 1 
ATOM   475  C CG2 . ILE B 1 26 ? 9.454   -10.795 -2.041  1.00 40.76  ? 31  ILE C CG2 1 
ATOM   476  C CD1 . ILE B 1 26 ? 8.330   -8.598  -0.492  1.00 40.76  ? 31  ILE C CD1 1 
ATOM   477  N N   . ILE B 1 27 ? 13.147  -11.285 -3.181  1.00 41.24  ? 32  ILE C N   1 
ATOM   478  C CA  . ILE B 1 27 ? 13.775  -11.861 -4.363  1.00 41.24  ? 32  ILE C CA  1 
ATOM   479  C C   . ILE B 1 27 ? 13.338  -13.310 -4.485  1.00 41.24  ? 32  ILE C C   1 
ATOM   480  O O   . ILE B 1 27 ? 13.327  -14.047 -3.494  1.00 41.24  ? 32  ILE C O   1 
ATOM   481  C CB  . ILE B 1 27 ? 15.305  -11.749 -4.287  1.00 41.24  ? 32  ILE C CB  1 
ATOM   482  C CG1 . ILE B 1 27 ? 15.704  -10.298 -4.042  1.00 41.24  ? 32  ILE C CG1 1 
ATOM   483  C CG2 . ILE B 1 27 ? 15.937  -12.263 -5.558  1.00 41.24  ? 32  ILE C CG2 1 
ATOM   484  C CD1 . ILE B 1 27 ? 17.148  -10.120 -3.704  1.00 41.24  ? 32  ILE C CD1 1 
ATOM   485  N N   . GLY B 1 28 ? 12.980  -13.719 -5.696  1.00 41.32  ? 33  GLY C N   1 
ATOM   486  C CA  . GLY B 1 28 ? 12.516  -15.072 -5.924  1.00 41.32  ? 33  GLY C CA  1 
ATOM   487  C C   . GLY B 1 28 ? 13.633  -16.075 -6.104  1.00 41.32  ? 33  GLY C C   1 
ATOM   488  O O   . GLY B 1 28 ? 13.695  -17.077 -5.389  1.00 41.32  ? 33  GLY C O   1 
ATOM   489  N N   . LEU B 1 29 ? 14.523  -15.822 -7.058  1.00 47.58  ? 34  LEU C N   1 
ATOM   490  C CA  . LEU B 1 29 ? 15.628  -16.723 -7.356  1.00 47.58  ? 34  LEU C CA  1 
ATOM   491  C C   . LEU B 1 29 ? 16.860  -15.878 -7.629  1.00 47.58  ? 34  LEU C C   1 
ATOM   492  O O   . LEU B 1 29 ? 16.851  -15.049 -8.541  1.00 47.58  ? 34  LEU C O   1 
ATOM   493  C CB  . LEU B 1 29 ? 15.298  -17.609 -8.556  1.00 47.58  ? 34  LEU C CB  1 
ATOM   494  C CG  . LEU B 1 29 ? 16.107  -18.879 -8.794  1.00 47.58  ? 34  LEU C CG  1 
ATOM   495  C CD1 . LEU B 1 29 ? 15.214  -19.929 -9.405  1.00 47.58  ? 34  LEU C CD1 1 
ATOM   496  C CD2 . LEU B 1 29 ? 17.273  -18.610 -9.704  1.00 47.58  ? 34  LEU C CD2 1 
ATOM   497  N N   . MET B 1 30 ? 17.914  -16.081 -6.844  1.00 54.56  ? 35  MET C N   1 
ATOM   498  C CA  . MET B 1 30 ? 19.102  -15.238 -6.886  1.00 54.56  ? 35  MET C CA  1 
ATOM   499  C C   . MET B 1 30 ? 20.309  -16.077 -7.279  1.00 54.56  ? 35  MET C C   1 
ATOM   500  O O   . MET B 1 30 ? 20.643  -17.047 -6.592  1.00 54.56  ? 35  MET C O   1 
ATOM   501  C CB  . MET B 1 30 ? 19.335  -14.566 -5.534  1.00 54.56  ? 35  MET C CB  1 
ATOM   502  C CG  . MET B 1 30 ? 20.500  -13.604 -5.511  1.00 54.56  ? 35  MET C CG  1 
ATOM   503  S SD  . MET B 1 30 ? 20.006  -11.916 -5.870  1.00 54.56  ? 35  MET C SD  1 
ATOM   504  C CE  . MET B 1 30 ? 21.501  -11.044 -5.447  1.00 54.56  ? 35  MET C CE  1 
ATOM   505  N N   . VAL B 1 31 ? 20.965  -15.697 -8.375  1.00 56.82  ? 36  VAL C N   1 
ATOM   506  C CA  . VAL B 1 31 ? 22.154  -16.388 -8.836  1.00 56.82  ? 36  VAL C CA  1 
ATOM   507  C C   . VAL B 1 31 ? 23.397  -15.507 -8.779  1.00 56.82  ? 36  VAL C C   1 
ATOM   508  O O   . VAL B 1 31 ? 24.505  -16.032 -8.628  1.00 56.82  ? 36  VAL C O   1 
ATOM   509  C CB  . VAL B 1 31 ? 21.948  -16.941 -10.260 1.00 56.82  ? 36  VAL C CB  1 
ATOM   510  C CG1 . VAL B 1 31 ? 23.043  -17.925 -10.612 1.00 56.82  ? 36  VAL C CG1 1 
ATOM   511  C CG2 . VAL B 1 31 ? 20.598  -17.597 -10.380 1.00 56.82  ? 36  VAL C CG2 1 
ATOM   512  N N   . GLY B 1 32 ? 23.251  -14.195 -8.891  1.00 60.54  ? 37  GLY C N   1 
ATOM   513  C CA  . GLY B 1 32 ? 24.401  -13.321 -8.830  1.00 60.54  ? 37  GLY C CA  1 
ATOM   514  C C   . GLY B 1 32 ? 23.975  -11.883 -8.654  1.00 60.54  ? 37  GLY C C   1 
ATOM   515  O O   . GLY B 1 32 ? 22.811  -11.590 -8.385  1.00 60.54  ? 37  GLY C O   1 
ATOM   516  N N   . GLY B 1 33 ? 24.939  -10.985 -8.811  1.00 59.85  ? 38  GLY C N   1 
ATOM   517  C CA  . GLY B 1 33 ? 24.667  -9.568  -8.709  1.00 59.85  ? 38  GLY C CA  1 
ATOM   518  C C   . GLY B 1 33 ? 24.612  -9.083  -7.276  1.00 59.85  ? 38  GLY C C   1 
ATOM   519  O O   . GLY B 1 33 ? 24.841  -9.819  -6.318  1.00 59.85  ? 38  GLY C O   1 
ATOM   520  N N   . VAL B 1 34 ? 24.297  -7.799  -7.134  1.00 56.03  ? 39  VAL C N   1 
ATOM   521  C CA  . VAL B 1 34 ? 24.204  -7.144  -5.836  1.00 56.03  ? 39  VAL C CA  1 
ATOM   522  C C   . VAL B 1 34 ? 22.835  -6.495  -5.721  1.00 56.03  ? 39  VAL C C   1 
ATOM   523  O O   . VAL B 1 34 ? 22.378  -5.835  -6.661  1.00 56.03  ? 39  VAL C O   1 
ATOM   524  C CB  . VAL B 1 34 ? 25.313  -6.094  -5.645  1.00 56.03  ? 39  VAL C CB  1 
ATOM   525  C CG1 . VAL B 1 34 ? 25.286  -5.550  -4.234  1.00 56.03  ? 39  VAL C CG1 1 
ATOM   526  C CG2 . VAL B 1 34 ? 26.667  -6.692  -5.956  1.00 56.03  ? 39  VAL C CG2 1 
ATOM   527  N N   . VAL B 1 35 ? 22.183  -6.683  -4.578  1.00 57.17  ? 40  VAL C N   1 
ATOM   528  C CA  . VAL B 1 35 ? 20.900  -6.056  -4.281  1.00 57.17  ? 40  VAL C CA  1 
ATOM   529  C C   . VAL B 1 35 ? 21.020  -5.368  -2.931  1.00 57.17  ? 40  VAL C C   1 
ATOM   530  O O   . VAL B 1 35 ? 21.239  -6.032  -1.912  1.00 57.17  ? 40  VAL C O   1 
ATOM   531  C CB  . VAL B 1 35 ? 19.745  -7.067  -4.265  1.00 57.17  ? 40  VAL C CB  1 
ATOM   532  C CG1 . VAL B 1 35 ? 18.462  -6.384  -3.858  1.00 57.17  ? 40  VAL C CG1 1 
ATOM   533  C CG2 . VAL B 1 35 ? 19.587  -7.705  -5.625  1.00 57.17  ? 40  VAL C CG2 1 
ATOM   534  N N   . ILE B 1 36 ? 20.875  -4.049  -2.920  1.00 59.12  ? 41  ILE C N   1 
ATOM   535  C CA  . ILE B 1 36 ? 21.000  -3.253  -1.708  1.00 59.12  ? 41  ILE C CA  1 
ATOM   536  C C   . ILE B 1 36 ? 19.618  -2.752  -1.325  1.00 59.12  ? 41  ILE C C   1 
ATOM   537  O O   . ILE B 1 36 ? 18.964  -2.058  -2.112  1.00 59.12  ? 41  ILE C O   1 
ATOM   538  C CB  . ILE B 1 36 ? 21.979  -2.088  -1.894  1.00 59.12  ? 41  ILE C CB  1 
ATOM   539  C CG1 . ILE B 1 36 ? 23.366  -2.627  -2.234  1.00 59.12  ? 41  ILE C CG1 1 
ATOM   540  C CG2 . ILE B 1 36 ? 22.032  -1.240  -0.643  1.00 59.12  ? 41  ILE C CG2 1 
ATOM   541  C CD1 . ILE B 1 36 ? 24.341  -1.565  -2.646  1.00 59.12  ? 41  ILE C CD1 1 
ATOM   542  N N   . ALA B 1 37 ? 19.181  -3.104  -0.119  1.00 61.85  ? 42  ALA C N   1 
ATOM   543  C CA  . ALA B 1 37 ? 17.866  -2.736  0.401   1.00 61.85  ? 42  ALA C CA  1 
ATOM   544  C C   . ALA B 1 37 ? 16.754  -3.167  -0.543  1.00 61.85  ? 42  ALA C C   1 
ATOM   545  O O   . ALA B 1 37 ? 16.217  -2.352  -1.288  1.00 61.85  ? 42  ALA C O   1 
ATOM   546  C CB  . ALA B 1 37 ? 17.793  -1.238  0.660   1.00 61.85  ? 42  ALA C CB  1 
ATOM   547  N N   . HIS C 1 1  ? 21.260  -17.752 -20.937 1.00 85.01  ? 6   HIS D N   1 
ATOM   548  C CA  . HIS C 1 1  ? 20.748  -18.802 -20.064 1.00 85.01  ? 6   HIS D CA  1 
ATOM   549  C C   . HIS C 1 1  ? 21.388  -20.145 -20.368 1.00 85.01  ? 6   HIS D C   1 
ATOM   550  O O   . HIS C 1 1  ? 22.604  -20.266 -20.508 1.00 85.01  ? 6   HIS D O   1 
ATOM   551  C CB  . HIS C 1 1  ? 19.230  -18.924 -20.199 1.00 85.01  ? 6   HIS D CB  1 
ATOM   552  C CG  . HIS C 1 1  ? 18.473  -17.808 -19.557 1.00 85.01  ? 6   HIS D CG  1 
ATOM   553  N ND1 . HIS C 1 1  ? 17.113  -17.652 -19.704 1.00 85.01  ? 6   HIS D ND1 1 
ATOM   554  C CD2 . HIS C 1 1  ? 18.885  -16.792 -18.764 1.00 85.01  ? 6   HIS D CD2 1 
ATOM   555  C CE1 . HIS C 1 1  ? 16.719  -16.589 -19.029 1.00 85.01  ? 6   HIS D CE1 1 
ATOM   556  N NE2 . HIS C 1 1  ? 17.775  -16.049 -18.449 1.00 85.01  ? 6   HIS D NE2 1 
ATOM   557  N N   . ASP C 1 2  ? 20.534  -21.156 -20.474 1.00 89.66  ? 7   ASP D N   1 
ATOM   558  C CA  . ASP C 1 2  ? 20.955  -22.511 -20.803 1.00 89.66  ? 7   ASP D CA  1 
ATOM   559  C C   . ASP C 1 2  ? 21.285  -22.567 -22.291 1.00 89.66  ? 7   ASP D C   1 
ATOM   560  O O   . ASP C 1 2  ? 20.512  -23.058 -23.117 1.00 89.66  ? 7   ASP D O   1 
ATOM   561  C CB  . ASP C 1 2  ? 19.869  -23.505 -20.419 1.00 89.66  ? 7   ASP D CB  1 
ATOM   562  C CG  . ASP C 1 2  ? 18.484  -22.991 -20.721 1.00 89.66  ? 7   ASP D CG  1 
ATOM   563  O OD1 . ASP C 1 2  ? 18.375  -21.864 -21.235 1.00 89.66  ? 7   ASP D OD1 1 
ATOM   564  O OD2 . ASP C 1 2  ? 17.503  -23.705 -20.440 1.00 89.66  ? 7   ASP D OD2 1 
ATOM   565  N N   . SER C 1 3  ? 22.473  -22.064 -22.632 1.00 97.16  ? 8   SER D N   1 
ATOM   566  C CA  . SER C 1 3  ? 22.853  -21.863 -24.029 1.00 97.16  ? 8   SER D CA  1 
ATOM   567  C C   . SER C 1 3  ? 22.765  -23.145 -24.842 1.00 97.16  ? 8   SER D C   1 
ATOM   568  O O   . SER C 1 3  ? 21.914  -23.264 -25.728 1.00 97.16  ? 8   SER D O   1 
ATOM   569  C CB  . SER C 1 3  ? 24.269  -21.288 -24.120 1.00 97.16  ? 8   SER D CB  1 
ATOM   570  O OG  . SER C 1 3  ? 24.267  -19.882 -23.941 1.00 97.16  ? 8   SER D OG  1 
ATOM   571  N N   . GLY C 1 4  ? 23.622  -24.109 -24.529 1.00 105.05 ? 9   GLY D N   1 
ATOM   572  C CA  . GLY C 1 4  ? 23.568  -25.399 -25.188 1.00 105.05 ? 9   GLY D CA  1 
ATOM   573  C C   . GLY C 1 4  ? 23.610  -25.295 -26.692 1.00 105.05 ? 9   GLY D C   1 
ATOM   574  O O   . GLY C 1 4  ? 24.278  -24.430 -27.261 1.00 105.05 ? 9   GLY D O   1 
ATOM   575  N N   . TYR C 1 5  ? 22.907  -26.210 -27.348 1.00 113.32 ? 10  TYR D N   1 
ATOM   576  C CA  . TYR C 1 5  ? 22.693  -26.182 -28.788 1.00 113.32 ? 10  TYR D CA  1 
ATOM   577  C C   . TYR C 1 5  ? 21.230  -26.027 -29.152 1.00 113.32 ? 10  TYR D C   1 
ATOM   578  O O   . TYR C 1 5  ? 20.903  -25.280 -30.076 1.00 113.32 ? 10  TYR D O   1 
ATOM   579  C CB  . TYR C 1 5  ? 23.215  -27.465 -29.457 1.00 113.32 ? 10  TYR D CB  1 
ATOM   580  C CG  . TYR C 1 5  ? 24.683  -27.773 -29.284 1.00 113.32 ? 10  TYR D CG  1 
ATOM   581  C CD1 . TYR C 1 5  ? 25.560  -26.848 -28.741 1.00 113.32 ? 10  TYR D CD1 1 
ATOM   582  C CD2 . TYR C 1 5  ? 25.191  -28.993 -29.689 1.00 113.32 ? 10  TYR D CD2 1 
ATOM   583  C CE1 . TYR C 1 5  ? 26.899  -27.142 -28.588 1.00 113.32 ? 10  TYR D CE1 1 
ATOM   584  C CE2 . TYR C 1 5  ? 26.521  -29.292 -29.549 1.00 113.32 ? 10  TYR D CE2 1 
ATOM   585  C CZ  . TYR C 1 5  ? 27.376  -28.369 -28.993 1.00 113.32 ? 10  TYR D CZ  1 
ATOM   586  N N   . GLU C 1 6  ? 20.340  -26.722 -28.452 1.00 96.05  ? 11  GLU D N   1 
ATOM   587  C CA  . GLU C 1 6  ? 18.925  -26.736 -28.777 1.00 96.05  ? 11  GLU D CA  1 
ATOM   588  C C   . GLU C 1 6  ? 18.113  -26.472 -27.522 1.00 96.05  ? 11  GLU D C   1 
ATOM   589  O O   . GLU C 1 6  ? 18.461  -26.943 -26.438 1.00 96.05  ? 11  GLU D O   1 
ATOM   590  C CB  . GLU C 1 6  ? 18.517  -28.075 -29.391 1.00 96.05  ? 11  GLU D CB  1 
ATOM   591  C CG  . GLU C 1 6  ? 17.081  -28.129 -29.871 1.00 96.05  ? 11  GLU D CG  1 
ATOM   592  C CD  . GLU C 1 6  ? 16.814  -29.321 -30.763 1.00 96.05  ? 11  GLU D CD  1 
ATOM   593  O OE1 . GLU C 1 6  ? 15.769  -29.980 -30.585 1.00 96.05  ? 11  GLU D OE1 1 
ATOM   594  O OE2 . GLU C 1 6  ? 17.653  -29.601 -31.645 1.00 96.05  ? 11  GLU D OE2 1 
ATOM   595  N N   . VAL C 1 7  ? 17.034  -25.706 -27.675 1.00 85.44  ? 12  VAL D N   1 
ATOM   596  C CA  . VAL C 1 7  ? 16.091  -25.446 -26.594 1.00 85.44  ? 12  VAL D CA  1 
ATOM   597  C C   . VAL C 1 7  ? 14.686  -25.567 -27.164 1.00 85.44  ? 12  VAL D C   1 
ATOM   598  O O   . VAL C 1 7  ? 14.315  -24.820 -28.075 1.00 85.44  ? 12  VAL D O   1 
ATOM   599  C CB  . VAL C 1 7  ? 16.295  -24.063 -25.953 1.00 85.44  ? 12  VAL D CB  1 
ATOM   600  C CG1 . VAL C 1 7  ? 15.134  -23.733 -25.046 1.00 85.44  ? 12  VAL D CG1 1 
ATOM   601  C CG2 . VAL C 1 7  ? 17.592  -24.031 -25.176 1.00 85.44  ? 12  VAL D CG2 1 
ATOM   602  N N   . HIS C 1 8  ? 13.914  -26.506 -26.642 1.00 83.35  ? 13  HIS D N   1 
ATOM   603  C CA  . HIS C 1 8  ? 12.548  -26.738 -27.077 1.00 83.35  ? 13  HIS D CA  1 
ATOM   604  C C   . HIS C 1 8  ? 11.612  -25.793 -26.336 1.00 83.35  ? 13  HIS D C   1 
ATOM   605  O O   . HIS C 1 8  ? 12.034  -24.774 -25.788 1.00 83.35  ? 13  HIS D O   1 
ATOM   606  C CB  . HIS C 1 8  ? 12.161  -28.196 -26.871 1.00 83.35  ? 13  HIS D CB  1 
ATOM   607  C CG  . HIS C 1 8  ? 12.719  -29.114 -27.909 1.00 83.35  ? 13  HIS D CG  1 
ATOM   608  N ND1 . HIS C 1 8  ? 11.936  -29.715 -28.866 1.00 83.35  ? 13  HIS D ND1 1 
ATOM   609  C CD2 . HIS C 1 8  ? 13.987  -29.524 -28.144 1.00 83.35  ? 13  HIS D CD2 1 
ATOM   610  C CE1 . HIS C 1 8  ? 12.696  -30.463 -29.647 1.00 83.35  ? 13  HIS D CE1 1 
ATOM   611  N NE2 . HIS C 1 8  ? 13.944  -30.365 -29.229 1.00 83.35  ? 13  HIS D NE2 1 
ATOM   612  N N   . HIS C 1 9  ? 10.322  -26.116 -26.352 1.00 78.79  ? 14  HIS D N   1 
ATOM   613  C CA  . HIS C 1 9  ? 9.279   -25.271 -25.783 1.00 78.79  ? 14  HIS D CA  1 
ATOM   614  C C   . HIS C 1 9  ? 9.672   -24.735 -24.415 1.00 78.79  ? 14  HIS D C   1 
ATOM   615  O O   . HIS C 1 9  ? 9.835   -25.496 -23.459 1.00 78.79  ? 14  HIS D O   1 
ATOM   616  C CB  . HIS C 1 9  ? 7.978   -26.068 -25.676 1.00 78.79  ? 14  HIS D CB  1 
ATOM   617  C CG  . HIS C 1 9  ? 7.616   -26.815 -26.922 1.00 78.79  ? 14  HIS D CG  1 
ATOM   618  N ND1 . HIS C 1 9  ? 8.411   -27.805 -27.457 1.00 78.79  ? 14  HIS D ND1 1 
ATOM   619  C CD2 . HIS C 1 9  ? 6.536   -26.724 -27.732 1.00 78.79  ? 14  HIS D CD2 1 
ATOM   620  C CE1 . HIS C 1 9  ? 7.841   -28.285 -28.546 1.00 78.79  ? 14  HIS D CE1 1 
ATOM   621  N NE2 . HIS C 1 9  ? 6.701   -27.647 -28.735 1.00 78.79  ? 14  HIS D NE2 1 
ATOM   622  N N   . GLN C 1 10 ? 9.823   -23.417 -24.330 1.00 60.75  ? 15  GLN D N   1 
ATOM   623  C CA  . GLN C 1 10 ? 10.113  -22.727 -23.084 1.00 60.75  ? 15  GLN D CA  1 
ATOM   624  C C   . GLN C 1 10 ? 9.072   -21.643 -22.880 1.00 60.75  ? 15  GLN D C   1 
ATOM   625  O O   . GLN C 1 10 ? 8.709   -20.941 -23.825 1.00 60.75  ? 15  GLN D O   1 
ATOM   626  C CB  . GLN C 1 10 ? 11.509  -22.114 -23.092 1.00 60.75  ? 15  GLN D CB  1 
ATOM   627  C CG  . GLN C 1 10 ? 11.762  -21.161 -21.947 1.00 60.75  ? 15  GLN D CG  1 
ATOM   628  C CD  . GLN C 1 10 ? 13.118  -20.510 -22.022 1.00 60.75  ? 15  GLN D CD  1 
ATOM   629  O OE1 . GLN C 1 10 ? 13.962  -20.903 -22.820 1.00 60.75  ? 15  GLN D OE1 1 
ATOM   630  N NE2 . GLN C 1 10 ? 13.338  -19.506 -21.188 1.00 60.75  ? 15  GLN D NE2 1 
ATOM   631  N N   . LYS C 1 11 ? 8.590   -21.512 -21.649 1.00 51.03  ? 16  LYS D N   1 
ATOM   632  C CA  . LYS C 1 11 ? 7.513   -20.578 -21.343 1.00 51.03  ? 16  LYS D CA  1 
ATOM   633  C C   . LYS C 1 11 ? 7.818   -19.884 -20.027 1.00 51.03  ? 16  LYS D C   1 
ATOM   634  O O   . LYS C 1 11 ? 7.919   -20.540 -18.989 1.00 51.03  ? 16  LYS D O   1 
ATOM   635  C CB  . LYS C 1 11 ? 6.171   -21.309 -21.271 1.00 51.03  ? 16  LYS D CB  1 
ATOM   636  C CG  . LYS C 1 11 ? 4.973   -20.407 -21.120 1.00 51.03  ? 16  LYS D CG  1 
ATOM   637  C CD  . LYS C 1 11 ? 3.703   -21.225 -21.033 1.00 51.03  ? 16  LYS D CD  1 
ATOM   638  C CE  . LYS C 1 11 ? 2.478   -20.340 -20.925 1.00 51.03  ? 16  LYS D CE  1 
ATOM   639  N NZ  . LYS C 1 11 ? 1.251   -21.144 -20.693 1.00 51.03  ? 16  LYS D NZ  1 
ATOM   640  N N   . LEU C 1 12 ? 7.969   -18.565 -20.070 1.00 42.03  ? 17  LEU D N   1 
ATOM   641  C CA  . LEU C 1 12 ? 8.173   -17.757 -18.878 1.00 42.03  ? 17  LEU D CA  1 
ATOM   642  C C   . LEU C 1 12 ? 6.961   -16.867 -18.659 1.00 42.03  ? 17  LEU D C   1 
ATOM   643  O O   . LEU C 1 12 ? 6.361   -16.381 -19.618 1.00 42.03  ? 17  LEU D O   1 
ATOM   644  C CB  . LEU C 1 12 ? 9.427   -16.893 -18.996 1.00 42.03  ? 17  LEU D CB  1 
ATOM   645  C CG  . LEU C 1 12 ? 10.730  -17.525 -19.477 1.00 42.03  ? 17  LEU D CG  1 
ATOM   646  C CD1 . LEU C 1 12 ? 11.887  -16.603 -19.168 1.00 42.03  ? 17  LEU D CD1 1 
ATOM   647  C CD2 . LEU C 1 12 ? 10.954  -18.871 -18.844 1.00 42.03  ? 17  LEU D CD2 1 
ATOM   648  N N   . VAL C 1 13 ? 6.598   -16.661 -17.395 1.00 37.32  ? 18  VAL D N   1 
ATOM   649  C CA  . VAL C 1 13 ? 5.493   -15.779 -17.030 1.00 37.32  ? 18  VAL D CA  1 
ATOM   650  C C   . VAL C 1 13 ? 5.919   -14.954 -15.826 1.00 37.32  ? 18  VAL D C   1 
ATOM   651  O O   . VAL C 1 13 ? 6.183   -15.509 -14.756 1.00 37.32  ? 18  VAL D O   1 
ATOM   652  C CB  . VAL C 1 13 ? 4.201   -16.551 -16.713 1.00 37.32  ? 18  VAL D CB  1 
ATOM   653  C CG1 . VAL C 1 13 ? 3.147   -15.604 -16.193 1.00 37.32  ? 18  VAL D CG1 1 
ATOM   654  C CG2 . VAL C 1 13 ? 3.696   -17.274 -17.939 1.00 37.32  ? 18  VAL D CG2 1 
ATOM   655  N N   . PHE C 1 14 ? 5.988   -13.638 -15.994 1.00 38.97  ? 19  PHE D N   1 
ATOM   656  C CA  . PHE C 1 14 ? 6.304   -12.715 -14.914 1.00 38.97  ? 19  PHE D CA  1 
ATOM   657  C C   . PHE C 1 14 ? 5.240   -11.634 -14.891 1.00 38.97  ? 19  PHE D C   1 
ATOM   658  O O   . PHE C 1 14 ? 4.886   -11.105 -15.947 1.00 38.97  ? 19  PHE D O   1 
ATOM   659  C CB  . PHE C 1 14 ? 7.677   -12.068 -15.102 1.00 38.97  ? 19  PHE D CB  1 
ATOM   660  C CG  . PHE C 1 14 ? 8.823   -13.031 -15.091 1.00 38.97  ? 19  PHE D CG  1 
ATOM   661  C CD1 . PHE C 1 14 ? 9.073   -13.847 -16.174 1.00 38.97  ? 19  PHE D CD1 1 
ATOM   662  C CD2 . PHE C 1 14 ? 9.672   -13.096 -14.008 1.00 38.97  ? 19  PHE D CD2 1 
ATOM   663  C CE1 . PHE C 1 14 ? 10.133  -14.720 -16.167 1.00 38.97  ? 19  PHE D CE1 1 
ATOM   664  C CE2 . PHE C 1 14 ? 10.733  -13.969 -13.997 1.00 38.97  ? 19  PHE D CE2 1 
ATOM   665  C CZ  . PHE C 1 14 ? 10.962  -14.781 -15.077 1.00 38.97  ? 19  PHE D CZ  1 
ATOM   666  N N   . PHE C 1 15 ? 4.732   -11.300 -13.707 1.00 39.74  ? 20  PHE D N   1 
ATOM   667  C CA  . PHE C 1 15 ? 3.806   -10.178 -13.615 1.00 39.74  ? 20  PHE D CA  1 
ATOM   668  C C   . PHE C 1 15 ? 3.671   -9.712  -12.174 1.00 39.74  ? 20  PHE D C   1 
ATOM   669  O O   . PHE C 1 15 ? 4.118   -10.369 -11.238 1.00 39.74  ? 20  PHE D O   1 
ATOM   670  C CB  . PHE C 1 15 ? 2.436   -10.523 -14.206 1.00 39.74  ? 20  PHE D CB  1 
ATOM   671  C CG  . PHE C 1 15 ? 1.729   -11.645 -13.520 1.00 39.74  ? 20  PHE D CG  1 
ATOM   672  C CD1 . PHE C 1 15 ? 1.985   -12.954 -13.867 1.00 39.74  ? 20  PHE D CD1 1 
ATOM   673  C CD2 . PHE C 1 15 ? 0.772   -11.388 -12.563 1.00 39.74  ? 20  PHE D CD2 1 
ATOM   674  C CE1 . PHE C 1 15 ? 1.321   -13.983 -13.251 1.00 39.74  ? 20  PHE D CE1 1 
ATOM   675  C CE2 . PHE C 1 15 ? 0.105   -12.413 -11.945 1.00 39.74  ? 20  PHE D CE2 1 
ATOM   676  C CZ  . PHE C 1 15 ? 0.378   -13.713 -12.289 1.00 39.74  ? 20  PHE D CZ  1 
ATOM   677  N N   . ALA C 1 16 ? 3.059   -8.540  -12.021 1.00 45.62  ? 21  ALA D N   1 
ATOM   678  C CA  . ALA C 1 16 ? 2.727   -7.965  -10.722 1.00 45.62  ? 21  ALA D CA  1 
ATOM   679  C C   . ALA C 1 16 ? 1.353   -7.331  -10.846 1.00 45.62  ? 21  ALA D C   1 
ATOM   680  O O   . ALA C 1 16 ? 1.163   -6.439  -11.675 1.00 45.62  ? 21  ALA D O   1 
ATOM   681  C CB  . ALA C 1 16 ? 3.762   -6.925  -10.291 1.00 45.62  ? 21  ALA D CB  1 
ATOM   682  N N   . GLU C 1 17 ? 0.396   -7.775  -10.032 1.00 53.67  ? 22  GLU D N   1 
ATOM   683  C CA  . GLU C 1 17 ? -0.996  -7.446  -10.318 1.00 53.67  ? 22  GLU D CA  1 
ATOM   684  C C   . GLU C 1 17 ? -1.501  -6.198  -9.597  1.00 53.67  ? 22  GLU D C   1 
ATOM   685  O O   . GLU C 1 17 ? -1.880  -5.221  -10.247 1.00 53.67  ? 22  GLU D O   1 
ATOM   686  C CB  . GLU C 1 17 ? -1.890  -8.638  -9.982  1.00 53.67  ? 22  GLU D CB  1 
ATOM   687  C CG  . GLU C 1 17 ? -2.739  -9.086  -11.148 1.00 53.67  ? 22  GLU D CG  1 
ATOM   688  C CD  . GLU C 1 17 ? -3.661  -10.226 -10.792 1.00 53.67  ? 22  GLU D CD  1 
ATOM   689  O OE1 . GLU C 1 17 ? -4.764  -9.964  -10.268 1.00 53.67  ? 22  GLU D OE1 1 
ATOM   690  O OE2 . GLU C 1 17 ? -3.283  -11.389 -11.040 1.00 53.67  ? 22  GLU D OE2 1 
ATOM   691  N N   . ASP C 1 18 ? -1.511  -6.206  -8.269  1.00 54.76  ? 23  ASP D N   1 
ATOM   692  C CA  . ASP C 1 18 ? -2.174  -5.152  -7.498  1.00 54.76  ? 23  ASP D CA  1 
ATOM   693  C C   . ASP C 1 18 ? -1.151  -4.454  -6.612  1.00 54.76  ? 23  ASP D C   1 
ATOM   694  O O   . ASP C 1 18 ? -0.942  -4.849  -5.464  1.00 54.76  ? 23  ASP D O   1 
ATOM   695  C CB  . ASP C 1 18 ? -3.305  -5.721  -6.661  1.00 54.76  ? 23  ASP D CB  1 
ATOM   696  C CG  . ASP C 1 18 ? -4.628  -5.718  -7.385  1.00 54.76  ? 23  ASP D CG  1 
ATOM   697  O OD1 . ASP C 1 18 ? -5.376  -6.709  -7.258  1.00 54.76  ? 23  ASP D OD1 1 
ATOM   698  O OD2 . ASP C 1 18 ? -4.930  -4.723  -8.069  1.00 54.76  ? 23  ASP D OD2 1 
ATOM   699  N N   . VAL C 1 19 ? -0.533  -3.404  -7.134  1.00 50.54  ? 24  VAL D N   1 
ATOM   700  C CA  . VAL C 1 19 ? 0.450   -2.625  -6.395  1.00 50.54  ? 24  VAL D CA  1 
ATOM   701  C C   . VAL C 1 19 ? -0.158  -1.264  -6.104  1.00 50.54  ? 24  VAL D C   1 
ATOM   702  O O   . VAL C 1 19 ? -0.513  -0.524  -7.029  1.00 50.54  ? 24  VAL D O   1 
ATOM   703  C CB  . VAL C 1 19 ? 1.767   -2.493  -7.171  1.00 50.54  ? 24  VAL D CB  1 
ATOM   704  C CG1 . VAL C 1 19 ? 2.783   -1.719  -6.358  1.00 50.54  ? 24  VAL D CG1 1 
ATOM   705  C CG2 . VAL C 1 19 ? 2.300   -3.863  -7.528  1.00 50.54  ? 24  VAL D CG2 1 
ATOM   706  N N   . GLY C 1 20 ? -0.293  -0.937  -4.825  1.00 45.55  ? 25  GLY D N   1 
ATOM   707  C CA  . GLY C 1 20 ? -0.838  0.349   -4.453  1.00 45.55  ? 25  GLY D CA  1 
ATOM   708  C C   . GLY C 1 20 ? 0.106   1.479   -4.789  1.00 45.55  ? 25  GLY D C   1 
ATOM   709  O O   . GLY C 1 20 ? -0.174  2.291   -5.671  1.00 45.55  ? 25  GLY D O   1 
ATOM   710  N N   . SER C 1 21 ? 1.233   1.536   -4.094  1.00 45.00  ? 26  SER D N   1 
ATOM   711  C CA  . SER C 1 21 ? 2.264   2.523   -4.358  1.00 45.00  ? 26  SER D CA  1 
ATOM   712  C C   . SER C 1 21 ? 3.590   1.814   -4.561  1.00 45.00  ? 26  SER D C   1 
ATOM   713  O O   . SER C 1 21 ? 3.826   0.737   -4.012  1.00 45.00  ? 26  SER D O   1 
ATOM   714  C CB  . SER C 1 21 ? 2.387   3.529   -3.216  1.00 45.00  ? 26  SER D CB  1 
ATOM   715  O OG  . SER C 1 21 ? 3.634   4.194   -3.262  1.00 45.00  ? 26  SER D OG  1 
ATOM   716  N N   . ASN C 1 22 ? 4.458   2.427   -5.357  1.00 45.79  ? 27  ASN D N   1 
ATOM   717  C CA  . ASN C 1 22 ? 5.775   1.870   -5.626  1.00 45.79  ? 27  ASN D CA  1 
ATOM   718  C C   . ASN C 1 22 ? 6.779   3.004   -5.691  1.00 45.79  ? 27  ASN D C   1 
ATOM   719  O O   . ASN C 1 22 ? 6.656   3.893   -6.536  1.00 45.79  ? 27  ASN D O   1 
ATOM   720  C CB  . ASN C 1 22 ? 5.788   1.073   -6.929  1.00 45.79  ? 27  ASN D CB  1 
ATOM   721  C CG  . ASN C 1 22 ? 7.161   0.550   -7.269  1.00 45.79  ? 27  ASN D CG  1 
ATOM   722  O OD1 . ASN C 1 22 ? 7.882   0.065   -6.403  1.00 45.79  ? 27  ASN D OD1 1 
ATOM   723  N ND2 . ASN C 1 22 ? 7.536   0.655   -8.533  1.00 45.79  ? 27  ASN D ND2 1 
ATOM   724  N N   . LYS C 1 23 ? 7.764   2.975   -4.800  1.00 47.45  ? 28  LYS D N   1 
ATOM   725  C CA  . LYS C 1 23 ? 8.857   3.930   -4.828  1.00 47.45  ? 28  LYS D CA  1 
ATOM   726  C C   . LYS C 1 23 ? 10.205  3.266   -5.049  1.00 47.45  ? 28  LYS D C   1 
ATOM   727  O O   . LYS C 1 23 ? 11.224  3.962   -5.073  1.00 47.45  ? 28  LYS D O   1 
ATOM   728  C CB  . LYS C 1 23 ? 8.891   4.743   -3.531  1.00 47.45  ? 28  LYS D CB  1 
ATOM   729  C CG  . LYS C 1 23 ? 7.562   5.359   -3.163  1.00 47.45  ? 28  LYS D CG  1 
ATOM   730  C CD  . LYS C 1 23 ? 7.756   6.618   -2.351  1.00 47.45  ? 28  LYS D CD  1 
ATOM   731  C CE  . LYS C 1 23 ? 6.434   7.159   -1.853  1.00 47.45  ? 28  LYS D CE  1 
ATOM   732  N NZ  . LYS C 1 23 ? 5.858   6.301   -0.787  1.00 47.45  ? 28  LYS D NZ  1 
ATOM   733  N N   . GLY C 1 24 ? 10.241  1.948   -5.210  1.00 48.50  ? 29  GLY D N   1 
ATOM   734  C CA  . GLY C 1 24 ? 11.479  1.243   -5.456  1.00 48.50  ? 29  GLY D CA  1 
ATOM   735  C C   . GLY C 1 24 ? 11.517  0.609   -6.828  1.00 48.50  ? 29  GLY D C   1 
ATOM   736  O O   . GLY C 1 24 ? 11.110  1.229   -7.813  1.00 48.50  ? 29  GLY D O   1 
ATOM   737  N N   . ALA C 1 25 ? 11.993  -0.627  -6.909  1.00 43.76  ? 30  ALA D N   1 
ATOM   738  C CA  . ALA C 1 25 ? 12.145  -1.324  -8.174  1.00 43.76  ? 30  ALA D CA  1 
ATOM   739  C C   . ALA C 1 25 ? 11.323  -2.603  -8.170  1.00 43.76  ? 30  ALA D C   1 
ATOM   740  O O   . ALA C 1 25 ? 11.299  -3.332  -7.176  1.00 43.76  ? 30  ALA D O   1 
ATOM   741  C CB  . ALA C 1 25 ? 13.611  -1.652  -8.447  1.00 43.76  ? 30  ALA D CB  1 
ATOM   742  N N   . ILE C 1 26 ? 10.650  -2.870  -9.284  1.00 39.00  ? 31  ILE D N   1 
ATOM   743  C CA  . ILE C 1 26 ? 9.911   -4.113  -9.491  1.00 39.00  ? 31  ILE D CA  1 
ATOM   744  C C   . ILE C 1 26 ? 10.421  -4.692  -10.805 1.00 39.00  ? 31  ILE D C   1 
ATOM   745  O O   . ILE C 1 26 ? 9.922   -4.359  -11.884 1.00 39.00  ? 31  ILE D O   1 
ATOM   746  C CB  . ILE C 1 26 ? 8.395   -3.903  -9.526  1.00 39.00  ? 31  ILE D CB  1 
ATOM   747  C CG1 . ILE C 1 26 ? 7.929   -3.202  -8.254  1.00 39.00  ? 31  ILE D CG1 1 
ATOM   748  C CG2 . ILE C 1 26 ? 7.684   -5.224  -9.680  1.00 39.00  ? 31  ILE D CG2 1 
ATOM   749  C CD1 . ILE C 1 26 ? 6.437   -3.088  -8.137  1.00 39.00  ? 31  ILE D CD1 1 
ATOM   750  N N   . ILE C 1 27 ? 11.421  -5.562  -10.726 1.00 38.67  ? 32  ILE D N   1 
ATOM   751  C CA  . ILE C 1 27 ? 12.101  -6.101  -11.896 1.00 38.67  ? 32  ILE D CA  1 
ATOM   752  C C   . ILE C 1 27 ? 11.721  -7.565  -12.044 1.00 38.67  ? 32  ILE D C   1 
ATOM   753  O O   . ILE C 1 27 ? 11.713  -8.312  -11.061 1.00 38.67  ? 32  ILE D O   1 
ATOM   754  C CB  . ILE C 1 27 ? 13.623  -5.934  -11.779 1.00 38.67  ? 32  ILE D CB  1 
ATOM   755  C CG1 . ILE C 1 27 ? 13.961  -4.471  -11.509 1.00 38.67  ? 32  ILE D CG1 1 
ATOM   756  C CG2 . ILE C 1 27 ? 14.306  -6.409  -13.038 1.00 38.67  ? 32  ILE D CG2 1 
ATOM   757  C CD1 . ILE C 1 27 ? 15.387  -4.243  -11.131 1.00 38.67  ? 32  ILE D CD1 1 
ATOM   758  N N   . GLY C 1 28 ? 11.411  -7.974  -13.269 1.00 39.74  ? 33  GLY D N   1 
ATOM   759  C CA  . GLY C 1 28 ? 11.005  -9.339  -13.522 1.00 39.74  ? 33  GLY D CA  1 
ATOM   760  C C   . GLY C 1 28 ? 12.164  -10.300 -13.683 1.00 39.74  ? 33  GLY D C   1 
ATOM   761  O O   . GLY C 1 28 ? 12.243  -11.305 -12.977 1.00 39.74  ? 33  GLY D O   1 
ATOM   762  N N   . LEU C 1 29 ? 13.068  -10.002 -14.610 1.00 45.31  ? 34  LEU D N   1 
ATOM   763  C CA  . LEU C 1 29 ? 14.214  -10.858 -14.888 1.00 45.31  ? 34  LEU D CA  1 
ATOM   764  C C   . LEU C 1 29 ? 15.419  -9.964  -15.119 1.00 45.31  ? 34  LEU D C   1 
ATOM   765  O O   . LEU C 1 29 ? 15.402  -9.127  -16.023 1.00 45.31  ? 34  LEU D O   1 
ATOM   766  C CB  . LEU C 1 29 ? 13.948  -11.742 -16.105 1.00 45.31  ? 34  LEU D CB  1 
ATOM   767  C CG  . LEU C 1 29 ? 14.811  -12.978 -16.335 1.00 45.31  ? 34  LEU D CG  1 
ATOM   768  C CD1 . LEU C 1 29 ? 13.973  -14.055 -16.979 1.00 45.31  ? 34  LEU D CD1 1 
ATOM   769  C CD2 . LEU C 1 29 ? 15.989  -12.655 -17.211 1.00 45.31  ? 34  LEU D CD2 1 
ATOM   770  N N   . MET C 1 30 ? 16.458  -10.136 -14.309 1.00 55.70  ? 35  MET D N   1 
ATOM   771  C CA  . MET C 1 30 ? 17.615  -9.250  -14.312 1.00 55.70  ? 35  MET D CA  1 
ATOM   772  C C   . MET C 1 30 ? 18.863  -10.037 -14.681 1.00 55.70  ? 35  MET D C   1 
ATOM   773  O O   . MET C 1 30 ? 19.215  -11.002 -13.996 1.00 55.70  ? 35  MET D O   1 
ATOM   774  C CB  . MET C 1 30 ? 17.787  -8.583  -12.947 1.00 55.70  ? 35  MET D CB  1 
ATOM   775  C CG  . MET C 1 30 ? 18.914  -7.579  -12.884 1.00 55.70  ? 35  MET D CG  1 
ATOM   776  S SD  . MET C 1 30 ? 18.367  -5.907  -13.239 1.00 55.70  ? 35  MET D SD  1 
ATOM   777  C CE  . MET C 1 30 ? 19.816  -4.984  -12.767 1.00 55.70  ? 35  MET D CE  1 
ATOM   778  N N   . VAL C 1 31 ? 19.532  -9.621  -15.755 1.00 57.32  ? 36  VAL D N   1 
ATOM   779  C CA  . VAL C 1 31 ? 20.758  -10.262 -16.191 1.00 57.32  ? 36  VAL D CA  1 
ATOM   780  C C   . VAL C 1 31 ? 21.965  -9.337  -16.093 1.00 57.32  ? 36  VAL D C   1 
ATOM   781  O O   . VAL C 1 31 ? 23.088  -9.821  -15.918 1.00 57.32  ? 36  VAL D O   1 
ATOM   782  C CB  . VAL C 1 31 ? 20.610  -10.807 -17.626 1.00 57.32  ? 36  VAL D CB  1 
ATOM   783  C CG1 . VAL C 1 31 ? 21.749  -11.746 -17.959 1.00 57.32  ? 36  VAL D CG1 1 
ATOM   784  C CG2 . VAL C 1 31 ? 19.289  -11.511 -17.788 1.00 57.32  ? 36  VAL D CG2 1 
ATOM   785  N N   . GLY C 1 32 ? 21.773  -8.030  -16.196 1.00 60.58  ? 37  GLY D N   1 
ATOM   786  C CA  . GLY C 1 32 ? 22.887  -7.114  -16.095 1.00 60.58  ? 37  GLY D CA  1 
ATOM   787  C C   . GLY C 1 32 ? 22.402  -5.694  -15.916 1.00 60.58  ? 37  GLY D C   1 
ATOM   788  O O   . GLY C 1 32 ? 21.221  -5.448  -15.675 1.00 60.58  ? 37  GLY D O   1 
ATOM   789  N N   . GLY C 1 33 ? 23.336  -4.759  -16.038 1.00 61.62  ? 38  GLY D N   1 
ATOM   790  C CA  . GLY C 1 33 ? 23.008  -3.354  -15.931 1.00 61.62  ? 38  GLY D CA  1 
ATOM   791  C C   . GLY C 1 33 ? 22.897  -2.888  -14.494 1.00 61.62  ? 38  GLY D C   1 
ATOM   792  O O   . GLY C 1 33 ? 23.129  -3.625  -13.538 1.00 61.62  ? 38  GLY D O   1 
ATOM   793  N N   . VAL C 1 34 ? 22.530  -1.618  -14.348 1.00 58.73  ? 39  VAL D N   1 
ATOM   794  C CA  . VAL C 1 34 ? 22.379  -0.982  -13.047 1.00 58.73  ? 39  VAL D CA  1 
ATOM   795  C C   . VAL C 1 34 ? 20.984  -0.385  -12.962 1.00 58.73  ? 39  VAL D C   1 
ATOM   796  O O   . VAL C 1 34 ? 20.526  0.267   -13.906 1.00 58.73  ? 39  VAL D O   1 
ATOM   797  C CB  . VAL C 1 34 ? 23.442  0.107   -12.815 1.00 58.73  ? 39  VAL D CB  1 
ATOM   798  C CG1 . VAL C 1 34 ? 23.358  0.635   -11.399 1.00 58.73  ? 39  VAL D CG1 1 
ATOM   799  C CG2 . VAL C 1 34 ? 24.825  -0.435  -13.096 1.00 58.73  ? 39  VAL D CG2 1 
ATOM   800  N N   . VAL C 1 35 ? 20.309  -0.610  -11.837 1.00 58.31  ? 40  VAL D N   1 
ATOM   801  C CA  . VAL C 1 35 ? 18.997  -0.034  -11.567 1.00 58.31  ? 40  VAL D CA  1 
ATOM   802  C C   . VAL C 1 35 ? 19.055  0.641   -10.208 1.00 58.31  ? 40  VAL D C   1 
ATOM   803  O O   . VAL C 1 35 ? 19.273  -0.025  -9.191  1.00 58.31  ? 40  VAL D O   1 
ATOM   804  C CB  . VAL C 1 35 ? 17.880  -1.088  -11.593 1.00 58.31  ? 40  VAL D CB  1 
ATOM   805  C CG1 . VAL C 1 35 ? 16.563  -0.459  -11.213 1.00 58.31  ? 40  VAL D CG1 1 
ATOM   806  C CG2 . VAL C 1 35 ? 17.782  -1.717  -12.962 1.00 58.31  ? 40  VAL D CG2 1 
ATOM   807  N N   . ILE C 1 36 ? 18.860  1.955   -10.188 1.00 58.41  ? 41  ILE D N   1 
ATOM   808  C CA  . ILE C 1 36 ? 18.924  2.741   -8.965  1.00 58.41  ? 41  ILE D CA  1 
ATOM   809  C C   . ILE C 1 36 ? 17.514  3.185   -8.615  1.00 58.41  ? 41  ILE D C   1 
ATOM   810  O O   . ILE C 1 36 ? 16.855  3.863   -9.412  1.00 58.41  ? 41  ILE D O   1 
ATOM   811  C CB  . ILE C 1 36 ? 19.863  3.943   -9.114  1.00 58.41  ? 41  ILE D CB  1 
ATOM   812  C CG1 . ILE C 1 36 ? 21.279  3.461   -9.423  1.00 58.41  ? 41  ILE D CG1 1 
ATOM   813  C CG2 . ILE C 1 36 ? 19.850  4.780   -7.853  1.00 58.41  ? 41  ILE D CG2 1 
ATOM   814  C CD1 . ILE C 1 36 ? 22.222  4.563   -9.798  1.00 58.41  ? 41  ILE D CD1 1 
ATOM   815  N N   . ALA C 1 37 ? 17.060  2.804   -7.425  1.00 58.61  ? 42  ALA D N   1 
ATOM   816  C CA  . ALA C 1 37 ? 15.718  3.117   -6.935  1.00 58.61  ? 42  ALA D CA  1 
ATOM   817  C C   . ALA C 1 37 ? 14.649  2.656   -7.912  1.00 58.61  ? 42  ALA D C   1 
ATOM   818  O O   . ALA C 1 37 ? 14.101  3.457   -8.663  1.00 58.61  ? 42  ALA D O   1 
ATOM   819  C CB  . ALA C 1 37 ? 15.582  4.608   -6.662  1.00 58.61  ? 42  ALA D CB  1 
ATOM   820  N N   . HIS D 1 1  ? -21.302 19.430  19.198  1.00 84.82  ? 6   HIS F N   1 
ATOM   821  C CA  . HIS D 1 1  ? -20.250 19.218  20.187  1.00 84.82  ? 6   HIS F CA  1 
ATOM   822  C C   . HIS D 1 1  ? -20.583 19.885  21.509  1.00 84.82  ? 6   HIS F C   1 
ATOM   823  O O   . HIS D 1 1  ? -21.689 19.765  22.036  1.00 84.82  ? 6   HIS F O   1 
ATOM   824  C CB  . HIS D 1 1  ? -18.913 19.755  19.674  1.00 84.82  ? 6   HIS F CB  1 
ATOM   825  C CG  . HIS D 1 1  ? -18.293 18.913  18.607  1.00 84.82  ? 6   HIS F CG  1 
ATOM   826  N ND1 . HIS D 1 1  ? -17.173 19.307  17.908  1.00 84.82  ? 6   HIS F ND1 1 
ATOM   827  C CD2 . HIS D 1 1  ? -18.634 17.697  18.118  1.00 84.82  ? 6   HIS F CD2 1 
ATOM   828  C CE1 . HIS D 1 1  ? -16.851 18.370  17.036  1.00 84.82  ? 6   HIS F CE1 1 
ATOM   829  N NE2 . HIS D 1 1  ? -17.722 17.383  17.143  1.00 84.82  ? 6   HIS F NE2 1 
ATOM   830  N N   . ASP D 1 2  ? -19.594 20.600  22.035  1.00 89.72  ? 7   ASP F N   1 
ATOM   831  C CA  . ASP D 1 2  ? -19.739 21.346  23.278  1.00 89.72  ? 7   ASP F CA  1 
ATOM   832  C C   . ASP D 1 2  ? -20.565 22.598  22.999  1.00 89.72  ? 7   ASP F C   1 
ATOM   833  O O   . ASP D 1 2  ? -20.049 23.712  22.882  1.00 89.72  ? 7   ASP F O   1 
ATOM   834  C CB  . ASP D 1 2  ? -18.367 21.680  23.849  1.00 89.72  ? 7   ASP F CB  1 
ATOM   835  C CG  . ASP D 1 2  ? -17.377 22.068  22.781  1.00 89.72  ? 7   ASP F CG  1 
ATOM   836  O OD1 . ASP D 1 2  ? -17.762 22.081  21.599  1.00 89.72  ? 7   ASP F OD1 1 
ATOM   837  O OD2 . ASP D 1 2  ? -16.211 22.352  23.117  1.00 89.72  ? 7   ASP F OD2 1 
ATOM   838  N N   . SER D 1 3  ? -21.882 22.403  22.908  1.00 95.69  ? 8   SER F N   1 
ATOM   839  C CA  . SER D 1 3  ? -22.786 23.456  22.451  1.00 95.69  ? 8   SER F CA  1 
ATOM   840  C C   . SER D 1 3  ? -22.671 24.720  23.290  1.00 95.69  ? 8   SER F C   1 
ATOM   841  O O   . SER D 1 3  ? -22.206 25.754  22.801  1.00 95.69  ? 8   SER F O   1 
ATOM   842  C CB  . SER D 1 3  ? -24.234 22.958  22.461  1.00 95.69  ? 8   SER F CB  1 
ATOM   843  O OG  . SER D 1 3  ? -24.534 22.223  21.287  1.00 95.69  ? 8   SER F OG  1 
ATOM   844  N N   . GLY D 1 4  ? -23.070 24.635  24.552  1.00 103.05 ? 9   GLY F N   1 
ATOM   845  C CA  . GLY D 1 4  ? -22.927 25.760  25.458  1.00 103.05 ? 9   GLY F CA  1 
ATOM   846  C C   . GLY D 1 4  ? -23.544 27.028  24.924  1.00 103.05 ? 9   GLY F C   1 
ATOM   847  O O   . GLY D 1 4  ? -24.575 27.010  24.250  1.00 103.05 ? 9   GLY F O   1 
ATOM   848  N N   . TYR D 1 5  ? -22.919 28.151  25.255  1.00 112.67 ? 10  TYR F N   1 
ATOM   849  C CA  . TYR D 1 5  ? -23.264 29.456  24.711  1.00 112.67 ? 10  TYR F CA  1 
ATOM   850  C C   . TYR D 1 5  ? -22.131 30.066  23.908  1.00 112.67 ? 10  TYR F C   1 
ATOM   851  O O   . TYR D 1 5  ? -22.374 30.648  22.849  1.00 112.67 ? 10  TYR F O   1 
ATOM   852  C CB  . TYR D 1 5  ? -23.639 30.446  25.826  1.00 112.67 ? 10  TYR F CB  1 
ATOM   853  C CG  . TYR D 1 5  ? -24.806 30.067  26.706  1.00 112.67 ? 10  TYR F CG  1 
ATOM   854  C CD1 . TYR D 1 5  ? -25.631 28.999  26.399  1.00 112.67 ? 10  TYR F CD1 1 
ATOM   855  C CD2 . TYR D 1 5  ? -25.090 30.803  27.842  1.00 112.67 ? 10  TYR F CD2 1 
ATOM   856  C CE1 . TYR D 1 5  ? -26.695 28.662  27.211  1.00 112.67 ? 10  TYR F CE1 1 
ATOM   857  C CE2 . TYR D 1 5  ? -26.148 30.483  28.652  1.00 112.67 ? 10  TYR F CE2 1 
ATOM   858  C CZ  . TYR D 1 5  ? -26.949 29.408  28.341  1.00 112.67 ? 10  TYR F CZ  1 
ATOM   859  N N   . GLU D 1 6  ? -20.898 29.950  24.389  1.00 93.71  ? 11  GLU F N   1 
ATOM   860  C CA  . GLU D 1 6  ? -19.750 30.583  23.764  1.00 93.71  ? 11  GLU F CA  1 
ATOM   861  C C   . GLU D 1 6  ? -18.634 29.567  23.605  1.00 93.71  ? 11  GLU F C   1 
ATOM   862  O O   . GLU D 1 6  ? -18.422 28.724  24.481  1.00 93.71  ? 11  GLU F O   1 
ATOM   863  C CB  . GLU D 1 6  ? -19.262 31.772  24.590  1.00 93.71  ? 11  GLU F CB  1 
ATOM   864  C CG  . GLU D 1 6  ? -18.142 32.562  23.944  1.00 93.71  ? 11  GLU F CG  1 
ATOM   865  C CD  . GLU D 1 6  ? -17.921 33.902  24.611  1.00 93.71  ? 11  GLU F CD  1 
ATOM   866  O OE1 . GLU D 1 6  ? -16.750 34.268  24.843  1.00 93.71  ? 11  GLU F OE1 1 
ATOM   867  O OE2 . GLU D 1 6  ? -18.920 34.590  24.907  1.00 93.71  ? 11  GLU F OE2 1 
ATOM   868  N N   . VAL D 1 7  ? -17.927 29.646  22.480  1.00 82.13  ? 12  VAL F N   1 
ATOM   869  C CA  . VAL D 1 7  ? -16.755 28.817  22.224  1.00 82.13  ? 12  VAL F CA  1 
ATOM   870  C C   . VAL D 1 7  ? -15.679 29.706  21.621  1.00 82.13  ? 12  VAL F C   1 
ATOM   871  O O   . VAL D 1 7  ? -15.878 30.288  20.549  1.00 82.13  ? 12  VAL F O   1 
ATOM   872  C CB  . VAL D 1 7  ? -17.063 27.634  21.289  1.00 82.13  ? 12  VAL F CB  1 
ATOM   873  C CG1 . VAL D 1 7  ? -15.780 26.982  20.835  1.00 82.13  ? 12  VAL F CG1 1 
ATOM   874  C CG2 . VAL D 1 7  ? -17.944 26.625  21.991  1.00 82.13  ? 12  VAL F CG2 1 
ATOM   875  N N   . HIS D 1 8  ? -14.553 29.821  22.306  1.00 80.24  ? 13  HIS F N   1 
ATOM   876  C CA  . HIS D 1 8  ? -13.432 30.626  21.855  1.00 80.24  ? 13  HIS F CA  1 
ATOM   877  C C   . HIS D 1 8  ? -12.572 29.811  20.899  1.00 80.24  ? 13  HIS F C   1 
ATOM   878  O O   . HIS D 1 8  ? -13.014 28.808  20.337  1.00 80.24  ? 13  HIS F O   1 
ATOM   879  C CB  . HIS D 1 8  ? -12.632 31.139  23.043  1.00 80.24  ? 13  HIS F CB  1 
ATOM   880  C CG  . HIS D 1 8  ? -13.271 32.295  23.741  1.00 80.24  ? 13  HIS F CG  1 
ATOM   881  N ND1 . HIS D 1 8  ? -12.765 33.574  23.677  1.00 80.24  ? 13  HIS F ND1 1 
ATOM   882  C CD2 . HIS D 1 8  ? -14.381 32.365  24.511  1.00 80.24  ? 13  HIS F CD2 1 
ATOM   883  C CE1 . HIS D 1 8  ? -13.536 34.383  24.381  1.00 80.24  ? 13  HIS F CE1 1 
ATOM   884  N NE2 . HIS D 1 8  ? -14.523 33.675  24.898  1.00 80.24  ? 13  HIS F NE2 1 
ATOM   885  N N   . HIS D 1 9  ? -11.342 30.270  20.686  1.00 76.46  ? 14  HIS F N   1 
ATOM   886  C CA  . HIS D 1 9  ? -10.423 29.674  19.724  1.00 76.46  ? 14  HIS F CA  1 
ATOM   887  C C   . HIS D 1 9  ? -10.411 28.156  19.822  1.00 76.46  ? 14  HIS F C   1 
ATOM   888  O O   . HIS D 1 9  ? -10.006 27.590  20.841  1.00 76.46  ? 14  HIS F O   1 
ATOM   889  C CB  . HIS D 1 9  ? -9.013  30.221  19.957  1.00 76.46  ? 14  HIS F CB  1 
ATOM   890  C CG  . HIS D 1 9  ? -8.953  31.711  20.093  1.00 76.46  ? 14  HIS F CG  1 
ATOM   891  N ND1 . HIS D 1 9  ? -9.601  32.397  21.097  1.00 76.46  ? 14  HIS F ND1 1 
ATOM   892  C CD2 . HIS D 1 9  ? -8.310  32.645  19.355  1.00 76.46  ? 14  HIS F CD2 1 
ATOM   893  C CE1 . HIS D 1 9  ? -9.366  33.690  20.968  1.00 76.46  ? 14  HIS F CE1 1 
ATOM   894  N NE2 . HIS D 1 9  ? -8.584  33.867  19.918  1.00 76.46  ? 14  HIS F NE2 1 
ATOM   895  N N   . GLN D 1 10 ? -10.858 27.501  18.756  1.00 58.52  ? 15  GLN F N   1 
ATOM   896  C CA  . GLN D 1 10 ? -10.840 26.053  18.645  1.00 58.52  ? 15  GLN F CA  1 
ATOM   897  C C   . GLN D 1 10 ? -10.119 25.678  17.363  1.00 58.52  ? 15  GLN F C   1 
ATOM   898  O O   . GLN D 1 10 ? -10.325 26.306  16.324  1.00 58.52  ? 15  GLN F O   1 
ATOM   899  C CB  . GLN D 1 10 ? -12.250 25.471  18.637  1.00 58.52  ? 15  GLN F CB  1 
ATOM   900  C CG  . GLN D 1 10 ? -12.304 24.011  18.250  1.00 58.52  ? 15  GLN F CG  1 
ATOM   901  C CD  . GLN D 1 10 ? -13.711 23.482  18.176  1.00 58.52  ? 15  GLN F CD  1 
ATOM   902  O OE1 . GLN D 1 10 ? -14.654 24.142  18.598  1.00 58.52  ? 15  GLN F OE1 1 
ATOM   903  N NE2 . GLN D 1 10 ? -13.863 22.283  17.637  1.00 58.52  ? 15  GLN F NE2 1 
ATOM   904  N N   . LYS D 1 11 ? -9.271  24.658  17.439  1.00 49.31  ? 16  LYS F N   1 
ATOM   905  C CA  . LYS D 1 11 ? -8.441  24.264  16.308  1.00 49.31  ? 16  LYS F CA  1 
ATOM   906  C C   . LYS D 1 11 ? -8.412  22.748  16.219  1.00 49.31  ? 16  LYS F C   1 
ATOM   907  O O   . LYS D 1 11 ? -7.949  22.082  17.147  1.00 49.31  ? 16  LYS F O   1 
ATOM   908  C CB  . LYS D 1 11 ? -7.025  24.826  16.457  1.00 49.31  ? 16  LYS F CB  1 
ATOM   909  C CG  . LYS D 1 11 ? -6.135  24.610  15.260  1.00 49.31  ? 16  LYS F CG  1 
ATOM   910  C CD  . LYS D 1 11 ? -4.756  25.177  15.516  1.00 49.31  ? 16  LYS F CD  1 
ATOM   911  C CE  . LYS D 1 11 ? -3.855  25.013  14.311  1.00 49.31  ? 16  LYS F CE  1 
ATOM   912  N NZ  . LYS D 1 11 ? -2.464  25.435  14.616  1.00 49.31  ? 16  LYS F NZ  1 
ATOM   913  N N   . LEU D 1 12 ? -8.906  22.207  15.113  1.00 41.02  ? 17  LEU F N   1 
ATOM   914  C CA  . LEU D 1 12 ? -8.862  20.778  14.848  1.00 41.02  ? 17  LEU F CA  1 
ATOM   915  C C   . LEU D 1 12 ? -7.931  20.511  13.677  1.00 41.02  ? 17  LEU F C   1 
ATOM   916  O O   . LEU D 1 12 ? -7.875  21.298  12.730  1.00 41.02  ? 17  LEU F O   1 
ATOM   917  C CB  . LEU D 1 12 ? -10.250 20.223  14.535  1.00 41.02  ? 17  LEU F CB  1 
ATOM   918  C CG  . LEU D 1 12 ? -11.425 20.592  15.435  1.00 41.02  ? 17  LEU F CG  1 
ATOM   919  C CD1 . LEU D 1 12 ? -12.584 19.662  15.167  1.00 41.02  ? 17  LEU F CD1 1 
ATOM   920  C CD2 . LEU D 1 12 ? -11.040 20.537  16.889  1.00 41.02  ? 17  LEU F CD2 1 
ATOM   921  N N   . VAL D 1 13 ? -7.197  19.401  13.743  1.00 36.08  ? 18  VAL F N   1 
ATOM   922  C CA  . VAL D 1 13 ? -6.307  18.985  12.663  1.00 36.08  ? 18  VAL F CA  1 
ATOM   923  C C   . VAL D 1 13 ? -6.459  17.484  12.473  1.00 36.08  ? 18  VAL F C   1 
ATOM   924  O O   . VAL D 1 13 ? -6.158  16.709  13.384  1.00 36.08  ? 18  VAL F O   1 
ATOM   925  C CB  . VAL D 1 13 ? -4.836  19.335  12.942  1.00 36.08  ? 18  VAL F CB  1 
ATOM   926  C CG1 . VAL D 1 13 ? -3.951  18.743  11.873  1.00 36.08  ? 18  VAL F CG1 1 
ATOM   927  C CG2 . VAL D 1 13 ? -4.645  20.833  13.009  1.00 36.08  ? 18  VAL F CG2 1 
ATOM   928  N N   . PHE D 1 14 ? -6.927  17.073  11.299  1.00 37.92  ? 19  PHE F N   1 
ATOM   929  C CA  . PHE D 1 14 ? -7.053  15.668  10.943  1.00 37.92  ? 19  PHE F CA  1 
ATOM   930  C C   . PHE D 1 14 ? -6.378  15.459  9.601   1.00 37.92  ? 19  PHE F C   1 
ATOM   931  O O   . PHE D 1 14 ? -6.587  16.254  8.682   1.00 37.92  ? 19  PHE F O   1 
ATOM   932  C CB  . PHE D 1 14 ? -8.517  15.236  10.842  1.00 37.92  ? 19  PHE F CB  1 
ATOM   933  C CG  . PHE D 1 14 ? -9.285  15.347  12.123  1.00 37.92  ? 19  PHE F CG  1 
ATOM   934  C CD1 . PHE D 1 14 ? -9.693  16.574  12.601  1.00 37.92  ? 19  PHE F CD1 1 
ATOM   935  C CD2 . PHE D 1 14 ? -9.629  14.216  12.832  1.00 37.92  ? 19  PHE F CD2 1 
ATOM   936  C CE1 . PHE D 1 14 ? -10.409 16.671  13.768  1.00 37.92  ? 19  PHE F CE1 1 
ATOM   937  C CE2 . PHE D 1 14 ? -10.343 14.311  14.002  1.00 37.92  ? 19  PHE F CE2 1 
ATOM   938  C CZ  . PHE D 1 14 ? -10.732 15.540  14.469  1.00 37.92  ? 19  PHE F CZ  1 
ATOM   939  N N   . PHE D 1 15 ? -5.577  14.404  9.475   1.00 37.55  ? 20  PHE F N   1 
ATOM   940  C CA  . PHE D 1 15 ? -5.009  14.085  8.172   1.00 37.55  ? 20  PHE F CA  1 
ATOM   941  C C   . PHE D 1 15 ? -4.482  12.658  8.152   1.00 37.55  ? 20  PHE F C   1 
ATOM   942  O O   . PHE D 1 15 ? -4.365  11.999  9.183   1.00 37.55  ? 20  PHE F O   1 
ATOM   943  C CB  . PHE D 1 15 ? -3.913  15.076  7.772   1.00 37.55  ? 20  PHE F CB  1 
ATOM   944  C CG  . PHE D 1 15 ? -2.737  15.105  8.691   1.00 37.55  ? 20  PHE F CG  1 
ATOM   945  C CD1 . PHE D 1 15 ? -2.751  15.887  9.825   1.00 37.55  ? 20  PHE F CD1 1 
ATOM   946  C CD2 . PHE D 1 15 ? -1.598  14.388  8.393   1.00 37.55  ? 20  PHE F CD2 1 
ATOM   947  C CE1 . PHE D 1 15 ? -1.663  15.930  10.660  1.00 37.55  ? 20  PHE F CE1 1 
ATOM   948  C CE2 . PHE D 1 15 ? -0.508  14.429  9.224   1.00 37.55  ? 20  PHE F CE2 1 
ATOM   949  C CZ  . PHE D 1 15 ? -0.539  15.200  10.358  1.00 37.55  ? 20  PHE F CZ  1 
ATOM   950  N N   . ALA D 1 16 ? -4.184  12.188  6.943   1.00 44.24  ? 21  ALA F N   1 
ATOM   951  C CA  . ALA D 1 16 ? -3.561  10.891  6.711   1.00 44.24  ? 21  ALA F CA  1 
ATOM   952  C C   . ALA D 1 16 ? -2.545  11.069  5.596   1.00 44.24  ? 21  ALA F C   1 
ATOM   953  O O   . ALA D 1 16 ? -2.913  11.476  4.493   1.00 44.24  ? 21  ALA F O   1 
ATOM   954  C CB  . ALA D 1 16 ? -4.597  9.834   6.328   1.00 44.24  ? 21  ALA F CB  1 
ATOM   955  N N   . GLU D 1 17 ? -1.277  10.767  5.868   1.00 53.24  ? 22  GLU F N   1 
ATOM   956  C CA  . GLU D 1 17 ? -0.224  11.219  4.963   1.00 53.24  ? 22  GLU F CA  1 
ATOM   957  C C   . GLU D 1 17 ? 0.166   10.193  3.901   1.00 53.24  ? 22  GLU F C   1 
ATOM   958  O O   . GLU D 1 17 ? 0.010   10.452  2.706   1.00 53.24  ? 22  GLU F O   1 
ATOM   959  C CB  . GLU D 1 17 ? 1.009   11.629  5.766   1.00 53.24  ? 22  GLU F CB  1 
ATOM   960  C CG  . GLU D 1 17 ? 1.454   13.043  5.478   1.00 53.24  ? 22  GLU F CG  1 
ATOM   961  C CD  . GLU D 1 17 ? 2.706   13.422  6.232   1.00 53.24  ? 22  GLU F CD  1 
ATOM   962  O OE1 . GLU D 1 17 ? 3.815   13.120  5.743   1.00 53.24  ? 22  GLU F OE1 1 
ATOM   963  O OE2 . GLU D 1 17 ? 2.581   14.028  7.315   1.00 53.24  ? 22  GLU F OE2 1 
ATOM   964  N N   . ASP D 1 18 ? 0.664   9.031   4.310   1.00 54.19  ? 23  ASP F N   1 
ATOM   965  C CA  . ASP D 1 18 ? 1.263   8.080   3.372   1.00 54.19  ? 23  ASP F CA  1 
ATOM   966  C C   . ASP D 1 18 ? 0.493   6.768   3.421   1.00 54.19  ? 23  ASP F C   1 
ATOM   967  O O   . ASP D 1 18 ? 0.831   5.871   4.196   1.00 54.19  ? 23  ASP F O   1 
ATOM   968  C CB  . ASP D 1 18 ? 2.730   7.851   3.693   1.00 54.19  ? 23  ASP F CB  1 
ATOM   969  C CG  . ASP D 1 18 ? 3.644   8.805   2.966   1.00 54.19  ? 23  ASP F CG  1 
ATOM   970  O OD1 . ASP D 1 18 ? 4.617   9.282   3.585   1.00 54.19  ? 23  ASP F OD1 1 
ATOM   971  O OD2 . ASP D 1 18 ? 3.402   9.069   1.774   1.00 54.19  ? 23  ASP F OD2 1 
ATOM   972  N N   . VAL D 1 19 ? -0.524  6.644   2.581   1.00 48.33  ? 24  VAL F N   1 
ATOM   973  C CA  . VAL D 1 19 ? -1.334  5.437   2.502   1.00 48.33  ? 24  VAL F CA  1 
ATOM   974  C C   . VAL D 1 19 ? -1.039  4.768   1.170   1.00 48.33  ? 24  VAL F C   1 
ATOM   975  O O   . VAL D 1 19 ? -1.255  5.361   0.107   1.00 48.33  ? 24  VAL F O   1 
ATOM   976  C CB  . VAL D 1 19 ? -2.829  5.747   2.650   1.00 48.33  ? 24  VAL F CB  1 
ATOM   977  C CG1 . VAL D 1 19 ? -3.638  4.469   2.609   1.00 48.33  ? 24  VAL F CG1 1 
ATOM   978  C CG2 . VAL D 1 19 ? -3.078  6.496   3.940   1.00 48.33  ? 24  VAL F CG2 1 
ATOM   979  N N   . GLY D 1 20 ? -0.535  3.542   1.223   1.00 42.95  ? 25  GLY F N   1 
ATOM   980  C CA  . GLY D 1 20 ? -0.247  2.816   0.005   1.00 42.95  ? 25  GLY F CA  1 
ATOM   981  C C   . GLY D 1 20 ? -1.508  2.418   -0.725  1.00 42.95  ? 25  GLY F C   1 
ATOM   982  O O   . GLY D 1 20 ? -1.795  2.927   -1.809  1.00 42.95  ? 25  GLY F O   1 
ATOM   983  N N   . SER D 1 21 ? -2.273  1.513   -0.134  1.00 43.58  ? 26  SER F N   1 
ATOM   984  C CA  . SER D 1 21 ? -3.548  1.090   -0.682  1.00 43.58  ? 26  SER F CA  1 
ATOM   985  C C   . SER D 1 21 ? -4.622  1.240   0.379   1.00 43.58  ? 26  SER F C   1 
ATOM   986  O O   . SER D 1 21 ? -4.350  1.145   1.577   1.00 43.58  ? 26  SER F O   1 
ATOM   987  C CB  . SER D 1 21 ? -3.503  -0.358  -1.166  1.00 43.58  ? 26  SER F CB  1 
ATOM   988  O OG  . SER D 1 21 ? -4.806  -0.892  -1.286  1.00 43.58  ? 26  SER F OG  1 
ATOM   989  N N   . ASN D 1 22 ? -5.850  1.478   -0.068  1.00 44.19  ? 27  ASN F N   1 
ATOM   990  C CA  . ASN D 1 22 ? -6.978  1.626   0.838   1.00 44.19  ? 27  ASN F CA  1 
ATOM   991  C C   . ASN D 1 22 ? -8.195  0.974   0.210   1.00 44.19  ? 27  ASN F C   1 
ATOM   992  O O   . ASN D 1 22 ? -8.628  1.381   -0.870  1.00 44.19  ? 27  ASN F O   1 
ATOM   993  C CB  . ASN D 1 22 ? -7.260  3.096   1.141   1.00 44.19  ? 27  ASN F CB  1 
ATOM   994  C CG  . ASN D 1 22 ? -8.475  3.280   2.017   1.00 44.19  ? 27  ASN F CG  1 
ATOM   995  O OD1 . ASN D 1 22 ? -8.674  2.545   2.979   1.00 44.19  ? 27  ASN F OD1 1 
ATOM   996  N ND2 . ASN D 1 22 ? -9.302  4.257   1.683   1.00 44.19  ? 27  ASN F ND2 1 
ATOM   997  N N   . LYS D 1 23 ? -8.739  -0.033  0.881   1.00 46.76  ? 28  LYS F N   1 
ATOM   998  C CA  . LYS D 1 23 ? -9.975  -0.666  0.455   1.00 46.76  ? 28  LYS F CA  1 
ATOM   999  C C   . LYS D 1 23 ? -11.086 -0.524  1.481   1.00 46.76  ? 28  LYS F C   1 
ATOM   1000 O O   . LYS D 1 23 ? -12.187 -1.035  1.254   1.00 46.76  ? 28  LYS F O   1 
ATOM   1001 C CB  . LYS D 1 23 ? -9.741  -2.149  0.154   1.00 46.76  ? 28  LYS F CB  1 
ATOM   1002 C CG  . LYS D 1 23 ? -8.581  -2.405  -0.778  1.00 46.76  ? 28  LYS F CG  1 
ATOM   1003 C CD  . LYS D 1 23 ? -8.785  -3.684  -1.556  1.00 46.76  ? 28  LYS F CD  1 
ATOM   1004 C CE  . LYS D 1 23 ? -7.563  -4.027  -2.380  1.00 46.76  ? 28  LYS F CE  1 
ATOM   1005 N NZ  . LYS D 1 23 ? -6.433  -4.472  -1.526  1.00 46.76  ? 28  LYS F NZ  1 
ATOM   1006 N N   . GLY D 1 24 ? -10.832 0.151   2.596   1.00 47.39  ? 29  GLY F N   1 
ATOM   1007 C CA  . GLY D 1 24 ? -11.845 0.361   3.608   1.00 47.39  ? 29  GLY F CA  1 
ATOM   1008 C C   . GLY D 1 24 ? -12.217 1.819   3.757   1.00 47.39  ? 29  GLY F C   1 
ATOM   1009 O O   . GLY D 1 24 ? -12.378 2.527   2.762   1.00 47.39  ? 29  GLY F O   1 
ATOM   1010 N N   . ALA D 1 25 ? -12.349 2.283   4.993   1.00 42.49  ? 30  ALA F N   1 
ATOM   1011 C CA  . ALA D 1 25 ? -12.767 3.647   5.275   1.00 42.49  ? 30  ALA F CA  1 
ATOM   1012 C C   . ALA D 1 25 ? -11.698 4.367   6.081   1.00 42.49  ? 30  ALA F C   1 
ATOM   1013 O O   . ALA D 1 25 ? -11.121 3.799   7.010   1.00 42.49  ? 30  ALA F O   1 
ATOM   1014 C CB  . ALA D 1 25 ? -14.092 3.667   6.035   1.00 42.49  ? 30  ALA F CB  1 
ATOM   1015 N N   . ILE D 1 26 ? -11.438 5.618   5.717   1.00 38.50  ? 31  ILE F N   1 
ATOM   1016 C CA  . ILE D 1 26 ? -10.528 6.490   6.458   1.00 38.50  ? 31  ILE F CA  1 
ATOM   1017 C C   . ILE D 1 26 ? -11.315 7.761   6.757   1.00 38.50  ? 31  ILE F C   1 
ATOM   1018 O O   . ILE D 1 26 ? -11.353 8.691   5.948   1.00 38.50  ? 31  ILE F O   1 
ATOM   1019 C CB  . ILE D 1 26 ? -9.242  6.799   5.687   1.00 38.50  ? 31  ILE F CB  1 
ATOM   1020 C CG1 . ILE D 1 26 ? -8.543  5.505   5.285   1.00 38.50  ? 31  ILE F CG1 1 
ATOM   1021 C CG2 . ILE D 1 26 ? -8.319  7.650   6.523   1.00 38.50  ? 31  ILE F CG2 1 
ATOM   1022 C CD1 . ILE D 1 26 ? -7.197  5.716   4.652   1.00 38.50  ? 31  ILE F CD1 1 
ATOM   1023 N N   . ILE D 1 27 ? -11.951 7.808   7.922   1.00 38.40  ? 32  ILE F N   1 
ATOM   1024 C CA  . ILE D 1 27 ? -12.847 8.895   8.295   1.00 38.40  ? 32  ILE F CA  1 
ATOM   1025 C C   . ILE D 1 27 ? -12.182 9.719   9.383   1.00 38.40  ? 32  ILE F C   1 
ATOM   1026 O O   . ILE D 1 27 ? -11.617 9.165   10.331  1.00 38.40  ? 32  ILE F O   1 
ATOM   1027 C CB  . ILE D 1 27 ? -14.207 8.356   8.763   1.00 38.40  ? 32  ILE F CB  1 
ATOM   1028 C CG1 . ILE D 1 27 ? -14.791 7.434   7.698   1.00 38.40  ? 32  ILE F CG1 1 
ATOM   1029 C CG2 . ILE D 1 27 ? -15.155 9.493   9.055   1.00 38.40  ? 32  ILE F CG2 1 
ATOM   1030 C CD1 . ILE D 1 27 ? -15.985 6.665   8.155   1.00 38.40  ? 32  ILE F CD1 1 
ATOM   1031 N N   . GLY D 1 28 ? -12.247 11.038  9.248   1.00 39.21  ? 33  GLY F N   1 
ATOM   1032 C CA  . GLY D 1 28 ? -11.621 11.922  10.209  1.00 39.21  ? 33  GLY F CA  1 
ATOM   1033 C C   . GLY D 1 28 ? -12.463 12.179  11.439  1.00 39.21  ? 33  GLY F C   1 
ATOM   1034 O O   . GLY D 1 28 ? -12.012 11.953  12.563  1.00 39.21  ? 33  GLY F O   1 
ATOM   1035 N N   . LEU D 1 29 ? -13.689 12.653  11.241  1.00 45.50  ? 34  LEU F N   1 
ATOM   1036 C CA  . LEU D 1 29 ? -14.590 12.973  12.340  1.00 45.50  ? 34  LEU F CA  1 
ATOM   1037 C C   . LEU D 1 29 ? -15.984 12.518  11.948  1.00 45.50  ? 34  LEU F C   1 
ATOM   1038 O O   . LEU D 1 29 ? -16.519 12.972  10.935  1.00 45.50  ? 34  LEU F O   1 
ATOM   1039 C CB  . LEU D 1 29 ? -14.568 14.473  12.639  1.00 45.50  ? 34  LEU F CB  1 
ATOM   1040 C CG  . LEU D 1 29 ? -15.100 14.974  13.978  1.00 45.50  ? 34  LEU F CG  1 
ATOM   1041 C CD1 . LEU D 1 29 ? -14.309 16.185  14.403  1.00 45.50  ? 34  LEU F CD1 1 
ATOM   1042 C CD2 . LEU D 1 29 ? -16.558 15.327  13.877  1.00 45.50  ? 34  LEU F CD2 1 
ATOM   1043 N N   . MET D 1 30 ? -16.569 11.627  12.741  1.00 53.74  ? 35  MET F N   1 
ATOM   1044 C CA  . MET D 1 30 ? -17.835 10.986  12.406  1.00 53.74  ? 35  MET F CA  1 
ATOM   1045 C C   . MET D 1 30 ? -18.879 11.334  13.456  1.00 53.74  ? 35  MET F C   1 
ATOM   1046 O O   . MET D 1 30 ? -18.691 11.043  14.641  1.00 53.74  ? 35  MET F O   1 
ATOM   1047 C CB  . MET D 1 30 ? -17.662 9.470   12.306  1.00 53.74  ? 35  MET F CB  1 
ATOM   1048 C CG  . MET D 1 30 ? -18.907 8.729   11.877  1.00 53.74  ? 35  MET F CG  1 
ATOM   1049 S SD  . MET D 1 30 ? -18.985 8.484   10.100  1.00 53.74  ? 35  MET F SD  1 
ATOM   1050 C CE  . MET D 1 30 ? -20.347 7.340   9.990   1.00 53.74  ? 35  MET F CE  1 
ATOM   1051 N N   . VAL D 1 31 ? -19.979 11.944  13.020  1.00 56.49  ? 36  VAL F N   1 
ATOM   1052 C CA  . VAL D 1 31 ? -21.067 12.296  13.915  1.00 56.49  ? 36  VAL F CA  1 
ATOM   1053 C C   . VAL D 1 31 ? -22.350 11.538  13.596  1.00 56.49  ? 36  VAL F C   1 
ATOM   1054 O O   . VAL D 1 31 ? -23.161 11.313  14.499  1.00 56.49  ? 36  VAL F O   1 
ATOM   1055 C CB  . VAL D 1 31 ? -21.320 13.817  13.896  1.00 56.49  ? 36  VAL F CB  1 
ATOM   1056 C CG1 . VAL D 1 31 ? -22.214 14.221  15.048  1.00 56.49  ? 36  VAL F CG1 1 
ATOM   1057 C CG2 . VAL D 1 31 ? -20.016 14.568  13.958  1.00 56.49  ? 36  VAL F CG2 1 
ATOM   1058 N N   . GLY D 1 32 ? -22.558 11.137  12.350  1.00 60.02  ? 37  GLY F N   1 
ATOM   1059 C CA  . GLY D 1 32 ? -23.754 10.402  12.004  1.00 60.02  ? 37  GLY F CA  1 
ATOM   1060 C C   . GLY D 1 32 ? -23.626 9.777   10.636  1.00 60.02  ? 37  GLY F C   1 
ATOM   1061 O O   . GLY D 1 32 ? -22.548 9.748   10.045  1.00 60.02  ? 37  GLY F O   1 
ATOM   1062 N N   . GLY D 1 33 ? -24.749 9.275   10.138  1.00 59.73  ? 38  GLY F N   1 
ATOM   1063 C CA  . GLY D 1 33 ? -24.783 8.680   8.819   1.00 59.73  ? 38  GLY F CA  1 
ATOM   1064 C C   . GLY D 1 33 ? -24.278 7.252   8.807   1.00 59.73  ? 38  GLY F C   1 
ATOM   1065 O O   . GLY D 1 33 ? -23.942 6.660   9.830   1.00 59.73  ? 38  GLY F O   1 
ATOM   1066 N N   . VAL D 1 34 ? -24.229 6.689   7.603   1.00 56.10  ? 39  VAL F N   1 
ATOM   1067 C CA  . VAL D 1 34 ? -23.783 5.319   7.387   1.00 56.10  ? 39  VAL F CA  1 
ATOM   1068 C C   . VAL D 1 34 ? -22.661 5.336   6.361   1.00 56.10  ? 39  VAL F C   1 
ATOM   1069 O O   . VAL D 1 34 ? -22.770 6.007   5.330   1.00 56.10  ? 39  VAL F O   1 
ATOM   1070 C CB  . VAL D 1 34 ? -24.931 4.412   6.912   1.00 56.10  ? 39  VAL F CB  1 
ATOM   1071 C CG1 . VAL D 1 34 ? -24.473 2.971   6.850   1.00 56.10  ? 39  VAL F CG1 1 
ATOM   1072 C CG2 . VAL D 1 34 ? -26.127 4.550   7.826   1.00 56.10  ? 39  VAL F CG2 1 
ATOM   1073 N N   . VAL D 1 35 ? -21.587 4.603   6.643   1.00 56.55  ? 40  VAL F N   1 
ATOM   1074 C CA  . VAL D 1 35 ? -20.467 4.445   5.723   1.00 56.55  ? 40  VAL F CA  1 
ATOM   1075 C C   . VAL D 1 35 ? -20.197 2.958   5.569   1.00 56.55  ? 40  VAL F C   1 
ATOM   1076 O O   . VAL D 1 35 ? -19.843 2.287   6.544   1.00 56.55  ? 40  VAL F O   1 
ATOM   1077 C CB  . VAL D 1 35 ? -19.204 5.171   6.211   1.00 56.55  ? 40  VAL F CB  1 
ATOM   1078 C CG1 . VAL D 1 35 ? -18.052 4.895   5.275   1.00 56.55  ? 40  VAL F CG1 1 
ATOM   1079 C CG2 . VAL D 1 35 ? -19.456 6.657   6.304   1.00 56.55  ? 40  VAL F CG2 1 
ATOM   1080 N N   . ILE D 1 36 ? -20.358 2.447   4.355   1.00 58.27  ? 41  ILE F N   1 
ATOM   1081 C CA  . ILE D 1 36 ? -20.171 1.032   4.065   1.00 58.27  ? 41  ILE F CA  1 
ATOM   1082 C C   . ILE D 1 36 ? -18.900 0.882   3.247   1.00 58.27  ? 41  ILE F C   1 
ATOM   1083 O O   . ILE D 1 36 ? -18.781 1.462   2.161   1.00 58.27  ? 41  ILE F O   1 
ATOM   1084 C CB  . ILE D 1 36 ? -21.378 0.443   3.327   1.00 58.27  ? 41  ILE F CB  1 
ATOM   1085 C CG1 . ILE D 1 36 ? -22.629 0.571   4.193   1.00 58.27  ? 41  ILE F CG1 1 
ATOM   1086 C CG2 . ILE D 1 36 ? -21.122 -1.007  2.977   1.00 58.27  ? 41  ILE F CG2 1 
ATOM   1087 C CD1 . ILE D 1 36 ? -23.897 0.219   3.476   1.00 58.27  ? 41  ILE F CD1 1 
ATOM   1088 N N   . ALA D 1 37 ? -17.958 0.102   3.769   1.00 58.06  ? 42  ALA F N   1 
ATOM   1089 C CA  . ALA D 1 37 ? -16.662 -0.133  3.135   1.00 58.06  ? 42  ALA F CA  1 
ATOM   1090 C C   . ALA D 1 37 ? -15.945 1.173   2.833   1.00 58.06  ? 42  ALA F C   1 
ATOM   1091 O O   . ALA D 1 37 ? -15.941 1.635   1.696   1.00 58.06  ? 42  ALA F O   1 
ATOM   1092 C CB  . ALA D 1 37 ? -16.829 -0.954  1.864   1.00 58.06  ? 42  ALA F CB  1 
ATOM   1093 N N   . HIS E 1 1  ? -19.577 17.323  23.200  1.00 84.37  ? 6   HIS A N   1 
ATOM   1094 C CA  . HIS E 1 1  ? -18.518 17.097  24.178  1.00 84.37  ? 6   HIS A CA  1 
ATOM   1095 C C   . HIS E 1 1  ? -18.822 17.779  25.500  1.00 84.37  ? 6   HIS A C   1 
ATOM   1096 O O   . HIS E 1 1  ? -19.924 17.682  26.040  1.00 84.37  ? 6   HIS A O   1 
ATOM   1097 C CB  . HIS E 1 1  ? -17.177 17.605  23.646  1.00 84.37  ? 6   HIS A CB  1 
ATOM   1098 C CG  . HIS E 1 1  ? -16.585 16.745  22.578  1.00 84.37  ? 6   HIS A CG  1 
ATOM   1099 N ND1 . HIS E 1 1  ? -15.466 17.113  21.863  1.00 84.37  ? 6   HIS A ND1 1 
ATOM   1100 C CD2 . HIS E 1 1  ? -16.955 15.534  22.101  1.00 84.37  ? 6   HIS A CD2 1 
ATOM   1101 C CE1 . HIS E 1 1  ? -15.172 16.166  20.993  1.00 84.37  ? 6   HIS A CE1 1 
ATOM   1102 N NE2 . HIS E 1 1  ? -16.060 15.196  21.116  1.00 84.37  ? 6   HIS A NE2 1 
ATOM   1103 N N   . ASP E 1 2  ? -17.814 18.478  26.009  1.00 91.30  ? 7   ASP A N   1 
ATOM   1104 C CA  . ASP E 1 2  ? -17.930 19.235  27.250  1.00 91.30  ? 7   ASP A CA  1 
ATOM   1105 C C   . ASP E 1 2  ? -18.736 20.499  26.973  1.00 91.30  ? 7   ASP A C   1 
ATOM   1106 O O   . ASP E 1 2  ? -18.201 21.603  26.842  1.00 91.30  ? 7   ASP A O   1 
ATOM   1107 C CB  . ASP E 1 2  ? -16.546 19.545  27.802  1.00 91.30  ? 7   ASP A CB  1 
ATOM   1108 C CG  . ASP E 1 2  ? -15.561 19.908  26.720  1.00 91.30  ? 7   ASP A CG  1 
ATOM   1109 O OD1 . ASP E 1 2  ? -15.960 19.922  25.543  1.00 91.30  ? 7   ASP A OD1 1 
ATOM   1110 O OD2 . ASP E 1 2  ? -14.387 20.172  27.041  1.00 91.30  ? 7   ASP A OD2 1 
ATOM   1111 N N   . SER E 1 3  ? -20.058 20.330  26.898  1.00 96.13  ? 8   SER A N   1 
ATOM   1112 C CA  . SER E 1 3  ? -20.946 21.396  26.446  1.00 96.13  ? 8   SER A CA  1 
ATOM   1113 C C   . SER E 1 3  ? -20.798 22.663  27.274  1.00 96.13  ? 8   SER A C   1 
ATOM   1114 O O   . SER E 1 3  ? -20.320 23.684  26.772  1.00 96.13  ? 8   SER A O   1 
ATOM   1115 C CB  . SER E 1 3  ? -22.403 20.925  26.474  1.00 96.13  ? 8   SER A CB  1 
ATOM   1116 O OG  . SER E 1 3  ? -22.732 20.188  25.308  1.00 96.13  ? 8   SER A OG  1 
ATOM   1117 N N   . GLY E 1 4  ? -21.185 22.594  28.542  1.00 103.95 ? 9   GLY A N   1 
ATOM   1118 C CA  . GLY E 1 4  ? -21.010 23.720  29.438  1.00 103.95 ? 9   GLY A CA  1 
ATOM   1119 C C   . GLY E 1 4  ? -21.610 24.997  28.903  1.00 103.95 ? 9   GLY A C   1 
ATOM   1120 O O   . GLY E 1 4  ? -22.648 24.994  28.241  1.00 103.95 ? 9   GLY A O   1 
ATOM   1121 N N   . TYR E 1 5  ? -20.959 26.109  29.221  1.00 113.13 ? 10  TYR A N   1 
ATOM   1122 C CA  . TYR E 1 5  ? -21.286 27.417  28.672  1.00 113.13 ? 10  TYR A CA  1 
ATOM   1123 C C   . TYR E 1 5  ? -20.152 28.000  27.852  1.00 113.13 ? 10  TYR A C   1 
ATOM   1124 O O   . TYR E 1 5  ? -20.396 28.581  26.791  1.00 113.13 ? 10  TYR A O   1 
ATOM   1125 C CB  . TYR E 1 5  ? -21.630 28.421  29.785  1.00 113.13 ? 10  TYR A CB  1 
ATOM   1126 C CG  . TYR E 1 5  ? -22.793 28.070  30.680  1.00 113.13 ? 10  TYR A CG  1 
ATOM   1127 C CD1 . TYR E 1 5  ? -23.642 27.015  30.389  1.00 113.13 ? 10  TYR A CD1 1 
ATOM   1128 C CD2 . TYR E 1 5  ? -23.050 28.819  31.815  1.00 113.13 ? 10  TYR A CD2 1 
ATOM   1129 C CE1 . TYR E 1 5  ? -24.701 26.704  31.216  1.00 113.13 ? 10  TYR A CE1 1 
ATOM   1130 C CE2 . TYR E 1 5  ? -24.105 28.524  32.639  1.00 113.13 ? 10  TYR A CE2 1 
ATOM   1131 C CZ  . TYR E 1 5  ? -24.928 27.461  32.344  1.00 113.13 ? 10  TYR A CZ  1 
ATOM   1132 N N   . GLU E 1 6  ? -18.915 27.866  28.319  1.00 92.65  ? 11  GLU A N   1 
ATOM   1133 C CA  . GLU E 1 6  ? -17.763 28.472  27.676  1.00 92.65  ? 11  GLU A CA  1 
ATOM   1134 C C   . GLU E 1 6  ? -16.668 27.435  27.512  1.00 92.65  ? 11  GLU A C   1 
ATOM   1135 O O   . GLU E 1 6  ? -16.463 26.594  28.389  1.00 92.65  ? 11  GLU A O   1 
ATOM   1136 C CB  . GLU E 1 6  ? -17.244 29.658  28.489  1.00 92.65  ? 11  GLU A CB  1 
ATOM   1137 C CG  . GLU E 1 6  ? -16.117 30.422  27.826  1.00 92.65  ? 11  GLU A CG  1 
ATOM   1138 C CD  . GLU E 1 6  ? -15.862 31.761  28.482  1.00 92.65  ? 11  GLU A CD  1 
ATOM   1139 O OE1 . GLU E 1 6  ? -14.682 32.106  28.697  1.00 92.65  ? 11  GLU A OE1 1 
ATOM   1140 O OE2 . GLU E 1 6  ? -16.844 32.470  28.785  1.00 92.65  ? 11  GLU A OE2 1 
ATOM   1141 N N   . VAL E 1 7  ? -15.973 27.494  26.378  1.00 81.20  ? 12  VAL A N   1 
ATOM   1142 C CA  . VAL E 1 7  ? -14.820 26.641  26.114  1.00 81.20  ? 12  VAL A CA  1 
ATOM   1143 C C   . VAL E 1 7  ? -13.734 27.505  25.491  1.00 81.20  ? 12  VAL A C   1 
ATOM   1144 O O   . VAL E 1 7  ? -13.934 28.085  24.420  1.00 81.20  ? 12  VAL A O   1 
ATOM   1145 C CB  . VAL E 1 7  ? -15.161 25.459  25.191  1.00 81.20  ? 12  VAL A CB  1 
ATOM   1146 C CG1 . VAL E 1 7  ? -13.896 24.779  24.726  1.00 81.20  ? 12  VAL A CG1 1 
ATOM   1147 C CG2 . VAL E 1 7  ? -16.052 24.471  25.910  1.00 81.20  ? 12  VAL A CG2 1 
ATOM   1148 N N   . HIS E 1 8  ? -12.599 27.603  26.163  1.00 77.46  ? 13  HIS A N   1 
ATOM   1149 C CA  . HIS E 1 8  ? -11.469 28.386  25.695  1.00 77.46  ? 13  HIS A CA  1 
ATOM   1150 C C   . HIS E 1 8  ? -10.634 27.549  24.734  1.00 77.46  ? 13  HIS A C   1 
ATOM   1151 O O   . HIS E 1 8  ? -11.102 26.551  24.184  1.00 77.46  ? 13  HIS A O   1 
ATOM   1152 C CB  . HIS E 1 8  ? -10.644 28.891  26.871  1.00 77.46  ? 13  HIS A CB  1 
ATOM   1153 C CG  . HIS E 1 8  ? -11.254 30.062  27.568  1.00 77.46  ? 13  HIS A CG  1 
ATOM   1154 N ND1 . HIS E 1 8  ? -10.726 31.331  27.489  1.00 77.46  ? 13  HIS A ND1 1 
ATOM   1155 C CD2 . HIS E 1 8  ? -12.354 30.158  28.350  1.00 77.46  ? 13  HIS A CD2 1 
ATOM   1156 C CE1 . HIS E 1 8  ? -11.472 32.159  28.197  1.00 77.46  ? 13  HIS A CE1 1 
ATOM   1157 N NE2 . HIS E 1 8  ? -12.466 31.472  28.731  1.00 77.46  ? 13  HIS A NE2 1 
ATOM   1158 N N   . HIS E 1 9  ? -9.399  27.983  24.503  1.00 76.08  ? 14  HIS A N   1 
ATOM   1159 C CA  . HIS E 1 9  ? -8.503  27.363  23.536  1.00 76.08  ? 14  HIS A CA  1 
ATOM   1160 C C   . HIS E 1 9  ? -8.517  25.846  23.643  1.00 76.08  ? 14  HIS A C   1 
ATOM   1161 O O   . HIS E 1 9  ? -8.112  25.280  24.660  1.00 76.08  ? 14  HIS A O   1 
ATOM   1162 C CB  . HIS E 1 9  ? -7.080  27.886  23.748  1.00 76.08  ? 14  HIS A CB  1 
ATOM   1163 C CG  . HIS E 1 9  ? -6.991  29.375  23.874  1.00 76.08  ? 14  HIS A CG  1 
ATOM   1164 N ND1 . HIS E 1 9  ? -7.613  30.079  24.881  1.00 76.08  ? 14  HIS A ND1 1 
ATOM   1165 C CD2 . HIS E 1 9  ? -6.338  30.292  23.123  1.00 76.08  ? 14  HIS A CD2 1 
ATOM   1166 C CE1 . HIS E 1 9  ? -7.357  31.367  24.740  1.00 76.08  ? 14  HIS A CE1 1 
ATOM   1167 N NE2 . HIS E 1 9  ? -6.584  31.523  23.681  1.00 76.08  ? 14  HIS A NE2 1 
ATOM   1168 N N   . GLN E 1 10 ? -8.990  25.193  22.586  1.00 60.01  ? 15  GLN A N   1 
ATOM   1169 C CA  . GLN E 1 10 ? -9.000  23.744  22.484  1.00 60.01  ? 15  GLN A CA  1 
ATOM   1170 C C   . GLN E 1 10 ? -8.301  23.348  21.197  1.00 60.01  ? 15  GLN A C   1 
ATOM   1171 O O   . GLN E 1 10 ? -8.508  23.973  20.156  1.00 60.01  ? 15  GLN A O   1 
ATOM   1172 C CB  . GLN E 1 10 ? -10.421 23.189  22.497  1.00 60.01  ? 15  GLN A CB  1 
ATOM   1173 C CG  . GLN E 1 10 ? -10.506 21.728  22.118  1.00 60.01  ? 15  GLN A CG  1 
ATOM   1174 C CD  . GLN E 1 10 ? -11.924 21.225  22.065  1.00 60.01  ? 15  GLN A CD  1 
ATOM   1175 O OE1 . GLN E 1 10 ? -12.850 21.905  22.494  1.00 60.01  ? 15  GLN A OE1 1 
ATOM   1176 N NE2 . GLN E 1 10 ? -12.105 20.026  21.535  1.00 60.01  ? 15  GLN A NE2 1 
ATOM   1177 N N   . LYS E 1 11 ? -7.471  22.313  21.269  1.00 51.19  ? 16  LYS A N   1 
ATOM   1178 C CA  . LYS E 1 11 ? -6.661  21.897  20.132  1.00 51.19  ? 16  LYS A CA  1 
ATOM   1179 C C   . LYS E 1 11 ? -6.662  20.380  20.051  1.00 51.19  ? 16  LYS A C   1 
ATOM   1180 O O   . LYS E 1 11 ? -6.201  19.711  20.978  1.00 51.19  ? 16  LYS A O   1 
ATOM   1181 C CB  . LYS E 1 11 ? -5.235  22.432  20.260  1.00 51.19  ? 16  LYS A CB  1 
ATOM   1182 C CG  . LYS E 1 11 ? -4.364  22.192  19.053  1.00 51.19  ? 16  LYS A CG  1 
ATOM   1183 C CD  . LYS E 1 11 ? -2.971  22.735  19.291  1.00 51.19  ? 16  LYS A CD  1 
ATOM   1184 C CE  . LYS E 1 11 ? -2.087  22.546  18.076  1.00 51.19  ? 16  LYS A CE  1 
ATOM   1185 N NZ  . LYS E 1 11 ? -0.684  22.945  18.362  1.00 51.19  ? 16  LYS A NZ  1 
ATOM   1186 N N   . LEU E 1 12 ? -7.179  19.841  18.954  1.00 42.64  ? 17  LEU A N   1 
ATOM   1187 C CA  . LEU E 1 12 ? -7.165  18.410  18.699  1.00 42.64  ? 17  LEU A CA  1 
ATOM   1188 C C   . LEU E 1 12 ? -6.254  18.118  17.518  1.00 42.64  ? 17  LEU A C   1 
ATOM   1189 O O   . LEU E 1 12 ? -6.194  18.898  16.566  1.00 42.64  ? 17  LEU A O   1 
ATOM   1190 C CB  . LEU E 1 12 ? -8.567  17.879  18.404  1.00 42.64  ? 17  LEU A CB  1 
ATOM   1191 C CG  . LEU E 1 12 ? -9.725  18.276  19.317  1.00 42.64  ? 17  LEU A CG  1 
ATOM   1192 C CD1 . LEU E 1 12 ? -10.904 17.366  19.067  1.00 42.64  ? 17  LEU A CD1 1 
ATOM   1193 C CD2 . LEU E 1 12 ? -9.324  18.222  20.766  1.00 42.64  ? 17  LEU A CD2 1 
ATOM   1194 N N   . VAL E 1 13 ? -5.540  16.995  17.582  1.00 36.70  ? 18  VAL A N   1 
ATOM   1195 C CA  . VAL E 1 13 ? -4.670  16.556  16.496  1.00 36.70  ? 18  VAL A CA  1 
ATOM   1196 C C   . VAL E 1 13 ? -4.853  15.057  16.316  1.00 36.70  ? 18  VAL A C   1 
ATOM   1197 O O   . VAL E 1 13 ? -4.555  14.282  17.229  1.00 36.70  ? 18  VAL A O   1 
ATOM   1198 C CB  . VAL E 1 13 ? -3.190  16.880  16.755  1.00 36.70  ? 18  VAL A CB  1 
ATOM   1199 C CG1 . VAL E 1 13 ? -2.329  16.264  15.679  1.00 36.70  ? 18  VAL A CG1 1 
ATOM   1200 C CG2 . VAL E 1 13 ? -2.971  18.374  16.810  1.00 36.70  ? 18  VAL A CG2 1 
ATOM   1201 N N   . PHE E 1 14 ? -5.343  14.648  15.150  1.00 38.15  ? 19  PHE A N   1 
ATOM   1202 C CA  . PHE E 1 14 ? -5.500  13.243  14.805  1.00 38.15  ? 19  PHE A CA  1 
ATOM   1203 C C   . PHE E 1 14 ? -4.843  13.014  13.456  1.00 38.15  ? 19  PHE A C   1 
ATOM   1204 O O   . PHE E 1 14 ? -5.048  13.806  12.535  1.00 38.15  ? 19  PHE A O   1 
ATOM   1205 C CB  . PHE E 1 14 ? -6.972  12.837  14.724  1.00 38.15  ? 19  PHE A CB  1 
ATOM   1206 C CG  . PHE E 1 14 ? -7.722  12.970  16.013  1.00 38.15  ? 19  PHE A CG  1 
ATOM   1207 C CD1 . PHE E 1 14 ? -8.101  14.208  16.488  1.00 38.15  ? 19  PHE A CD1 1 
ATOM   1208 C CD2 . PHE E 1 14 ? -8.078  11.851  16.733  1.00 38.15  ? 19  PHE A CD2 1 
ATOM   1209 C CE1 . PHE E 1 14 ? -8.802  14.327  17.662  1.00 38.15  ? 19  PHE A CE1 1 
ATOM   1210 C CE2 . PHE E 1 14 ? -8.777  11.967  17.910  1.00 38.15  ? 19  PHE A CE2 1 
ATOM   1211 C CZ  . PHE E 1 14 ? -9.139  13.205  18.374  1.00 38.15  ? 19  PHE A CZ  1 
ATOM   1212 N N   . PHE E 1 15 ? -4.063  11.942  13.329  1.00 37.64  ? 20  PHE A N   1 
ATOM   1213 C CA  . PHE E 1 15 ? -3.517  11.604  12.021  1.00 37.64  ? 20  PHE A CA  1 
ATOM   1214 C C   . PHE E 1 15 ? -3.017  10.168  12.005  1.00 37.64  ? 20  PHE A C   1 
ATOM   1215 O O   . PHE E 1 15 ? -2.901  9.513   13.037  1.00 37.64  ? 20  PHE A O   1 
ATOM   1216 C CB  . PHE E 1 15 ? -2.407  12.572  11.602  1.00 37.64  ? 20  PHE A CB  1 
ATOM   1217 C CG  . PHE E 1 15 ? -1.221  12.585  12.507  1.00 37.64  ? 20  PHE A CG  1 
ATOM   1218 C CD1 . PHE E 1 15 ? -1.206  13.374  13.637  1.00 37.64  ? 20  PHE A CD1 1 
ATOM   1219 C CD2 . PHE E 1 15 ? -0.098  11.846  12.201  1.00 37.64  ? 20  PHE A CD2 1 
ATOM   1220 C CE1 . PHE E 1 15 ? -0.109  13.402  14.457  1.00 37.64  ? 20  PHE A CE1 1 
ATOM   1221 C CE2 . PHE E 1 15 ? 1.002   11.870  13.017  1.00 37.64  ? 20  PHE A CE2 1 
ATOM   1222 C CZ  . PHE E 1 15 ? 0.998   12.649  14.147  1.00 37.64  ? 20  PHE A CZ  1 
ATOM   1223 N N   . ALA E 1 16 ? -2.742  9.685   10.794  1.00 44.56  ? 21  ALA A N   1 
ATOM   1224 C CA  . ALA E 1 16 ? -2.146  8.374   10.564  1.00 44.56  ? 21  ALA A CA  1 
ATOM   1225 C C   . ALA E 1 16 ? -1.141  8.527   9.436   1.00 44.56  ? 21  ALA A C   1 
ATOM   1226 O O   . ALA E 1 16 ? -1.514  8.934   8.334   1.00 44.56  ? 21  ALA A O   1 
ATOM   1227 C CB  . ALA E 1 16 ? -3.207  7.335   10.200  1.00 44.56  ? 21  ALA A CB  1 
ATOM   1228 N N   . GLU E 1 17 ? 0.125   8.203   9.695   1.00 55.51  ? 22  GLU A N   1 
ATOM   1229 C CA  . GLU E 1 17 ? 1.175   8.630   8.775   1.00 55.51  ? 22  GLU A CA  1 
ATOM   1230 C C   . GLU E 1 17 ? 1.532   7.591   7.715   1.00 55.51  ? 22  GLU A C   1 
ATOM   1231 O O   . GLU E 1 17 ? 1.368   7.844   6.520   1.00 55.51  ? 22  GLU A O   1 
ATOM   1232 C CB  . GLU E 1 17 ? 2.425   9.022   9.561   1.00 55.51  ? 22  GLU A CB  1 
ATOM   1233 C CG  . GLU E 1 17 ? 2.894   10.425  9.259   1.00 55.51  ? 22  GLU A CG  1 
ATOM   1234 C CD  . GLU E 1 17 ? 4.160   10.785  9.995   1.00 55.51  ? 22  GLU A CD  1 
ATOM   1235 O OE1 . GLU E 1 17 ? 5.257   10.459  9.496   1.00 55.51  ? 22  GLU A OE1 1 
ATOM   1236 O OE2 . GLU E 1 17 ? 4.060   11.400  11.077  1.00 55.51  ? 22  GLU A OE2 1 
ATOM   1237 N N   . ASP E 1 18 ? 2.015   6.422   8.125   1.00 56.27  ? 23  ASP A N   1 
ATOM   1238 C CA  . ASP E 1 18 ? 2.585   5.453   7.187   1.00 56.27  ? 23  ASP A CA  1 
ATOM   1239 C C   . ASP E 1 18 ? 1.791   4.156   7.254   1.00 56.27  ? 23  ASP A C   1 
ATOM   1240 O O   . ASP E 1 18 ? 2.121   3.258   8.030   1.00 56.27  ? 23  ASP A O   1 
ATOM   1241 C CB  . ASP E 1 18 ? 4.051   5.199   7.492   1.00 56.27  ? 23  ASP A CB  1 
ATOM   1242 C CG  . ASP E 1 18 ? 4.973   6.130   6.749   1.00 56.27  ? 23  ASP A CG  1 
ATOM   1243 O OD1 . ASP E 1 18 ? 5.963   6.593   7.353   1.00 56.27  ? 23  ASP A OD1 1 
ATOM   1244 O OD2 . ASP E 1 18 ? 4.724   6.392   5.558   1.00 56.27  ? 23  ASP A OD2 1 
ATOM   1245 N N   . VAL E 1 19 ? 0.762   4.047   6.425   1.00 48.40  ? 24  VAL A N   1 
ATOM   1246 C CA  . VAL E 1 19 ? -0.071  2.855   6.363   1.00 48.40  ? 24  VAL A CA  1 
ATOM   1247 C C   . VAL E 1 19 ? 0.195   2.171   5.032   1.00 48.40  ? 24  VAL A C   1 
ATOM   1248 O O   . VAL E 1 19 ? -0.022  2.762   3.969   1.00 48.40  ? 24  VAL A O   1 
ATOM   1249 C CB  . VAL E 1 19 ? -1.558  3.193   6.527   1.00 48.40  ? 24  VAL A CB  1 
ATOM   1250 C CG1 . VAL E 1 19 ? -2.392  1.931   6.503   1.00 48.40  ? 24  VAL A CG1 1 
ATOM   1251 C CG2 . VAL E 1 19 ? -1.778  3.954   7.815   1.00 48.40  ? 24  VAL A CG2 1 
ATOM   1252 N N   . GLY E 1 20 ? 0.677   0.937   5.087   1.00 43.50  ? 25  GLY A N   1 
ATOM   1253 C CA  . GLY E 1 20 ? 0.937   0.199   3.871   1.00 43.50  ? 25  GLY A CA  1 
ATOM   1254 C C   . GLY E 1 20 ? -0.339  -0.180  3.158   1.00 43.50  ? 25  GLY A C   1 
ATOM   1255 O O   . GLY E 1 20 ? -0.630  0.326   2.074   1.00 43.50  ? 25  GLY A O   1 
ATOM   1256 N N   . SER E 1 21 ? -1.116  -1.068  3.764   1.00 44.26  ? 26  SER A N   1 
ATOM   1257 C CA  . SER E 1 21 ? -2.404  -1.471  3.232   1.00 44.26  ? 26  SER A CA  1 
ATOM   1258 C C   . SER E 1 21 ? -3.463  -1.292  4.306   1.00 44.26  ? 26  SER A C   1 
ATOM   1259 O O   . SER E 1 21 ? -3.178  -1.386  5.501   1.00 44.26  ? 26  SER A O   1 
ATOM   1260 C CB  . SER E 1 21 ? -2.390  -2.921  2.758   1.00 44.26  ? 26  SER A CB  1 
ATOM   1261 O OG  . SER E 1 21 ? -3.705  -3.432  2.657   1.00 44.26  ? 26  SER A OG  1 
ATOM   1262 N N   . ASN E 1 22 ? -4.691  -1.034  3.871   1.00 45.58  ? 27  ASN A N   1 
ATOM   1263 C CA  . ASN E 1 22 ? -5.805  -0.860  4.789   1.00 45.58  ? 27  ASN A CA  1 
ATOM   1264 C C   . ASN E 1 22 ? -7.041  -1.493  4.180   1.00 45.58  ? 27  ASN A C   1 
ATOM   1265 O O   . ASN E 1 22 ? -7.479  -1.085  3.102   1.00 45.58  ? 27  ASN A O   1 
ATOM   1266 C CB  . ASN E 1 22 ? -6.056  0.617   5.086   1.00 45.58  ? 27  ASN A CB  1 
ATOM   1267 C CG  . ASN E 1 22 ? -7.257  0.829   5.975   1.00 45.58  ? 27  ASN A CG  1 
ATOM   1268 O OD1 . ASN E 1 22 ? -7.459  0.104   6.944   1.00 45.58  ? 27  ASN A OD1 1 
ATOM   1269 N ND2 . ASN E 1 22 ? -8.069  1.819   5.644   1.00 45.58  ? 27  ASN A ND2 1 
ATOM   1270 N N   . LYS E 1 23 ? -7.597  -2.486  4.863   1.00 46.58  ? 28  LYS A N   1 
ATOM   1271 C CA  . LYS E 1 23 ? -8.848  -3.097  4.456   1.00 46.58  ? 28  LYS A CA  1 
ATOM   1272 C C   . LYS E 1 23 ? -9.945  -2.927  5.494   1.00 46.58  ? 28  LYS A C   1 
ATOM   1273 O O   . LYS E 1 23 ? -11.057 -3.420  5.283   1.00 46.58  ? 28  LYS A O   1 
ATOM   1274 C CB  . LYS E 1 23 ? -8.647  -4.587  4.162   1.00 46.58  ? 28  LYS A CB  1 
ATOM   1275 C CG  . LYS E 1 23 ? -7.501  -4.870  3.218   1.00 46.58  ? 28  LYS A CG  1 
ATOM   1276 C CD  . LYS E 1 23 ? -7.738  -6.150  2.451   1.00 46.58  ? 28  LYS A CD  1 
ATOM   1277 C CE  . LYS E 1 23 ? -6.533  -6.520  1.616   1.00 46.58  ? 28  LYS A CE  1 
ATOM   1278 N NZ  . LYS E 1 23 ? -5.402  -6.981  2.459   1.00 46.58  ? 28  LYS A NZ  1 
ATOM   1279 N N   . GLY E 1 24 ? -9.666  -2.251  6.602   1.00 46.99  ? 29  GLY A N   1 
ATOM   1280 C CA  . GLY E 1 24 ? -10.662 -2.017  7.624   1.00 46.99  ? 29  GLY A CA  1 
ATOM   1281 C C   . GLY E 1 24 ? -11.005 -0.551  7.769   1.00 46.99  ? 29  GLY A C   1 
ATOM   1282 O O   . GLY E 1 24 ? -11.163 0.154   6.771   1.00 46.99  ? 29  GLY A O   1 
ATOM   1283 N N   . ALA E 1 25 ? -11.114 -0.076  9.003   1.00 43.63  ? 30  ALA A N   1 
ATOM   1284 C CA  . ALA E 1 25 ? -11.503 1.296   9.280   1.00 43.63  ? 30  ALA A CA  1 
ATOM   1285 C C   . ALA E 1 25 ? -10.411 2.001   10.069  1.00 43.63  ? 30  ALA A C   1 
ATOM   1286 O O   . ALA E 1 25 ? -9.834  1.429   10.995  1.00 43.63  ? 30  ALA A O   1 
ATOM   1287 C CB  . ALA E 1 25 ? -12.818 1.346   10.056  1.00 43.63  ? 30  ALA A CB  1 
ATOM   1288 N N   . ILE E 1 26 ? -10.131 3.245   9.695   1.00 39.82  ? 31  ILE A N   1 
ATOM   1289 C CA  . ILE E 1 26 ? -9.197  4.104   10.419  1.00 39.82  ? 31  ILE A CA  1 
ATOM   1290 C C   . ILE E 1 26 ? -9.957  5.392   10.719  1.00 39.82  ? 31  ILE A C   1 
ATOM   1291 O O   . ILE E 1 26 ? -9.986  6.317   9.905   1.00 39.82  ? 31  ILE A O   1 
ATOM   1292 C CB  . ILE E 1 26 ? -7.916  4.384   9.631   1.00 39.82  ? 31  ILE A CB  1 
ATOM   1293 C CG1 . ILE E 1 26 ? -7.245  3.075   9.229   1.00 39.82  ? 31  ILE A CG1 1 
ATOM   1294 C CG2 . ILE E 1 26 ? -6.966  5.223   10.451  1.00 39.82  ? 31  ILE A CG2 1 
ATOM   1295 C CD1 . ILE E 1 26 ? -5.904  3.257   8.581   1.00 39.82  ? 31  ILE A CD1 1 
ATOM   1296 N N   . ILE E 1 27 ? -10.579 5.458   11.891  1.00 40.63  ? 32  ILE A N   1 
ATOM   1297 C CA  . ILE E 1 27 ? -11.449 6.564   12.267  1.00 40.63  ? 32  ILE A CA  1 
ATOM   1298 C C   . ILE E 1 27 ? -10.756 7.382   13.343  1.00 40.63  ? 32  ILE A C   1 
ATOM   1299 O O   . ILE E 1 27 ? -10.190 6.823   14.288  1.00 40.63  ? 32  ILE A O   1 
ATOM   1300 C CB  . ILE E 1 27 ? -12.813 6.054   12.754  1.00 40.63  ? 32  ILE A CB  1 
ATOM   1301 C CG1 . ILE E 1 27 ? -13.426 5.137   11.702  1.00 40.63  ? 32  ILE A CG1 1 
ATOM   1302 C CG2 . ILE E 1 27 ? -13.736 7.211   13.050  1.00 40.63  ? 32  ILE A CG2 1 
ATOM   1303 C CD1 . ILE E 1 27 ? -14.630 4.393   12.179  1.00 40.63  ? 32  ILE A CD1 1 
ATOM   1304 N N   . GLY E 1 28 ? -10.798 8.701   13.200  1.00 40.37  ? 33  GLY A N   1 
ATOM   1305 C CA  . GLY E 1 28 ? -10.143 9.579   14.148  1.00 40.37  ? 33  GLY A CA  1 
ATOM   1306 C C   . GLY E 1 28 ? -10.966 9.860   15.385  1.00 40.37  ? 33  GLY A C   1 
ATOM   1307 O O   . GLY E 1 28 ? -10.507 9.632   16.506  1.00 40.37  ? 33  GLY A O   1 
ATOM   1308 N N   . LEU E 1 29 ? -12.186 10.355  15.199  1.00 46.83  ? 34  LEU A N   1 
ATOM   1309 C CA  . LEU E 1 29 ? -13.068 10.699  16.306  1.00 46.83  ? 34  LEU A CA  1 
ATOM   1310 C C   . LEU E 1 29 ? -14.475 10.267  15.933  1.00 46.83  ? 34  LEU A C   1 
ATOM   1311 O O   . LEU E 1 29 ? -15.014 10.725  14.924  1.00 46.83  ? 34  LEU A O   1 
ATOM   1312 C CB  . LEU E 1 29 ? -13.015 12.199  16.596  1.00 46.83  ? 34  LEU A CB  1 
ATOM   1313 C CG  . LEU E 1 29 ? -13.522 12.720  17.937  1.00 46.83  ? 34  LEU A CG  1 
ATOM   1314 C CD1 . LEU E 1 29 ? -12.702 13.919  18.345  1.00 46.83  ? 34  LEU A CD1 1 
ATOM   1315 C CD2 . LEU E 1 29 ? -14.973 13.099  17.852  1.00 46.83  ? 34  LEU A CD2 1 
ATOM   1316 N N   . MET E 1 30 ? -15.067 9.393   16.738  1.00 53.99  ? 35  MET A N   1 
ATOM   1317 C CA  . MET E 1 30 ? -16.349 8.773   16.422  1.00 53.99  ? 35  MET A CA  1 
ATOM   1318 C C   . MET E 1 30 ? -17.373 9.147   17.483  1.00 53.99  ? 35  MET A C   1 
ATOM   1319 O O   . MET E 1 30 ? -17.176 8.860   18.668  1.00 53.99  ? 35  MET A O   1 
ATOM   1320 C CB  . MET E 1 30 ? -16.205 7.253   16.330  1.00 53.99  ? 35  MET A CB  1 
ATOM   1321 C CG  . MET E 1 30 ? -17.468 6.534   15.920  1.00 53.99  ? 35  MET A CG  1 
ATOM   1322 S SD  . MET E 1 30 ? -17.572 6.280   14.147  1.00 53.99  ? 35  MET A SD  1 
ATOM   1323 C CE  . MET E 1 30 ? -18.956 5.161   14.060  1.00 53.99  ? 35  MET A CE  1 
ATOM   1324 N N   . VAL E 1 31 ? -18.467 9.776   17.056  1.00 56.07  ? 36  VAL A N   1 
ATOM   1325 C CA  . VAL E 1 31 ? -19.537 10.154  17.960  1.00 56.07  ? 36  VAL A CA  1 
ATOM   1326 C C   . VAL E 1 31 ? -20.838 9.417   17.660  1.00 56.07  ? 36  VAL A C   1 
ATOM   1327 O O   . VAL E 1 31 ? -21.643 9.214   18.575  1.00 56.07  ? 36  VAL A O   1 
ATOM   1328 C CB  . VAL E 1 31 ? -19.762 11.679  17.935  1.00 56.07  ? 36  VAL A CB  1 
ATOM   1329 C CG1 . VAL E 1 31 ? -20.635 12.107  19.095  1.00 56.07  ? 36  VAL A CG1 1 
ATOM   1330 C CG2 . VAL E 1 31 ? -18.444 12.405  17.977  1.00 56.07  ? 36  VAL A CG2 1 
ATOM   1331 N N   . GLY E 1 32 ? -21.068 9.013   16.420  1.00 60.30  ? 37  GLY A N   1 
ATOM   1332 C CA  . GLY E 1 32 ? -22.281 8.298   16.093  1.00 60.30  ? 37  GLY A CA  1 
ATOM   1333 C C   . GLY E 1 32 ? -22.182 7.663   14.728  1.00 60.30  ? 37  GLY A C   1 
ATOM   1334 O O   . GLY E 1 32 ? -21.111 7.610   14.124  1.00 60.30  ? 37  GLY A O   1 
ATOM   1335 N N   . GLY E 1 33 ? -23.318 7.178   14.245  1.00 60.21  ? 38  GLY A N   1 
ATOM   1336 C CA  . GLY E 1 33 ? -23.380 6.576   12.932  1.00 60.21  ? 38  GLY A CA  1 
ATOM   1337 C C   . GLY E 1 33 ? -22.902 5.139   12.922  1.00 60.21  ? 38  GLY A C   1 
ATOM   1338 O O   . GLY E 1 33 ? -22.565 4.546   13.946  1.00 60.21  ? 38  GLY A O   1 
ATOM   1339 N N   . VAL E 1 34 ? -22.877 4.567   11.722  1.00 56.87  ? 39  VAL A N   1 
ATOM   1340 C CA  . VAL E 1 34 ? -22.459 3.189   11.509  1.00 56.87  ? 39  VAL A CA  1 
ATOM   1341 C C   . VAL E 1 34 ? -21.350 3.178   10.471  1.00 56.87  ? 39  VAL A C   1 
ATOM   1342 O O   . VAL E 1 34 ? -21.458 3.845   9.436   1.00 56.87  ? 39  VAL A O   1 
ATOM   1343 C CB  . VAL E 1 34 ? -23.630 2.300   11.053  1.00 56.87  ? 39  VAL A CB  1 
ATOM   1344 C CG1 . VAL E 1 34 ? -23.200 0.850   10.995  1.00 56.87  ? 39  VAL A CG1 1 
ATOM   1345 C CG2 . VAL E 1 34 ? -24.812 2.465   11.980  1.00 56.87  ? 39  VAL A CG2 1 
ATOM   1346 N N   . VAL E 1 35 ? -20.287 2.426   10.745  1.00 57.99  ? 40  VAL A N   1 
ATOM   1347 C CA  . VAL E 1 35 ? -19.181 2.243   9.813   1.00 57.99  ? 40  VAL A CA  1 
ATOM   1348 C C   . VAL E 1 35 ? -18.940 0.749   9.665   1.00 57.99  ? 40  VAL A C   1 
ATOM   1349 O O   . VAL E 1 35 ? -18.587 0.077   10.639  1.00 57.99  ? 40  VAL A O   1 
ATOM   1350 C CB  . VAL E 1 35 ? -17.899 2.948   10.281  1.00 57.99  ? 40  VAL A CB  1 
ATOM   1351 C CG1 . VAL E 1 35 ? -16.764 2.644   9.333   1.00 57.99  ? 40  VAL A CG1 1 
ATOM   1352 C CG2 . VAL E 1 35 ? -18.121 4.438   10.368  1.00 57.99  ? 40  VAL A CG2 1 
ATOM   1353 N N   . ILE E 1 36 ? -19.124 0.234   8.456   1.00 59.12  ? 41  ILE A N   1 
ATOM   1354 C CA  . ILE E 1 36 ? -18.968 -1.185  8.173   1.00 59.12  ? 41  ILE A CA  1 
ATOM   1355 C C   . ILE E 1 36 ? -17.709 -1.365  7.341   1.00 59.12  ? 41  ILE A C   1 
ATOM   1356 O O   . ILE E 1 36 ? -17.593 -0.794  6.251   1.00 59.12  ? 41  ILE A O   1 
ATOM   1357 C CB  . ILE E 1 36 ? -20.195 -1.757  7.453   1.00 59.12  ? 41  ILE A CB  1 
ATOM   1358 C CG1 . ILE E 1 36 ? -21.432 -1.600  8.333   1.00 59.12  ? 41  ILE A CG1 1 
ATOM   1359 C CG2 . ILE E 1 36 ? -19.970 -3.214  7.109   1.00 59.12  ? 41  ILE A CG2 1 
ATOM   1360 C CD1 . ILE E 1 36 ? -22.715 -1.932  7.632   1.00 59.12  ? 41  ILE A CD1 1 
ATOM   1361 N N   . ALA E 1 37 ? -16.776 -2.160  7.858   1.00 60.93  ? 42  ALA A N   1 
ATOM   1362 C CA  . ALA E 1 37 ? -15.493 -2.424  7.210   1.00 60.93  ? 42  ALA A CA  1 
ATOM   1363 C C   . ALA E 1 37 ? -14.756 -1.132  6.891   1.00 60.93  ? 42  ALA A C   1 
ATOM   1364 O O   . ALA E 1 37 ? -14.756 -0.678  5.751   1.00 60.93  ? 42  ALA A O   1 
ATOM   1365 C CB  . ALA E 1 37 ? -15.690 -3.248  5.947   1.00 60.93  ? 42  ALA A CB  1 
ATOM   1366 N N   . HIS F 1 1  ? -23.013 21.513  15.136  1.00 83.64  ? 6   HIS B N   1 
ATOM   1367 C CA  . HIS F 1 1  ? -21.970 21.317  16.136  1.00 83.64  ? 6   HIS B CA  1 
ATOM   1368 C C   . HIS F 1 1  ? -22.333 21.970  17.457  1.00 83.64  ? 6   HIS B C   1 
ATOM   1369 O O   . HIS F 1 1  ? -23.443 21.826  17.969  1.00 83.64  ? 6   HIS B O   1 
ATOM   1370 C CB  . HIS F 1 1  ? -20.636 21.881  15.644  1.00 83.64  ? 6   HIS B CB  1 
ATOM   1371 C CG  . HIS F 1 1  ? -19.986 21.057  14.581  1.00 83.64  ? 6   HIS B CG  1 
ATOM   1372 N ND1 . HIS F 1 1  ? -18.865 21.477  13.898  1.00 83.64  ? 6   HIS B ND1 1 
ATOM   1373 C CD2 . HIS F 1 1  ? -20.297 19.839  14.082  1.00 83.64  ? 6   HIS B CD2 1 
ATOM   1374 C CE1 . HIS F 1 1  ? -18.514 20.551  13.026  1.00 83.64  ? 6   HIS B CE1 1 
ATOM   1375 N NE2 . HIS F 1 1  ? -19.367 19.547  13.117  1.00 83.64  ? 6   HIS B NE2 1 
ATOM   1376 N N   . ASP F 1 2  ? -21.366 22.702  18.000  1.00 88.38  ? 7   ASP B N   1 
ATOM   1377 C CA  . ASP F 1 2  ? -21.541 23.438  19.245  1.00 88.38  ? 7   ASP B CA  1 
ATOM   1378 C C   . ASP F 1 2  ? -22.388 24.675  18.961  1.00 88.38  ? 7   ASP B C   1 
ATOM   1379 O O   . ASP F 1 2  ? -21.892 25.799  18.856  1.00 88.38  ? 7   ASP B O   1 
ATOM   1380 C CB  . ASP F 1 2  ? -20.184 23.796  19.835  1.00 88.38  ? 7   ASP B CB  1 
ATOM   1381 C CG  . ASP F 1 2  ? -19.187 24.208  18.782  1.00 88.38  ? 7   ASP B CG  1 
ATOM   1382 O OD1 . ASP F 1 2  ? -19.557 24.220  17.595  1.00 88.38  ? 7   ASP B OD1 1 
ATOM   1383 O OD2 . ASP F 1 2  ? -18.031 24.513  19.135  1.00 88.38  ? 7   ASP B OD2 1 
ATOM   1384 N N   . SER F 1 3  ? -23.700 24.455  18.852  1.00 95.67  ? 8   SER B N   1 
ATOM   1385 C CA  . SER F 1 3  ? -24.618 25.492  18.389  1.00 95.67  ? 8   SER B CA  1 
ATOM   1386 C C   . SER F 1 3  ? -24.538 26.754  19.235  1.00 95.67  ? 8   SER B C   1 
ATOM   1387 O O   . SER F 1 3  ? -24.088 27.799  18.756  1.00 95.67  ? 8   SER B O   1 
ATOM   1388 C CB  . SER F 1 3  ? -26.056 24.966  18.376  1.00 95.67  ? 8   SER B CB  1 
ATOM   1389 O OG  . SER F 1 3  ? -26.326 24.230  17.195  1.00 95.67  ? 8   SER B OG  1 
ATOM   1390 N N   . GLY F 1 4  ? -24.953 26.655  20.492  1.00 103.59 ? 9   GLY B N   1 
ATOM   1391 C CA  . GLY F 1 4  ? -24.843 27.777  21.404  1.00 103.59 ? 9   GLY B CA  1 
ATOM   1392 C C   . GLY F 1 4  ? -25.479 29.036  20.868  1.00 103.59 ? 9   GLY B C   1 
ATOM   1393 O O   . GLY F 1 4  ? -26.500 29.001  20.180  1.00 103.59 ? 9   GLY B O   1 
ATOM   1394 N N   . TYR F 1 5  ? -24.880 30.169  21.213  1.00 111.26 ? 10  TYR B N   1 
ATOM   1395 C CA  . TYR F 1 5  ? -25.243 31.471  20.671  1.00 111.26 ? 10  TYR B CA  1 
ATOM   1396 C C   . TYR F 1 5  ? -24.113 32.106  19.885  1.00 111.26 ? 10  TYR B C   1 
ATOM   1397 O O   . TYR F 1 5  ? -24.353 32.689  18.826  1.00 111.26 ? 10  TYR B O   1 
ATOM   1398 C CB  . TYR F 1 5  ? -25.653 32.447  21.785  1.00 111.26 ? 10  TYR B CB  1 
ATOM   1399 C CG  . TYR F 1 5  ? -26.823 32.040  22.648  1.00 111.26 ? 10  TYR B CG  1 
ATOM   1400 C CD1 . TYR F 1 5  ? -27.624 30.958  22.324  1.00 111.26 ? 10  TYR B CD1 1 
ATOM   1401 C CD2 . TYR F 1 5  ? -27.137 32.766  23.784  1.00 111.26 ? 10  TYR B CD2 1 
ATOM   1402 C CE1 . TYR F 1 5  ? -28.689 30.597  23.121  1.00 111.26 ? 10  TYR B CE1 1 
ATOM   1403 C CE2 . TYR F 1 5  ? -28.199 32.421  24.578  1.00 111.26 ? 10  TYR B CE2 1 
ATOM   1404 C CZ  . TYR F 1 5  ? -28.974 31.331  24.251  1.00 111.26 ? 10  TYR B CZ  1 
ATOM   1405 N N   . GLU F 1 6  ? -22.884 32.013  20.383  1.00 94.69  ? 11  GLU B N   1 
ATOM   1406 C CA  . GLU F 1 6  ? -21.741 32.669  19.775  1.00 94.69  ? 11  GLU B CA  1 
ATOM   1407 C C   . GLU F 1 6  ? -20.602 31.677  19.627  1.00 94.69  ? 11  GLU B C   1 
ATOM   1408 O O   . GLU F 1 6  ? -20.386 30.835  20.501  1.00 94.69  ? 11  GLU B O   1 
ATOM   1409 C CB  . GLU F 1 6  ? -21.287 33.865  20.613  1.00 94.69  ? 11  GLU B CB  1 
ATOM   1410 C CG  . GLU F 1 6  ? -20.174 34.679  19.986  1.00 94.69  ? 11  GLU B CG  1 
ATOM   1411 C CD  . GLU F 1 6  ? -19.987 36.020  20.663  1.00 94.69  ? 11  GLU B CD  1 
ATOM   1412 O OE1 . GLU F 1 6  ? -18.827 36.408  20.913  1.00 94.69  ? 11  GLU B OE1 1 
ATOM   1413 O OE2 . GLU F 1 6  ? -21.004 36.687  20.949  1.00 94.69  ? 11  GLU B OE2 1 
ATOM   1414 N N   . VAL F 1 7  ? -19.883 31.776  18.512  1.00 84.24  ? 12  VAL B N   1 
ATOM   1415 C CA  . VAL F 1 7  ? -18.692 30.971  18.266  1.00 84.24  ? 12  VAL B CA  1 
ATOM   1416 C C   . VAL F 1 7  ? -17.625 31.884  17.681  1.00 84.24  ? 12  VAL B C   1 
ATOM   1417 O O   . VAL F 1 7  ? -17.821 32.468  16.611  1.00 84.24  ? 12  VAL B O   1 
ATOM   1418 C CB  . VAL F 1 7  ? -18.964 29.788  17.323  1.00 84.24  ? 12  VAL B CB  1 
ATOM   1419 C CG1 . VAL F 1 7  ? -17.662 29.162  16.882  1.00 84.24  ? 12  VAL B CG1 1 
ATOM   1420 C CG2 . VAL F 1 7  ? -19.834 28.757  18.008  1.00 84.24  ? 12  VAL B CG2 1 
ATOM   1421 N N   . HIS F 1 8  ? -16.510 32.017  18.383  1.00 83.71  ? 13  HIS B N   1 
ATOM   1422 C CA  . HIS F 1 8  ? -15.401 32.848  17.951  1.00 83.71  ? 13  HIS B CA  1 
ATOM   1423 C C   . HIS F 1 8  ? -14.511 32.055  17.003  1.00 83.71  ? 13  HIS B C   1 
ATOM   1424 O O   . HIS F 1 8  ? -14.926 31.046  16.430  1.00 83.71  ? 13  HIS B O   1 
ATOM   1425 C CB  . HIS F 1 8  ? -14.625 33.370  19.152  1.00 83.71  ? 13  HIS B CB  1 
ATOM   1426 C CG  . HIS F 1 8  ? -15.296 34.509  19.846  1.00 83.71  ? 13  HIS B CG  1 
ATOM   1427 N ND1 . HIS F 1 8  ? -14.815 35.798  19.795  1.00 83.71  ? 13  HIS B ND1 1 
ATOM   1428 C CD2 . HIS F 1 8  ? -16.417 34.554  20.602  1.00 83.71  ? 13  HIS B CD2 1 
ATOM   1429 C CE1 . HIS F 1 8  ? -15.611 36.589  20.493  1.00 83.71  ? 13  HIS B CE1 1 
ATOM   1430 N NE2 . HIS F 1 8  ? -16.590 35.858  20.994  1.00 83.71  ? 13  HIS B NE2 1 
ATOM   1431 N N   . HIS F 1 9  ? -13.288 32.538  16.806  1.00 78.44  ? 14  HIS B N   1 
ATOM   1432 C CA  . HIS F 1 9  ? -12.345 31.965  15.855  1.00 78.44  ? 14  HIS B CA  1 
ATOM   1433 C C   . HIS F 1 9  ? -12.305 30.447  15.946  1.00 78.44  ? 14  HIS B C   1 
ATOM   1434 O O   . HIS F 1 9  ? -11.902 29.884  16.966  1.00 78.44  ? 14  HIS B O   1 
ATOM   1435 C CB  . HIS F 1 9  ? -10.949 32.539  16.109  1.00 78.44  ? 14  HIS B CB  1 
ATOM   1436 C CG  . HIS F 1 9  ? -10.920 34.028  16.253  1.00 78.44  ? 14  HIS B CG  1 
ATOM   1437 N ND1 . HIS F 1 9  ? -11.595 34.697  17.251  1.00 78.44  ? 14  HIS B ND1 1 
ATOM   1438 C CD2 . HIS F 1 9  ? -10.286 34.979  15.528  1.00 78.44  ? 14  HIS B CD2 1 
ATOM   1439 C CE1 . HIS F 1 9  ? -11.384 35.995  17.131  1.00 78.44  ? 14  HIS B CE1 1 
ATOM   1440 N NE2 . HIS F 1 9  ? -10.592 36.192  16.093  1.00 78.44  ? 14  HIS B NE2 1 
ATOM   1441 N N   . GLN F 1 10 ? -12.725 29.790  14.870  1.00 60.94  ? 15  GLN B N   1 
ATOM   1442 C CA  . GLN F 1 10 ? -12.677 28.342  14.752  1.00 60.94  ? 15  GLN B CA  1 
ATOM   1443 C C   . GLN F 1 10 ? -11.932 27.988  13.478  1.00 60.94  ? 15  GLN B C   1 
ATOM   1444 O O   . GLN F 1 10 ? -12.137 28.617  12.439  1.00 60.94  ? 15  GLN B O   1 
ATOM   1445 C CB  . GLN F 1 10 ? -14.074 27.733  14.723  1.00 60.94  ? 15  GLN B CB  1 
ATOM   1446 C CG  . GLN F 1 10 ? -14.094 26.274  14.328  1.00 60.94  ? 15  GLN B CG  1 
ATOM   1447 C CD  . GLN F 1 10 ? -15.491 25.718  14.233  1.00 60.94  ? 15  GLN B CD  1 
ATOM   1448 O OE1 . GLN F 1 10 ? -16.452 26.357  14.645  1.00 60.94  ? 15  GLN B OE1 1 
ATOM   1449 N NE2 . GLN F 1 10 ? -15.612 24.519  13.686  1.00 60.94  ? 15  GLN B NE2 1 
ATOM   1450 N N   . LYS F 1 11 ? -11.065 26.984  13.560  1.00 50.88  ? 16  LYS B N   1 
ATOM   1451 C CA  . LYS F 1 11 ? -10.213 26.613  12.439  1.00 50.88  ? 16  LYS B CA  1 
ATOM   1452 C C   . LYS F 1 11 ? -10.152 25.098  12.342  1.00 50.88  ? 16  LYS B C   1 
ATOM   1453 O O   . LYS F 1 11 ? -9.689  24.436  13.273  1.00 50.88  ? 16  LYS B O   1 
ATOM   1454 C CB  . LYS F 1 11 ? -8.811  27.200  12.610  1.00 50.88  ? 16  LYS B CB  1 
ATOM   1455 C CG  . LYS F 1 11 ? -7.901  27.008  11.423  1.00 50.88  ? 16  LYS B CG  1 
ATOM   1456 C CD  . LYS F 1 11 ? -6.537  27.601  11.701  1.00 50.88  ? 16  LYS B CD  1 
ATOM   1457 C CE  . LYS F 1 11 ? -5.617  27.461  10.506  1.00 50.88  ? 16  LYS B CE  1 
ATOM   1458 N NZ  . LYS F 1 11 ? -4.238  27.910  10.832  1.00 50.88  ? 16  LYS B NZ  1 
ATOM   1459 N N   . LEU F 1 12 ? -10.622 24.552  11.227  1.00 42.40  ? 17  LEU B N   1 
ATOM   1460 C CA  . LEU F 1 12 ? -10.546 23.126  10.957  1.00 42.40  ? 17  LEU B CA  1 
ATOM   1461 C C   . LEU F 1 12 ? -9.594  22.883  9.796   1.00 42.40  ? 17  LEU B C   1 
ATOM   1462 O O   . LEU F 1 12 ? -9.542  23.676  8.854   1.00 42.40  ? 17  LEU B O   1 
ATOM   1463 C CB  . LEU F 1 12 ? -11.918 22.547  10.622  1.00 42.40  ? 17  LEU B CB  1 
ATOM   1464 C CG  . LEU F 1 12 ? -13.112 22.887  11.509  1.00 42.40  ? 17  LEU B CG  1 
ATOM   1465 C CD1 . LEU F 1 12 ? -14.250 21.936  11.219  1.00 42.40  ? 17  LEU B CD1 1 
ATOM   1466 C CD2 . LEU F 1 12 ? -12.745 22.832  12.967  1.00 42.40  ? 17  LEU B CD2 1 
ATOM   1467 N N   . VAL F 1 13 ? -8.840  21.788  9.866   1.00 37.24  ? 18  VAL B N   1 
ATOM   1468 C CA  . VAL F 1 13 ? -7.928  21.395  8.796   1.00 37.24  ? 18  VAL B CA  1 
ATOM   1469 C C   . VAL F 1 13 ? -8.049  19.892  8.597   1.00 37.24  ? 18  VAL B C   1 
ATOM   1470 O O   . VAL F 1 13 ? -7.744  19.119  9.508   1.00 37.24  ? 18  VAL B O   1 
ATOM   1471 C CB  . VAL F 1 13 ? -6.468  21.772  9.097   1.00 37.24  ? 18  VAL B CB  1 
ATOM   1472 C CG1 . VAL F 1 13 ? -5.557  21.202  8.035   1.00 37.24  ? 18  VAL B CG1 1 
ATOM   1473 C CG2 . VAL F 1 13 ? -6.308  23.272  9.173   1.00 37.24  ? 18  VAL B CG2 1 
ATOM   1474 N N   . PHE F 1 14 ? -8.493  19.479  7.415   1.00 39.08  ? 19  PHE B N   1 
ATOM   1475 C CA  . PHE F 1 14 ? -8.587  18.072  7.050   1.00 39.08  ? 19  PHE B CA  1 
ATOM   1476 C C   . PHE F 1 14 ? -7.889  17.884  5.716   1.00 39.08  ? 19  PHE B C   1 
ATOM   1477 O O   . PHE F 1 14 ? -8.102  18.680  4.798   1.00 39.08  ? 19  PHE B O   1 
ATOM   1478 C CB  . PHE F 1 14 ? -10.040 17.612  6.929   1.00 39.08  ? 19  PHE B CB  1 
ATOM   1479 C CG  . PHE F 1 14 ? -10.826 17.701  8.199   1.00 39.08  ? 19  PHE B CG  1 
ATOM   1480 C CD1 . PHE F 1 14 ? -11.264 18.918  8.677   1.00 39.08  ? 19  PHE B CD1 1 
ATOM   1481 C CD2 . PHE F 1 14 ? -11.157 16.562  8.899   1.00 39.08  ? 19  PHE B CD2 1 
ATOM   1482 C CE1 . PHE F 1 14 ? -11.997 18.996  9.836   1.00 39.08  ? 19  PHE B CE1 1 
ATOM   1483 C CE2 . PHE F 1 14 ? -11.888 16.636  10.059  1.00 39.08  ? 19  PHE B CE2 1 
ATOM   1484 C CZ  . PHE F 1 14 ? -12.308 17.855  10.527  1.00 39.08  ? 19  PHE B CZ  1 
ATOM   1485 N N   . PHE F 1 15 ? -7.066  16.845  5.596   1.00 40.35  ? 20  PHE B N   1 
ATOM   1486 C CA  . PHE F 1 15 ? -6.475  16.544  4.300   1.00 40.35  ? 20  PHE B CA  1 
ATOM   1487 C C   . PHE F 1 15 ? -5.919  15.128  4.280   1.00 40.35  ? 20  PHE B C   1 
ATOM   1488 O O   . PHE F 1 15 ? -5.803  14.466  5.307   1.00 40.35  ? 20  PHE B O   1 
ATOM   1489 C CB  . PHE F 1 15 ? -5.393  17.558  3.918   1.00 40.35  ? 20  PHE B CB  1 
ATOM   1490 C CG  . PHE F 1 15 ? -4.230  17.606  4.853   1.00 40.35  ? 20  PHE B CG  1 
ATOM   1491 C CD1 . PHE F 1 15 ? -4.275  18.382  5.990   1.00 40.35  ? 20  PHE B CD1 1 
ATOM   1492 C CD2 . PHE F 1 15 ? -3.074  16.914  4.567   1.00 40.35  ? 20  PHE B CD2 1 
ATOM   1493 C CE1 . PHE F 1 15 ? -3.199  18.442  6.839   1.00 40.35  ? 20  PHE B CE1 1 
ATOM   1494 C CE2 . PHE F 1 15 ? -1.996  16.970  5.411   1.00 40.35  ? 20  PHE B CE2 1 
ATOM   1495 C CZ  . PHE F 1 15 ? -2.056  17.735  6.548   1.00 40.35  ? 20  PHE B CZ  1 
ATOM   1496 N N   . ALA F 1 16 ? -5.598  14.670  3.072   1.00 46.32  ? 21  ALA B N   1 
ATOM   1497 C CA  . ALA F 1 16 ? -4.946  13.386  2.841   1.00 46.32  ? 21  ALA B CA  1 
ATOM   1498 C C   . ALA F 1 16 ? -3.920  13.590  1.741   1.00 46.32  ? 21  ALA B C   1 
ATOM   1499 O O   . ALA F 1 16 ? -4.281  13.996  0.635   1.00 46.32  ? 21  ALA B O   1 
ATOM   1500 C CB  . ALA F 1 16 ? -5.956  12.311  2.441   1.00 46.32  ? 21  ALA B CB  1 
ATOM   1501 N N   . GLU F 1 17 ? -2.649  13.312  2.028   1.00 54.61  ? 22  GLU B N   1 
ATOM   1502 C CA  . GLU F 1 17 ? -1.593  13.789  1.139   1.00 54.61  ? 22  GLU B CA  1 
ATOM   1503 C C   . GLU F 1 17 ? -1.170  12.777  0.078   1.00 54.61  ? 22  GLU B C   1 
ATOM   1504 O O   . GLU F 1 17 ? -1.315  13.039  -1.118  1.00 54.61  ? 22  GLU B O   1 
ATOM   1505 C CB  . GLU F 1 17 ? -0.380  14.219  1.961   1.00 54.61  ? 22  GLU B CB  1 
ATOM   1506 C CG  . GLU F 1 17 ? 0.042   15.643  1.686   1.00 54.61  ? 22  GLU B CG  1 
ATOM   1507 C CD  . GLU F 1 17 ? 1.276   16.043  2.457   1.00 54.61  ? 22  GLU B CD  1 
ATOM   1508 O OE1 . GLU F 1 17 ? 2.396   15.765  1.981   1.00 54.61  ? 22  GLU B OE1 1 
ATOM   1509 O OE2 . GLU F 1 17 ? 1.125   16.641  3.542   1.00 54.61  ? 22  GLU B OE2 1 
ATOM   1510 N N   . ASP F 1 18 ? -0.653  11.623  0.487   1.00 55.71  ? 23  ASP B N   1 
ATOM   1511 C CA  . ASP F 1 18 ? -0.024  10.688  -0.447  1.00 55.71  ? 23  ASP B CA  1 
ATOM   1512 C C   . ASP F 1 18 ? -0.768  9.360   -0.414  1.00 55.71  ? 23  ASP B C   1 
ATOM   1513 O O   . ASP F 1 18 ? -0.423  8.467   0.360   1.00 55.71  ? 23  ASP B O   1 
ATOM   1514 C CB  . ASP F 1 18 ? 1.442   10.487  -0.108  1.00 55.71  ? 23  ASP B CB  1 
ATOM   1515 C CG  . ASP F 1 18 ? 2.347   11.461  -0.819  1.00 55.71  ? 23  ASP B CG  1 
ATOM   1516 O OD1 . ASP F 1 18 ? 3.302   11.954  -0.185  1.00 55.71  ? 23  ASP B OD1 1 
ATOM   1517 O OD2 . ASP F 1 18 ? 2.116   11.727  -2.012  1.00 55.71  ? 23  ASP B OD2 1 
ATOM   1518 N N   . VAL F 1 19 ? -1.772  9.221   -1.269  1.00 50.42  ? 24  VAL B N   1 
ATOM   1519 C CA  . VAL F 1 19 ? -2.557  7.999   -1.366  1.00 50.42  ? 24  VAL B CA  1 
ATOM   1520 C C   . VAL F 1 19 ? -2.232  7.343   -2.697  1.00 50.42  ? 24  VAL B C   1 
ATOM   1521 O O   . VAL F 1 19 ? -2.445  7.937   -3.758  1.00 50.42  ? 24  VAL B O   1 
ATOM   1522 C CB  . VAL F 1 19 ? -4.059  8.279   -1.235  1.00 50.42  ? 24  VAL B CB  1 
ATOM   1523 C CG1 . VAL F 1 19 ? -4.843  6.986   -1.292  1.00 50.42  ? 24  VAL B CG1 1 
ATOM   1524 C CG2 . VAL F 1 19 ? -4.340  9.017   0.056   1.00 50.42  ? 24  VAL B CG2 1 
ATOM   1525 N N   . GLY F 1 20 ? -1.705  6.127   -2.642  1.00 46.72  ? 25  GLY B N   1 
ATOM   1526 C CA  . GLY F 1 20 ? -1.386  5.414   -3.860  1.00 46.72  ? 25  GLY B CA  1 
ATOM   1527 C C   . GLY F 1 20 ? -2.629  4.994   -4.608  1.00 46.72  ? 25  GLY B C   1 
ATOM   1528 O O   . GLY F 1 20 ? -2.912  5.503   -5.693  1.00 46.72  ? 25  GLY B O   1 
ATOM   1529 N N   . SER F 1 21 ? -3.385  4.070   -4.031  1.00 46.15  ? 26  SER B N   1 
ATOM   1530 C CA  . SER F 1 21 ? -4.644  3.625   -4.599  1.00 46.15  ? 26  SER B CA  1 
ATOM   1531 C C   . SER F 1 21 ? -5.735  3.750   -3.551  1.00 46.15  ? 26  SER B C   1 
ATOM   1532 O O   . SER F 1 21 ? -5.476  3.654   -2.350  1.00 46.15  ? 26  SER B O   1 
ATOM   1533 C CB  . SER F 1 21 ? -4.563  2.182   -5.089  1.00 46.15  ? 26  SER B CB  1 
ATOM   1534 O OG  . SER F 1 21 ? -5.855  1.623   -5.228  1.00 46.15  ? 26  SER B OG  1 
ATOM   1535 N N   . ASN F 1 22 ? -6.961  3.967   -4.013  1.00 45.90  ? 27  ASN B N   1 
ATOM   1536 C CA  . ASN F 1 22 ? -8.103  4.087   -3.121  1.00 45.90  ? 27  ASN B CA  1 
ATOM   1537 C C   . ASN F 1 22 ? -9.298  3.415   -3.768  1.00 45.90  ? 27  ASN B C   1 
ATOM   1538 O O   . ASN F 1 22 ? -9.725  3.818   -4.852  1.00 45.90  ? 27  ASN B O   1 
ATOM   1539 C CB  . ASN F 1 22 ? -8.418  5.549   -2.815  1.00 45.90  ? 27  ASN B CB  1 
ATOM   1540 C CG  . ASN F 1 22 ? -9.648  5.706   -1.953  1.00 45.90  ? 27  ASN B CG  1 
ATOM   1541 O OD1 . ASN F 1 22 ? -9.845  4.962   -0.998  1.00 45.90  ? 27  ASN B OD1 1 
ATOM   1542 N ND2 . ASN F 1 22 ? -10.489 6.667   -2.294  1.00 45.90  ? 27  ASN B ND2 1 
ATOM   1543 N N   . LYS F 1 23 ? -9.832  2.393   -3.110  1.00 47.74  ? 28  LYS B N   1 
ATOM   1544 C CA  . LYS F 1 23 ? -11.049 1.740   -3.555  1.00 47.74  ? 28  LYS B CA  1 
ATOM   1545 C C   . LYS F 1 23 ? -12.176 1.854   -2.543  1.00 47.74  ? 28  LYS B C   1 
ATOM   1546 O O   . LYS F 1 23 ? -13.263 1.322   -2.786  1.00 47.74  ? 28  LYS B O   1 
ATOM   1547 C CB  . LYS F 1 23 ? -10.783 0.262   -3.860  1.00 47.74  ? 28  LYS B CB  1 
ATOM   1548 C CG  . LYS F 1 23 ? -9.604  0.033   -4.777  1.00 47.74  ? 28  LYS B CG  1 
ATOM   1549 C CD  . LYS F 1 23 ? -9.773  -1.245  -5.564  1.00 47.74  ? 28  LYS B CD  1 
ATOM   1550 C CE  . LYS F 1 23 ? -8.534  -1.560  -6.374  1.00 47.74  ? 28  LYS B CE  1 
ATOM   1551 N NZ  . LYS F 1 23 ? -7.407  -1.987  -5.506  1.00 47.74  ? 28  LYS B NZ  1 
ATOM   1552 N N   . GLY F 1 24 ? -11.950 2.529   -1.421  1.00 48.24  ? 29  GLY B N   1 
ATOM   1553 C CA  . GLY F 1 24 ? -12.980 2.712   -0.422  1.00 48.24  ? 29  GLY B CA  1 
ATOM   1554 C C   . GLY F 1 24 ? -13.383 4.161   -0.270  1.00 48.24  ? 29  GLY B C   1 
ATOM   1555 O O   . GLY F 1 24 ? -13.543 4.872   -1.264  1.00 48.24  ? 29  GLY B O   1 
ATOM   1556 N N   . ALA F 1 25 ? -13.540 4.618   0.967   1.00 44.63  ? 30  ALA B N   1 
ATOM   1557 C CA  . ALA F 1 25 ? -13.988 5.971   1.249   1.00 44.63  ? 30  ALA B CA  1 
ATOM   1558 C C   . ALA F 1 25 ? -12.945 6.707   2.072   1.00 44.63  ? 30  ALA B C   1 
ATOM   1559 O O   . ALA F 1 25 ? -12.368 6.147   3.006   1.00 44.63  ? 30  ALA B O   1 
ATOM   1560 C CB  . ALA F 1 25 ? -15.323 5.962   1.992   1.00 44.63  ? 30  ALA B CB  1 
ATOM   1561 N N   . ILE F 1 26 ? -12.704 7.966   1.718   1.00 38.51  ? 31  ILE B N   1 
ATOM   1562 C CA  . ILE F 1 26 ? -11.821 8.851   2.475   1.00 38.51  ? 31  ILE B CA  1 
ATOM   1563 C C   . ILE F 1 26 ? -12.637 10.106  2.770   1.00 38.51  ? 31  ILE B C   1 
ATOM   1564 O O   . ILE F 1 26 ? -12.682 11.039  1.966   1.00 38.51  ? 31  ILE B O   1 
ATOM   1565 C CB  . ILE F 1 26 ? -10.532 9.190   1.722   1.00 38.51  ? 31  ILE B CB  1 
ATOM   1566 C CG1 . ILE F 1 26 ? -9.802  7.912   1.324   1.00 38.51  ? 31  ILE B CG1 1 
ATOM   1567 C CG2 . ILE F 1 26 ? -9.636  10.055  2.574   1.00 38.51  ? 31  ILE B CG2 1 
ATOM   1568 C CD1 . ILE F 1 26 ? -8.453  8.153   0.710   1.00 38.51  ? 31  ILE B CD1 1 
ATOM   1569 N N   . ILE F 1 27 ? -13.290 10.134  3.927   1.00 38.65  ? 32  ILE B N   1 
ATOM   1570 C CA  . ILE F 1 27 ? -14.211 11.201  4.293   1.00 38.65  ? 32  ILE B CA  1 
ATOM   1571 C C   . ILE F 1 27 ? -13.575 12.033  5.394   1.00 38.65  ? 32  ILE B C   1 
ATOM   1572 O O   . ILE F 1 27 ? -13.014 11.485  6.347   1.00 38.65  ? 32  ILE B O   1 
ATOM   1573 C CB  . ILE F 1 27 ? -15.566 10.634  4.741   1.00 38.65  ? 32  ILE B CB  1 
ATOM   1574 C CG1 . ILE F 1 27 ? -16.118 9.706   3.663   1.00 38.65  ? 32  ILE B CG1 1 
ATOM   1575 C CG2 . ILE F 1 27 ? -16.540 11.750  5.026   1.00 38.65  ? 32  ILE B CG2 1 
ATOM   1576 C CD1 . ILE F 1 27 ? -17.302 8.911   4.102   1.00 38.65  ? 32  ILE B CD1 1 
ATOM   1577 N N   . GLY F 1 28 ? -13.666 13.351  5.265   1.00 40.64  ? 33  GLY B N   1 
ATOM   1578 C CA  . GLY F 1 28 ? -13.068 14.241  6.238   1.00 40.64  ? 33  GLY B CA  1 
ATOM   1579 C C   . GLY F 1 28 ? -13.932 14.476  7.458   1.00 40.64  ? 33  GLY B C   1 
ATOM   1580 O O   . GLY F 1 28 ? -13.492 14.254  8.586   1.00 40.64  ? 33  GLY B O   1 
ATOM   1581 N N   . LEU F 1 29 ? -15.165 14.927  7.246   1.00 45.27  ? 34  LEU B N   1 
ATOM   1582 C CA  . LEU F 1 29 ? -16.087 15.224  8.335   1.00 45.27  ? 34  LEU B CA  1 
ATOM   1583 C C   . LEU F 1 29 ? -17.466 14.743  7.923   1.00 45.27  ? 34  LEU B C   1 
ATOM   1584 O O   . LEU F 1 29 ? -17.997 15.192  6.904   1.00 45.27  ? 34  LEU B O   1 
ATOM   1585 C CB  . LEU F 1 29 ? -16.098 16.721  8.641   1.00 45.27  ? 34  LEU B CB  1 
ATOM   1586 C CG  . LEU F 1 29 ? -16.658 17.207  9.975   1.00 45.27  ? 34  LEU B CG  1 
ATOM   1587 C CD1 . LEU F 1 29 ? -15.896 18.430  10.416  1.00 45.27  ? 34  LEU B CD1 1 
ATOM   1588 C CD2 . LEU F 1 29 ? -18.120 17.531  9.857   1.00 45.27  ? 34  LEU B CD2 1 
ATOM   1589 N N   . MET F 1 30 ? -18.044 13.837  8.704   1.00 55.40  ? 35  MET B N   1 
ATOM   1590 C CA  . MET F 1 30 ? -19.292 13.172  8.348   1.00 55.40  ? 35  MET B CA  1 
ATOM   1591 C C   . MET F 1 30 ? -20.356 13.494  9.386   1.00 55.40  ? 35  MET B C   1 
ATOM   1592 O O   . MET F 1 30 ? -20.178 13.201  10.572  1.00 55.40  ? 35  MET B O   1 
ATOM   1593 C CB  . MET F 1 30 ? -19.087 11.662  8.243   1.00 55.40  ? 35  MET B CB  1 
ATOM   1594 C CG  . MET F 1 30 ? -20.312 10.898  7.794   1.00 55.40  ? 35  MET B CG  1 
ATOM   1595 S SD  . MET F 1 30 ? -20.362 10.662  6.016   1.00 55.40  ? 35  MET B SD  1 
ATOM   1596 C CE  . MET F 1 30 ? -21.700 9.491   5.882   1.00 55.40  ? 35  MET B CE  1 
ATOM   1597 N N   . VAL F 1 31 ? -21.462 14.086  8.939   1.00 57.00  ? 36  VAL B N   1 
ATOM   1598 C CA  . VAL F 1 31 ? -22.569 14.412  9.821   1.00 57.00  ? 36  VAL B CA  1 
ATOM   1599 C C   . VAL F 1 31 ? -23.833 13.630  9.480   1.00 57.00  ? 36  VAL B C   1 
ATOM   1600 O O   . VAL F 1 31 ? -24.651 13.385  10.373  1.00 57.00  ? 36  VAL B O   1 
ATOM   1601 C CB  . VAL F 1 31 ? -22.851 15.928  9.806   1.00 57.00  ? 36  VAL B CB  1 
ATOM   1602 C CG1 . VAL F 1 31 ? -23.768 16.308  10.948  1.00 57.00  ? 36  VAL B CG1 1 
ATOM   1603 C CG2 . VAL F 1 31 ? -21.563 16.704  9.890   1.00 57.00  ? 36  VAL B CG2 1 
ATOM   1604 N N   . GLY F 1 32 ? -24.016 13.231  8.230   1.00 59.51  ? 37  GLY B N   1 
ATOM   1605 C CA  . GLY F 1 32 ? -25.193 12.475  7.866   1.00 59.51  ? 37  GLY B CA  1 
ATOM   1606 C C   . GLY F 1 32 ? -25.034 11.860  6.497   1.00 59.51  ? 37  GLY B C   1 
ATOM   1607 O O   . GLY F 1 32 ? -23.948 11.855  5.919   1.00 59.51  ? 37  GLY B O   1 
ATOM   1608 N N   . GLY F 1 33 ? -26.140 11.338  5.980   1.00 60.48  ? 38  GLY B N   1 
ATOM   1609 C CA  . GLY F 1 33 ? -26.146 10.750  4.659   1.00 60.48  ? 38  GLY B CA  1 
ATOM   1610 C C   . GLY F 1 33 ? -25.613 9.332   4.647   1.00 60.48  ? 38  GLY B C   1 
ATOM   1611 O O   . GLY F 1 33 ? -25.278 8.741   5.672   1.00 60.48  ? 38  GLY B O   1 
ATOM   1612 N N   . VAL F 1 34 ? -25.537 8.776   3.441   1.00 57.85  ? 39  VAL B N   1 
ATOM   1613 C CA  . VAL F 1 34 ? -25.060 7.417   3.224   1.00 57.85  ? 39  VAL B CA  1 
ATOM   1614 C C   . VAL F 1 34 ? -23.927 7.461   2.213   1.00 57.85  ? 39  VAL B C   1 
ATOM   1615 O O   . VAL F 1 34 ? -24.035 8.135   1.183   1.00 57.85  ? 39  VAL B O   1 
ATOM   1616 C CB  . VAL F 1 34 ? -26.185 6.490   2.728   1.00 57.85  ? 39  VAL B CB  1 
ATOM   1617 C CG1 . VAL F 1 34 ? -25.698 5.059   2.666   1.00 57.85  ? 39  VAL B CG1 1 
ATOM   1618 C CG2 . VAL F 1 34 ? -27.395 6.600   3.628   1.00 57.85  ? 39  VAL B CG2 1 
ATOM   1619 N N   . VAL F 1 35 ? -22.843 6.747   2.505   1.00 58.29  ? 40  VAL B N   1 
ATOM   1620 C CA  . VAL F 1 35 ? -21.707 6.617   1.600   1.00 58.29  ? 40  VAL B CA  1 
ATOM   1621 C C   . VAL F 1 35 ? -21.406 5.136   1.442   1.00 58.29  ? 40  VAL B C   1 
ATOM   1622 O O   . VAL F 1 35 ? -21.052 4.466   2.418   1.00 58.29  ? 40  VAL B O   1 
ATOM   1623 C CB  . VAL F 1 35 ? -20.466 7.365   2.108   1.00 58.29  ? 40  VAL B CB  1 
ATOM   1624 C CG1 . VAL F 1 35 ? -19.297 7.116   1.185   1.00 58.29  ? 40  VAL B CG1 1 
ATOM   1625 C CG2 . VAL F 1 35 ? -20.748 8.845   2.205   1.00 58.29  ? 40  VAL B CG2 1 
ATOM   1626 N N   . ILE F 1 36 ? -21.541 4.628   0.223   1.00 58.76  ? 41  ILE B N   1 
ATOM   1627 C CA  . ILE F 1 36 ? -21.322 3.219   -0.071  1.00 58.76  ? 41  ILE B CA  1 
ATOM   1628 C C   . ILE F 1 36 ? -20.039 3.098   -0.873  1.00 58.76  ? 41  ILE B C   1 
ATOM   1629 O O   . ILE F 1 36 ? -19.917 3.685   -1.954  1.00 58.76  ? 41  ILE B O   1 
ATOM   1630 C CB  . ILE F 1 36 ? -22.508 2.609   -0.827  1.00 58.76  ? 41  ILE B CB  1 
ATOM   1631 C CG1 . ILE F 1 36 ? -23.773 2.709   0.022   1.00 58.76  ? 41  ILE B CG1 1 
ATOM   1632 C CG2 . ILE F 1 36 ? -22.219 1.166   -1.182  1.00 58.76  ? 41  ILE B CG2 1 
ATOM   1633 C CD1 . ILE F 1 36 ? -25.024 2.336   -0.713  1.00 58.76  ? 41  ILE B CD1 1 
ATOM   1634 N N   . ALA F 1 37 ? -19.088 2.333   -0.342  1.00 58.65  ? 42  ALA B N   1 
ATOM   1635 C CA  . ALA F 1 37 ? -17.780 2.126   -0.961  1.00 58.65  ? 42  ALA B CA  1 
ATOM   1636 C C   . ALA F 1 37 ? -17.085 3.448   -1.247  1.00 58.65  ? 42  ALA B C   1 
ATOM   1637 O O   . ALA F 1 37 ? -17.075 3.916   -2.382  1.00 58.65  ? 42  ALA B O   1 
ATOM   1638 C CB  . ALA F 1 37 ? -17.914 1.309   -2.237  1.00 58.65  ? 42  ALA B CB  1 
HETATM 1639 O O4  . X6X G 2 .  ? 30.912  -35.734 -23.746 1.00 130.72 ? 1   X6X G O4  1 
HETATM 1640 C C4  . X6X G 2 .  ? 30.831  -34.919 -24.920 1.00 130.72 ? 1   X6X G C4  1 
HETATM 1641 C C3  . X6X G 2 .  ? 31.493  -33.626 -24.644 1.00 130.72 ? 1   X6X G C3  1 
HETATM 1642 O O3  . X6X G 2 .  ? 32.829  -33.900 -23.997 1.00 130.72 ? 1   X6X G O3  1 
HETATM 1643 C C2  . X6X G 2 .  ? 30.709  -32.691 -23.770 1.00 130.72 ? 1   X6X G C2  1 
HETATM 1644 N N2  . X6X G 2 .  ? 31.235  -31.319 -23.974 1.00 130.72 ? 1   X6X G N2  1 
HETATM 1645 C C1  . X6X G 2 .  ? 29.193  -32.684 -24.041 1.00 130.72 ? 1   X6X G C1  1 
HETATM 1646 O O1  . X6X G 2 .  ? 28.908  -31.961 -25.171 1.00 130.72 ? 1   X6X G O1  1 
HETATM 1647 O O5  . X6X G 2 .  ? 28.648  -34.042 -24.206 1.00 130.72 ? 1   X6X G O5  1 
HETATM 1648 C C5  . X6X G 2 .  ? 29.350  -34.762 -25.285 1.00 130.72 ? 1   X6X G C5  1 
HETATM 1649 C C6  . X6X G 2 .  ? 28.725  -36.109 -25.456 1.00 130.72 ? 1   X6X G C6  1 
HETATM 1650 O O6  . X6X G 2 .  ? 27.355  -35.987 -25.193 1.00 130.72 ? 1   X6X G O6  1 
HETATM 1651 C C1  . GAL G 2 .  ? 33.715  -34.425 -24.950 1.00 130.72 ? 2   GAL G C1  1 
HETATM 1652 C C2  . GAL G 2 .  ? 35.084  -33.787 -24.808 1.00 130.72 ? 2   GAL G C2  1 
HETATM 1653 C C3  . GAL G 2 .  ? 36.040  -34.310 -25.859 1.00 130.72 ? 2   GAL G C3  1 
HETATM 1654 C C4  . GAL G 2 .  ? 36.071  -35.787 -25.981 1.00 130.72 ? 2   GAL G C4  1 
HETATM 1655 C C5  . GAL G 2 .  ? 34.701  -36.459 -25.887 1.00 130.72 ? 2   GAL G C5  1 
HETATM 1656 C C6  . GAL G 2 .  ? 34.892  -37.907 -25.635 1.00 130.72 ? 2   GAL G C6  1 
HETATM 1657 O O2  . GAL G 2 .  ? 34.953  -32.361 -24.963 1.00 130.72 ? 2   GAL G O2  1 
HETATM 1658 O O3  . GAL G 2 .  ? 37.393  -33.834 -25.544 1.00 130.72 ? 2   GAL G O3  1 
HETATM 1659 O O4  . GAL G 2 .  ? 36.944  -36.327 -24.954 1.00 130.72 ? 2   GAL G O4  1 
HETATM 1660 O O5  . GAL G 2 .  ? 33.832  -35.882 -24.797 1.00 130.72 ? 2   GAL G O5  1 
HETATM 1661 O O6  . GAL G 2 .  ? 35.572  -38.480 -26.755 1.00 130.72 ? 2   GAL G O6  1 
HETATM 1662 O O4  . X6X H 2 .  ? 31.032  -38.990 -20.081 1.00 132.07 ? 1   X6X H O4  1 
HETATM 1663 C C4  . X6X H 2 .  ? 30.951  -38.177 -21.258 1.00 132.07 ? 1   X6X H C4  1 
HETATM 1664 C C3  . X6X H 2 .  ? 31.640  -36.896 -20.997 1.00 132.07 ? 1   X6X H C3  1 
HETATM 1665 O O3  . X6X H 2 .  ? 32.980  -37.193 -20.366 1.00 132.07 ? 1   X6X H O3  1 
HETATM 1666 C C2  . X6X H 2 .  ? 30.886  -35.943 -20.116 1.00 132.07 ? 1   X6X H C2  1 
HETATM 1667 N N2  . X6X H 2 .  ? 31.433  -34.582 -20.333 1.00 132.07 ? 1   X6X H N2  1 
HETATM 1668 C C1  . X6X H 2 .  ? 29.366  -35.910 -20.368 1.00 132.07 ? 1   X6X H C1  1 
HETATM 1669 O O1  . X6X H 2 .  ? 29.080  -35.186 -21.497 1.00 132.07 ? 1   X6X H O1  1 
HETATM 1670 O O5  . X6X H 2 .  ? 28.794  -37.259 -20.520 1.00 132.07 ? 1   X6X H O5  1 
HETATM 1671 C C5  . X6X H 2 .  ? 29.469  -37.996 -21.604 1.00 132.07 ? 1   X6X H C5  1 
HETATM 1672 C C6  . X6X H 2 .  ? 28.817  -39.333 -21.762 1.00 132.07 ? 1   X6X H C6  1 
HETATM 1673 O O6  . X6X H 2 .  ? 27.453  -39.184 -21.482 1.00 132.07 ? 1   X6X H O6  1 
HETATM 1674 C C1  . GAL H 2 .  ? 33.843  -37.737 -21.329 1.00 132.07 ? 2   GAL H C1  1 
HETATM 1675 C C2  . GAL H 2 .  ? 35.225  -37.124 -21.207 1.00 132.07 ? 2   GAL H C2  1 
HETATM 1676 C C3  . GAL H 2 .  ? 36.158  -37.668 -22.268 1.00 132.07 ? 2   GAL H C3  1 
HETATM 1677 C C4  . GAL H 2 .  ? 36.160  -39.147 -22.385 1.00 132.07 ? 2   GAL H C4  1 
HETATM 1678 C C5  . GAL H 2 .  ? 34.780  -39.793 -22.269 1.00 132.07 ? 2   GAL H C5  1 
HETATM 1679 C C6  . GAL H 2 .  ? 34.946  -41.243 -22.013 1.00 132.07 ? 2   GAL H C6  1 
HETATM 1680 O O2  . GAL H 2 .  ? 35.117  -35.697 -21.367 1.00 132.07 ? 2   GAL H O2  1 
HETATM 1681 O O3  . GAL H 2 .  ? 37.523  -37.217 -21.974 1.00 132.07 ? 2   GAL H O3  1 
HETATM 1682 O O4  . GAL H 2 .  ? 37.037  -39.699 -21.366 1.00 132.07 ? 2   GAL H O4  1 
HETATM 1683 O O5  . GAL H 2 .  ? 33.935  -39.195 -21.171 1.00 132.07 ? 2   GAL H O5  1 
HETATM 1684 O O6  . GAL H 2 .  ? 35.602  -41.833 -23.140 1.00 132.07 ? 2   GAL H O6  1 
HETATM 1685 O O4  . X6X I 2 .  ? 30.773  -32.391 -27.424 1.00 130.90 ? 1   X6X I O4  1 
HETATM 1686 C C4  . X6X I 2 .  ? 30.691  -31.569 -28.594 1.00 130.90 ? 1   X6X I C4  1 
HETATM 1687 C C3  . X6X I 2 .  ? 31.325  -30.265 -28.303 1.00 130.90 ? 1   X6X I C3  1 
HETATM 1688 O O3  . X6X I 2 .  ? 32.658  -30.519 -27.639 1.00 130.90 ? 1   X6X I O3  1 
HETATM 1689 C C2  . X6X I 2 .  ? 30.512  -29.351 -27.433 1.00 130.90 ? 1   X6X I C2  1 
HETATM 1690 N N2  . X6X I 2 .  ? 31.014  -27.968 -27.621 1.00 130.90 ? 1   X6X I N2  1 
HETATM 1691 C C1  . X6X I 2 .  ? 29.000  -29.372 -27.724 1.00 130.90 ? 1   X6X I C1  1 
HETATM 1692 O O1  . X6X I 2 .  ? 28.715  -28.648 -28.853 1.00 130.90 ? 1   X6X I O1  1 
HETATM 1693 O O5  . X6X I 2 .  ? 28.482  -30.740 -27.904 1.00 130.90 ? 1   X6X I O5  1 
HETATM 1694 C C5  . X6X I 2 .  ? 29.213  -31.439 -28.978 1.00 130.90 ? 1   X6X I C5  1 
HETATM 1695 C C6  . X6X I 2 .  ? 28.616  -32.797 -29.166 1.00 130.90 ? 1   X6X I C6  1 
HETATM 1696 O O6  . X6X I 2 .  ? 27.241  -32.703 -28.920 1.00 130.90 ? 1   X6X I O6  1 
HETATM 1697 C C1  . GAL I 2 .  ? 33.565  -31.020 -28.584 1.00 130.90 ? 2   GAL I C1  1 
HETATM 1698 C C2  . GAL I 2 .  ? 34.920  -30.356 -28.420 1.00 130.90 ? 2   GAL I C2  1 
HETATM 1699 C C3  . GAL I 2 .  ? 35.900  -30.854 -29.461 1.00 130.90 ? 2   GAL I C3  1 
HETATM 1700 C C4  . GAL I 2 .  ? 35.960  -32.330 -29.592 1.00 130.90 ? 2   GAL I C4  1 
HETATM 1701 C C5  . GAL I 2 .  ? 34.604  -33.029 -29.520 1.00 130.90 ? 2   GAL I C5  1 
HETATM 1702 C C6  . GAL I 2 .  ? 34.817  -34.474 -29.274 1.00 130.90 ? 2   GAL I C6  1 
HETATM 1703 O O2  . GAL I 2 .  ? 34.762  -28.932 -28.568 1.00 130.90 ? 2   GAL I O2  1 
HETATM 1704 O O3  . GAL I 2 .  ? 37.239  -30.355 -29.126 1.00 130.90 ? 2   GAL I O3  1 
HETATM 1705 O O4  . GAL I 2 .  ? 36.831  -32.860 -28.557 1.00 130.90 ? 2   GAL I O4  1 
HETATM 1706 O O5  . GAL I 2 .  ? 33.709  -32.474 -28.439 1.00 130.90 ? 2   GAL I O5  1 
HETATM 1707 O O6  . GAL I 2 .  ? 35.524  -35.028 -30.389 1.00 130.90 ? 2   GAL I O6  1 
HETATM 1708 O O4  . X6X J 2 .  ? -28.355 28.867  33.623  1.00 130.09 ? 1   X6X J O4  1 
HETATM 1709 C C4  . X6X J 2 .  ? -28.925 29.576  32.518  1.00 130.09 ? 1   X6X J C4  1 
HETATM 1710 C C3  . X6X J 2 .  ? -29.724 28.630  31.710  1.00 130.09 ? 1   X6X J C3  1 
HETATM 1711 O O3  . X6X J 2 .  ? -30.605 27.832  32.641  1.00 130.09 ? 1   X6X J O3  1 
HETATM 1712 C C2  . X6X J 2 .  ? -28.918 27.686  30.867  1.00 130.09 ? 1   X6X J C2  1 
HETATM 1713 N N2  . X6X J 2 .  ? -29.796 27.161  29.793  1.00 130.09 ? 1   X6X J N2  1 
HETATM 1714 C C1  . X6X J 2 .  ? -27.669 28.315  30.222  1.00 130.09 ? 1   X6X J C1  1 
HETATM 1715 O O1  . X6X J 2 .  ? -28.020 29.077  29.136  1.00 130.09 ? 1   X6X J O1  1 
HETATM 1716 O O5  . X6X J 2 .  ? -26.917 29.161  31.164  1.00 130.09 ? 1   X6X J O5  1 
HETATM 1717 C C5  . X6X J 2 .  ? -27.781 30.216  31.726  1.00 130.09 ? 1   X6X J C5  1 
HETATM 1718 C C6  . X6X J 2 .  ? -26.962 31.085  32.627  1.00 130.09 ? 1   X6X J C6  1 
HETATM 1719 O O6  . X6X J 2 .  ? -25.668 31.161  32.096  1.00 130.09 ? 1   X6X J O6  1 
HETATM 1720 C C1  . GAL J 2 .  ? -31.631 28.649  33.135  1.00 130.09 ? 2   GAL J C1  1 
HETATM 1721 C C2  . GAL J 2 .  ? -32.954 27.905  33.122  1.00 130.09 ? 2   GAL J C2  1 
HETATM 1722 C C3  . GAL J 2 .  ? -34.081 28.789  33.612  1.00 130.09 ? 2   GAL J C3  1 
HETATM 1723 C C4  . GAL J 2 .  ? -33.798 29.497  34.884  1.00 130.09 ? 2   GAL J C4  1 
HETATM 1724 C C5  . GAL J 2 .  ? -32.377 30.048  35.000  1.00 130.09 ? 2   GAL J C5  1 
HETATM 1725 C C6  . GAL J 2 .  ? -32.101 30.376  36.418  1.00 130.09 ? 2   GAL J C6  1 
HETATM 1726 O O2  . GAL J 2 .  ? -33.239 27.487  31.774  1.00 130.09 ? 2   GAL J O2  1 
HETATM 1727 O O3  . GAL J 2 .  ? -35.283 27.965  33.788  1.00 130.09 ? 2   GAL J O3  1 
HETATM 1728 O O4  . GAL J 2 .  ? -34.056 28.595  35.993  1.00 130.09 ? 2   GAL J O4  1 
HETATM 1729 O O5  . GAL J 2 .  ? -31.326 29.086  34.505  1.00 130.09 ? 2   GAL J O5  1 
HETATM 1730 O O6  . GAL J 2 .  ? -32.996 31.413  36.830  1.00 130.09 ? 2   GAL J O6  1 
HETATM 1731 O O4  . X6X K 2 .  ? -26.282 26.979  37.646  1.00 132.28 ? 1   X6X K O4  1 
HETATM 1732 C C4  . X6X K 2 .  ? -26.853 27.692  36.543  1.00 132.28 ? 1   X6X K C4  1 
HETATM 1733 C C3  . X6X K 2 .  ? -27.678 26.757  35.750  1.00 132.28 ? 1   X6X K C3  1 
HETATM 1734 O O3  . X6X K 2 .  ? -28.562 25.980  36.697  1.00 132.28 ? 1   X6X K O3  1 
HETATM 1735 C C2  . X6X K 2 .  ? -26.900 25.792  34.904  1.00 132.28 ? 1   X6X K C2  1 
HETATM 1736 N N2  . X6X K 2 .  ? -27.800 25.278  33.844  1.00 132.28 ? 1   X6X K N2  1 
HETATM 1737 C C1  . X6X K 2 .  ? -25.647 26.393  34.240  1.00 132.28 ? 1   X6X K C1  1 
HETATM 1738 O O1  . X6X K 2 .  ? -25.996 27.155  33.154  1.00 132.28 ? 1   X6X K O1  1 
HETATM 1739 O O5  . X6X K 2 .  ? -24.868 27.231  35.168  1.00 132.28 ? 1   X6X K O5  1 
HETATM 1740 C C5  . X6X K 2 .  ? -25.706 28.306  35.733  1.00 132.28 ? 1   X6X K C5  1 
HETATM 1741 C C6  . X6X K 2 .  ? -24.861 29.164  36.620  1.00 132.28 ? 1   X6X K C6  1 
HETATM 1742 O O6  . X6X K 2 .  ? -23.572 29.213  36.072  1.00 132.28 ? 1   X6X K O6  1 
HETATM 1743 C C1  . GAL K 2 .  ? -29.568 26.820  37.198  1.00 132.28 ? 2   GAL K C1  1 
HETATM 1744 C C2  . GAL K 2 .  ? -30.904 26.100  37.205  1.00 132.28 ? 2   GAL K C2  1 
HETATM 1745 C C3  . GAL K 2 .  ? -32.008 27.009  37.702  1.00 132.28 ? 2   GAL K C3  1 
HETATM 1746 C C4  . GAL K 2 .  ? -31.697 27.719  38.966  1.00 132.28 ? 2   GAL K C4  1 
HETATM 1747 C C5  . GAL K 2 .  ? -30.265 28.244  39.061  1.00 132.28 ? 2   GAL K C5  1 
HETATM 1748 C C6  . GAL K 2 .  ? -29.966 28.576  40.474  1.00 132.28 ? 2   GAL K C6  1 
HETATM 1749 O O2  . GAL K 2 .  ? -31.214 25.680  35.862  1.00 132.28 ? 2   GAL K O2  1 
HETATM 1750 O O3  . GAL K 2 .  ? -33.224 26.210  37.898  1.00 132.28 ? 2   GAL K O3  1 
HETATM 1751 O O4  . GAL K 2 .  ? -31.960 26.830  40.084  1.00 132.28 ? 2   GAL K O4  1 
HETATM 1752 O O5  . GAL K 2 .  ? -29.238 27.259  38.561  1.00 132.28 ? 2   GAL K O5  1 
HETATM 1753 O O6  . GAL K 2 .  ? -30.837 29.632  40.890  1.00 132.28 ? 2   GAL K O6  1 
HETATM 1754 O O4  . X6X L 2 .  ? -30.438 30.736  29.512  1.00 127.98 ? 1   X6X L O4  1 
HETATM 1755 C C4  . X6X L 2 .  ? -31.008 31.439  28.403  1.00 127.98 ? 1   X6X L C4  1 
HETATM 1756 C C3  . X6X L 2 .  ? -31.777 30.482  27.579  1.00 127.98 ? 1   X6X L C3  1 
HETATM 1757 O O3  . X6X L 2 .  ? -32.653 29.661  28.495  1.00 127.98 ? 1   X6X L O3  1 
HETATM 1758 C C2  . X6X L 2 .  ? -30.942 29.557  26.744  1.00 127.98 ? 1   X6X L C2  1 
HETATM 1759 N N2  . X6X L 2 .  ? -31.794 29.021  25.655  1.00 127.98 ? 1   X6X L N2  1 
HETATM 1760 C C1  . X6X L 2 .  ? -29.697 30.215  26.118  1.00 127.98 ? 1   X6X L C1  1 
HETATM 1761 O O1  . X6X L 2 .  ? -30.048 30.975  25.031  1.00 127.98 ? 1   X6X L O1  1 
HETATM 1762 O O5  . X6X L 2 .  ? -28.974 31.070  27.074  1.00 127.98 ? 1   X6X L O5  1 
HETATM 1763 C C5  . X6X L 2 .  ? -29.865 32.106  27.628  1.00 127.98 ? 1   X6X L C5  1 
HETATM 1764 C C6  . X6X L 2 .  ? -29.076 32.985  28.545  1.00 127.98 ? 1   X6X L C6  1 
HETATM 1765 O O6  . X6X L 2 .  ? -27.778 33.090  28.031  1.00 127.98 ? 1   X6X L O6  1 
HETATM 1766 C C1  . GAL L 2 .  ? -33.703 30.456  28.980  1.00 127.98 ? 2   GAL L C1  1 
HETATM 1767 C C2  . GAL L 2 .  ? -35.010 29.686  28.946  1.00 127.98 ? 2   GAL L C2  1 
HETATM 1768 C C3  . GAL L 2 .  ? -36.160 30.546  29.426  1.00 127.98 ? 2   GAL L C3  1 
HETATM 1769 C C4  . GAL L 2 .  ? -35.908 31.253  30.704  1.00 127.98 ? 2   GAL L C4  1 
HETATM 1770 C C5  . GAL L 2 .  ? -34.501 31.831  30.841  1.00 127.98 ? 2   GAL L C5  1 
HETATM 1771 C C6  . GAL L 2 .  ? -34.249 32.157  32.265  1.00 127.98 ? 2   GAL L C6  1 
HETATM 1772 O O2  . GAL L 2 .  ? -35.270 29.270  27.592  1.00 127.98 ? 2   GAL L O2  1 
HETATM 1773 O O3  . GAL L 2 .  ? -37.349 29.698  29.581  1.00 127.98 ? 2   GAL L O3  1 
HETATM 1774 O O4  . GAL L 2 .  ? -36.164 30.341  31.806  1.00 127.98 ? 2   GAL L O4  1 
HETATM 1775 O O5  . GAL L 2 .  ? -33.424 30.892  30.356  1.00 127.98 ? 2   GAL L O5  1 
HETATM 1776 O O6  . GAL L 2 .  ? -35.170 33.174  32.669  1.00 127.98 ? 2   GAL L O6  1 
HETATM 1777 C C   . ACY M 3 .  ? 30.973  -30.260 -23.010 1.00 130.72 ? 101 ACY E C   1 
HETATM 1778 O O   . ACY M 3 .  ? 30.320  -30.478 -22.025 1.00 130.72 ? 101 ACY E O   1 
HETATM 1779 C CH3 . ACY M 3 .  ? 31.535  -28.855 -23.253 1.00 130.72 ? 101 ACY E CH3 1 
HETATM 1780 C C   . ACY N 3 .  ? 31.203  -33.514 -19.371 1.00 132.07 ? 101 ACY C C   1 
HETATM 1781 O O   . ACY N 3 .  ? 30.560  -33.716 -18.376 1.00 132.07 ? 101 ACY C O   1 
HETATM 1782 C CH3 . ACY N 3 .  ? 31.788  -32.120 -19.628 1.00 132.07 ? 101 ACY C CH3 1 
HETATM 1783 C C   . ACY O 3 .  ? 30.718  -26.920 -26.654 1.00 130.90 ? 101 ACY D C   1 
HETATM 1784 O O   . ACY O 3 .  ? 30.057  -27.158 -25.679 1.00 130.90 ? 101 ACY D O   1 
HETATM 1785 C CH3 . ACY O 3 .  ? 31.256  -25.504 -26.883 1.00 130.90 ? 101 ACY D CH3 1 
HETATM 1786 C C   . ACY P 3 .  ? -29.452 25.951  29.061  1.00 130.09 ? 101 ACY F C   1 
HETATM 1787 O O   . ACY P 3 .  ? -28.441 25.351  29.313  1.00 130.09 ? 101 ACY F O   1 
HETATM 1788 C CH3 . ACY P 3 .  ? -30.385 25.438  27.959  1.00 130.09 ? 101 ACY F CH3 1 
HETATM 1789 C C   . ACY Q 3 .  ? -27.487 24.057  33.116  1.00 132.28 ? 101 ACY A C   1 
HETATM 1790 O O   . ACY Q 3 .  ? -26.485 23.439  33.360  1.00 132.28 ? 101 ACY A O   1 
HETATM 1791 C CH3 . ACY Q 3 .  ? -28.443 23.554  32.028  1.00 132.28 ? 101 ACY A CH3 1 
HETATM 1792 C C   . ACY R 3 .  ? -31.418 27.823  24.921  1.00 127.98 ? 101 ACY B C   1 
HETATM 1793 O O   . ACY R 3 .  ? -30.399 27.240  25.184  1.00 127.98 ? 101 ACY B O   1 
HETATM 1794 C CH3 . ACY R 3 .  ? -32.326 27.296  23.805  1.00 127.98 ? 101 ACY B CH3 1 
# 
